data_6XP2
#
_entry.id   6XP2
#
_cell.length_a   163.157
_cell.length_b   88.000
_cell.length_c   115.789
_cell.angle_alpha   90.000
_cell.angle_beta   90.000
_cell.angle_gamma   90.000
#
_symmetry.space_group_name_H-M   'P 21 21 2'
#
loop_
_entity.id
_entity.type
_entity.pdbx_description
1 polymer 'Pyrroline-5-carboxylate reductase 1, mitochondrial'
2 non-polymer THIOPROLINE
3 non-polymer 'SULFATE ION'
4 water water
#
_entity_poly.entity_id   1
_entity_poly.type   'polypeptide(L)'
_entity_poly.pdbx_seq_one_letter_code
;MHHHHHHSSGVDLGTENLYFQSMSVGFIGAGQLAFALAKGFTAAGVLAAHKIMASSPDMDLATVSALRKMGVKLTPHNKE
TVQHSDVLFLAVKPHIIPFILDEIGADIEDRHIVVSCAAGVTISSIEKKLSAFRPAPRVIRCMTNTPVVVREGATVYATG
THAQVEDGRLMEQLLSSVGFCTEVEEDLIDAVTGLSGSGPAYAFTALDALADGGVKMGLPRRLAVRLGAQALLGAAKMLL
HSEQHPGQLKDNVSSPGGATIHALHVLESGGFRSLLINAVEASCIRTRELQSMADQEQVSPAAIKKTILDKVKLDSPAGT
AL
;
_entity_poly.pdbx_strand_id   A,B,C,D,E
#
loop_
_chem_comp.id
_chem_comp.type
_chem_comp.name
_chem_comp.formula
SO4 non-polymer 'SULFATE ION' 'O4 S -2'
#
# COMPACT_ATOMS: atom_id res chain seq x y z
N MET A 23 -27.93 11.34 42.37
CA MET A 23 -27.68 12.66 41.78
C MET A 23 -28.82 13.08 40.84
N SER A 24 -28.65 14.23 40.19
CA SER A 24 -29.64 14.81 39.29
C SER A 24 -28.96 15.21 37.99
N VAL A 25 -29.72 15.12 36.89
CA VAL A 25 -29.19 15.36 35.56
C VAL A 25 -30.19 16.22 34.78
N GLY A 26 -29.68 17.12 33.95
CA GLY A 26 -30.52 17.96 33.13
C GLY A 26 -30.04 18.05 31.70
N PHE A 27 -30.98 18.40 30.81
CA PHE A 27 -30.69 18.53 29.40
C PHE A 27 -31.15 19.88 28.89
N ILE A 28 -30.34 20.50 28.05
CA ILE A 28 -30.66 21.80 27.48
C ILE A 28 -30.69 21.74 25.96
N GLY A 31 -33.40 17.86 21.89
CA GLY A 31 -32.70 17.43 20.69
C GLY A 31 -32.81 15.93 20.46
N GLN A 32 -32.30 15.47 19.32
CA GLN A 32 -32.23 14.03 19.08
C GLN A 32 -31.11 13.38 19.90
N LEU A 33 -30.12 14.17 20.33
CA LEU A 33 -29.11 13.65 21.26
C LEU A 33 -29.57 13.73 22.70
N ALA A 34 -30.38 14.73 23.04
CA ALA A 34 -30.94 14.81 24.39
C ALA A 34 -31.87 13.64 24.66
N PHE A 35 -32.73 13.31 23.69
CA PHE A 35 -33.60 12.16 23.85
C PHE A 35 -32.79 10.87 23.96
N ALA A 36 -31.80 10.70 23.08
CA ALA A 36 -31.03 9.46 23.04
C ALA A 36 -30.33 9.19 24.37
N LEU A 37 -29.73 10.22 24.99
CA LEU A 37 -29.03 10.04 26.26
C LEU A 37 -30.01 9.70 27.38
N ALA A 38 -31.12 10.43 27.46
CA ALA A 38 -32.11 10.13 28.50
C ALA A 38 -32.68 8.72 28.32
N LYS A 39 -32.86 8.27 27.08
CA LYS A 39 -33.38 6.93 26.85
C LYS A 39 -32.41 5.86 27.33
N GLY A 40 -31.14 5.96 26.94
CA GLY A 40 -30.15 5.00 27.38
C GLY A 40 -29.92 5.03 28.88
N PHE A 41 -29.82 6.23 29.46
CA PHE A 41 -29.60 6.34 30.90
C PHE A 41 -30.70 5.62 31.68
N THR A 42 -31.95 5.90 31.34
CA THR A 42 -33.06 5.26 32.03
C THR A 42 -33.05 3.74 31.82
N ALA A 43 -32.83 3.30 30.57
CA ALA A 43 -32.85 1.87 30.28
C ALA A 43 -31.72 1.14 31.01
N ALA A 44 -30.61 1.82 31.28
CA ALA A 44 -29.53 1.24 32.06
C ALA A 44 -29.83 1.20 33.55
N GLY A 45 -30.93 1.80 33.99
CA GLY A 45 -31.21 1.91 35.41
C GLY A 45 -30.26 2.79 36.18
N VAL A 46 -29.38 3.53 35.50
CA VAL A 46 -28.38 4.31 36.22
C VAL A 46 -29.00 5.55 36.86
N LEU A 47 -30.02 6.11 36.24
CA LEU A 47 -30.72 7.27 36.77
C LEU A 47 -32.22 7.01 36.73
N ALA A 48 -32.90 7.31 37.84
CA ALA A 48 -34.35 7.38 37.81
C ALA A 48 -34.79 8.41 36.78
N ALA A 49 -35.70 8.03 35.89
CA ALA A 49 -36.14 8.92 34.83
C ALA A 49 -36.67 10.26 35.35
N HIS A 50 -37.16 10.29 36.60
CA HIS A 50 -37.70 11.52 37.16
C HIS A 50 -36.61 12.43 37.71
N LYS A 51 -35.42 11.91 38.01
CA LYS A 51 -34.28 12.75 38.39
C LYS A 51 -33.65 13.44 37.20
N ILE A 52 -34.40 13.54 36.09
CA ILE A 52 -33.92 14.03 34.81
C ILE A 52 -34.90 15.08 34.30
N MET A 53 -34.41 16.29 34.04
CA MET A 53 -35.22 17.38 33.50
C MET A 53 -34.63 17.86 32.18
N ALA A 54 -35.49 18.11 31.20
CA ALA A 54 -35.06 18.62 29.90
C ALA A 54 -35.83 19.89 29.53
N SER A 55 -35.28 20.62 28.56
CA SER A 55 -35.84 21.90 28.14
C SER A 55 -35.54 22.20 26.67
N LEU A 61 -41.48 19.69 20.35
CA LEU A 61 -40.86 19.05 19.21
C LEU A 61 -41.33 17.60 19.08
N ALA A 62 -40.69 16.85 18.17
CA ALA A 62 -41.00 15.42 18.05
C ALA A 62 -40.61 14.67 19.32
N THR A 63 -39.39 14.90 19.80
CA THR A 63 -38.85 14.28 21.02
C THR A 63 -39.53 14.78 22.32
N VAL A 64 -40.58 15.60 22.28
CA VAL A 64 -41.24 16.04 23.50
C VAL A 64 -42.36 15.09 23.90
N SER A 65 -43.01 14.43 22.93
CA SER A 65 -44.02 13.44 23.26
C SER A 65 -43.39 12.18 23.84
N ALA A 66 -42.25 11.75 23.27
CA ALA A 66 -41.59 10.53 23.74
C ALA A 66 -41.00 10.72 25.15
N LEU A 67 -40.31 11.84 25.37
CA LEU A 67 -39.63 12.05 26.66
C LEU A 67 -40.63 12.08 27.81
N ARG A 68 -41.73 12.81 27.64
CA ARG A 68 -42.75 12.87 28.69
C ARG A 68 -43.32 11.49 28.98
N LYS A 69 -43.44 10.65 27.95
CA LYS A 69 -43.91 9.29 28.16
C LYS A 69 -42.99 8.51 29.09
N MET A 70 -41.68 8.77 29.05
CA MET A 70 -40.70 8.10 29.89
C MET A 70 -40.74 8.56 31.36
N GLY A 71 -41.61 9.51 31.71
CA GLY A 71 -41.56 10.06 33.05
C GLY A 71 -40.40 11.02 33.28
N VAL A 72 -39.94 11.71 32.24
CA VAL A 72 -38.87 12.69 32.35
C VAL A 72 -39.48 14.08 32.39
N LYS A 73 -39.08 14.89 33.38
CA LYS A 73 -39.65 16.21 33.54
C LYS A 73 -39.27 17.12 32.38
N LEU A 74 -40.27 17.77 31.78
CA LEU A 74 -40.06 18.74 30.73
C LEU A 74 -40.46 20.12 31.24
N THR A 75 -39.59 21.11 31.04
CA THR A 75 -39.83 22.49 31.42
C THR A 75 -39.36 23.35 30.25
N PRO A 76 -40.09 24.42 29.91
CA PRO A 76 -39.64 25.27 28.80
C PRO A 76 -38.52 26.23 29.19
N HIS A 77 -38.31 26.48 30.48
CA HIS A 77 -37.37 27.48 30.95
C HIS A 77 -36.04 26.82 31.26
N ASN A 78 -35.01 27.17 30.47
CA ASN A 78 -33.67 26.62 30.71
C ASN A 78 -33.23 26.84 32.15
N LYS A 79 -33.64 27.96 32.76
CA LYS A 79 -33.22 28.28 34.12
C LYS A 79 -33.80 27.28 35.13
N GLU A 80 -34.96 26.71 34.85
CA GLU A 80 -35.49 25.67 35.73
C GLU A 80 -34.63 24.43 35.68
N THR A 81 -34.17 24.06 34.48
CA THR A 81 -33.33 22.87 34.32
C THR A 81 -32.02 23.01 35.10
N VAL A 82 -31.41 24.19 35.06
CA VAL A 82 -30.16 24.43 35.77
C VAL A 82 -30.35 24.33 37.28
N GLN A 83 -31.44 24.89 37.79
CA GLN A 83 -31.66 24.90 39.23
C GLN A 83 -31.93 23.50 39.78
N HIS A 84 -32.55 22.63 38.99
CA HIS A 84 -32.83 21.28 39.49
C HIS A 84 -31.64 20.34 39.33
N SER A 85 -30.78 20.57 38.35
CA SER A 85 -29.82 19.56 37.93
C SER A 85 -28.45 19.74 38.59
N ASP A 86 -27.76 18.61 38.76
CA ASP A 86 -26.35 18.59 39.17
C ASP A 86 -25.44 18.53 37.95
N VAL A 87 -25.61 17.51 37.12
CA VAL A 87 -24.88 17.38 35.86
C VAL A 87 -25.75 17.98 34.76
N LEU A 88 -25.15 18.84 33.95
CA LEU A 88 -25.87 19.62 32.95
C LEU A 88 -25.30 19.32 31.58
N PHE A 89 -26.06 18.55 30.79
CA PHE A 89 -25.71 18.34 29.40
C PHE A 89 -26.24 19.50 28.57
N LEU A 90 -25.43 19.97 27.65
CA LEU A 90 -25.83 21.01 26.71
C LEU A 90 -25.88 20.36 25.34
N ALA A 91 -27.11 20.09 24.86
CA ALA A 91 -27.33 19.45 23.57
C ALA A 91 -28.16 20.43 22.72
N VAL A 92 -27.48 21.47 22.23
CA VAL A 92 -28.09 22.43 21.33
C VAL A 92 -27.11 22.66 20.19
N LYS A 93 -27.57 23.42 19.19
CA LYS A 93 -26.71 23.74 18.06
C LYS A 93 -25.49 24.53 18.53
N PRO A 94 -24.34 24.34 17.89
CA PRO A 94 -23.10 24.99 18.35
C PRO A 94 -23.19 26.50 18.46
N HIS A 95 -23.80 27.18 17.48
CA HIS A 95 -23.93 28.64 17.60
C HIS A 95 -25.04 29.06 18.56
N ILE A 96 -25.67 28.10 19.24
CA ILE A 96 -26.71 28.38 20.22
C ILE A 96 -26.17 28.31 21.66
N ILE A 97 -25.03 27.64 21.88
CA ILE A 97 -24.45 27.59 23.23
C ILE A 97 -24.20 28.97 23.81
N PRO A 98 -23.51 29.90 23.13
CA PRO A 98 -23.22 31.21 23.76
C PRO A 98 -24.45 31.88 24.35
N PHE A 99 -25.59 31.78 23.66
CA PHE A 99 -26.81 32.39 24.17
C PHE A 99 -27.33 31.66 25.40
N ILE A 100 -27.23 30.33 25.43
CA ILE A 100 -27.61 29.59 26.63
C ILE A 100 -26.69 29.97 27.79
N LEU A 101 -25.38 30.08 27.51
CA LEU A 101 -24.43 30.40 28.58
C LEU A 101 -24.74 31.76 29.17
N ASP A 102 -24.97 32.75 28.31
CA ASP A 102 -25.37 34.08 28.80
C ASP A 102 -26.65 34.01 29.61
N GLU A 103 -27.56 33.09 29.29
CA GLU A 103 -28.84 33.04 30.00
C GLU A 103 -28.71 32.37 31.36
N ILE A 104 -28.07 31.21 31.42
CA ILE A 104 -28.00 30.44 32.66
C ILE A 104 -26.76 30.72 33.48
N GLY A 105 -25.82 31.52 32.96
CA GLY A 105 -24.53 31.69 33.61
C GLY A 105 -24.63 32.11 35.07
N ALA A 106 -25.53 33.03 35.37
CA ALA A 106 -25.69 33.49 36.75
C ALA A 106 -26.28 32.41 37.66
N ASP A 107 -26.86 31.35 37.09
CA ASP A 107 -27.49 30.29 37.85
C ASP A 107 -26.58 29.10 38.07
N ILE A 108 -25.39 29.10 37.48
CA ILE A 108 -24.41 28.05 37.68
C ILE A 108 -23.80 28.17 39.07
N GLU A 109 -24.25 27.31 39.98
CA GLU A 109 -23.64 27.21 41.30
C GLU A 109 -22.36 26.39 41.21
N ASP A 110 -21.70 26.20 42.37
CA ASP A 110 -20.42 25.51 42.41
C ASP A 110 -20.56 24.00 42.30
N ARG A 111 -21.72 23.45 42.66
CA ARG A 111 -21.98 22.02 42.56
C ARG A 111 -22.13 21.54 41.11
N HIS A 112 -22.21 22.46 40.16
CA HIS A 112 -22.58 22.11 38.79
C HIS A 112 -21.41 21.53 38.00
N ILE A 113 -21.72 20.56 37.16
CA ILE A 113 -20.81 20.09 36.13
C ILE A 113 -21.50 20.35 34.81
N VAL A 114 -20.85 21.14 33.96
CA VAL A 114 -21.41 21.51 32.67
C VAL A 114 -20.75 20.65 31.62
N VAL A 115 -21.55 19.80 30.99
CA VAL A 115 -21.07 18.89 29.95
C VAL A 115 -21.62 19.39 28.62
N SER A 116 -20.72 19.82 27.73
CA SER A 116 -21.11 20.25 26.40
C SER A 116 -20.95 19.10 25.41
N CYS A 117 -22.03 18.77 24.73
CA CYS A 117 -22.03 17.84 23.61
C CYS A 117 -22.10 18.55 22.27
N ALA A 118 -22.25 19.87 22.27
CA ALA A 118 -22.32 20.61 21.01
C ALA A 118 -21.07 20.38 20.20
N ALA A 119 -21.26 20.12 18.91
CA ALA A 119 -20.14 19.79 18.04
C ALA A 119 -19.28 21.02 17.80
N GLY A 120 -17.98 20.90 18.02
CA GLY A 120 -17.07 21.99 17.75
C GLY A 120 -16.94 23.05 18.84
N VAL A 121 -17.80 23.08 19.84
CA VAL A 121 -17.70 24.10 20.87
C VAL A 121 -16.58 23.69 21.84
N THR A 122 -15.53 24.50 21.88
CA THR A 122 -14.33 24.22 22.66
C THR A 122 -14.53 24.51 24.15
N ILE A 123 -13.69 23.88 24.98
CA ILE A 123 -13.76 24.05 26.42
C ILE A 123 -13.47 25.50 26.78
N SER A 124 -12.51 26.10 26.10
CA SER A 124 -12.15 27.50 26.34
C SER A 124 -13.35 28.43 26.13
N SER A 125 -14.09 28.23 25.03
CA SER A 125 -15.20 29.13 24.73
C SER A 125 -16.28 29.05 25.82
N ILE A 126 -16.54 27.85 26.35
CA ILE A 126 -17.54 27.73 27.42
C ILE A 126 -17.04 28.38 28.70
N GLU A 127 -15.81 28.05 29.08
CA GLU A 127 -15.23 28.59 30.31
C GLU A 127 -15.20 30.11 30.28
N LYS A 128 -14.79 30.70 29.14
CA LYS A 128 -14.81 32.14 28.97
C LYS A 128 -16.17 32.73 29.31
N LYS A 129 -17.24 32.21 28.72
CA LYS A 129 -18.57 32.72 29.03
C LYS A 129 -18.89 32.54 30.51
N LEU A 130 -18.80 31.31 31.00
CA LEU A 130 -19.19 31.01 32.38
C LEU A 130 -18.33 31.77 33.40
N SER A 131 -17.06 32.05 33.08
CA SER A 131 -16.17 32.68 34.05
C SER A 131 -16.49 34.14 34.28
N ALA A 132 -17.24 34.78 33.38
CA ALA A 132 -17.71 36.12 33.72
C ALA A 132 -18.72 36.10 34.85
N PHE A 133 -19.23 34.93 35.22
CA PHE A 133 -20.18 34.80 36.33
C PHE A 133 -19.56 34.22 37.59
N ARG A 134 -18.77 33.15 37.47
CA ARG A 134 -18.19 32.46 38.62
C ARG A 134 -16.83 31.93 38.17
N PRO A 135 -15.79 32.06 39.00
CA PRO A 135 -14.42 31.95 38.44
C PRO A 135 -13.99 30.54 38.05
N ALA A 136 -14.50 29.48 38.69
CA ALA A 136 -14.02 28.13 38.42
C ALA A 136 -15.14 27.21 37.94
N PRO A 137 -15.68 27.44 36.74
CA PRO A 137 -16.72 26.54 36.21
C PRO A 137 -16.16 25.18 35.82
N ARG A 138 -16.84 24.12 36.28
CA ARG A 138 -16.44 22.74 36.03
C ARG A 138 -17.04 22.28 34.71
N VAL A 139 -16.21 22.22 33.67
CA VAL A 139 -16.65 22.01 32.30
C VAL A 139 -16.04 20.72 31.79
N ILE A 140 -16.84 19.95 31.08
CA ILE A 140 -16.39 18.73 30.42
C ILE A 140 -16.93 18.75 29.01
N ARG A 141 -16.07 18.45 28.03
CA ARG A 141 -16.48 18.42 26.64
C ARG A 141 -16.59 16.98 26.16
N CYS A 142 -17.65 16.70 25.42
CA CYS A 142 -18.04 15.33 25.15
C CYS A 142 -18.41 15.19 23.67
N MET A 143 -17.94 14.10 23.04
CA MET A 143 -18.38 13.72 21.70
C MET A 143 -18.97 12.32 21.80
N THR A 144 -20.29 12.23 21.72
CA THR A 144 -21.03 10.98 21.77
C THR A 144 -21.89 10.87 20.51
N ASN A 145 -22.55 9.73 20.33
CA ASN A 145 -23.30 9.49 19.09
C ASN A 145 -24.67 8.88 19.42
N THR A 146 -25.52 8.81 18.41
CA THR A 146 -26.91 8.43 18.60
CA THR A 146 -26.92 8.42 18.63
C THR A 146 -27.11 7.00 19.11
N PRO A 147 -26.28 6.00 18.76
CA PRO A 147 -26.55 4.66 19.30
C PRO A 147 -26.51 4.54 20.83
N VAL A 148 -26.25 5.63 21.57
CA VAL A 148 -26.49 5.60 23.00
C VAL A 148 -27.94 5.22 23.29
N VAL A 149 -28.85 5.48 22.35
CA VAL A 149 -30.26 5.18 22.55
C VAL A 149 -30.52 3.67 22.67
N VAL A 150 -29.66 2.84 22.09
CA VAL A 150 -29.70 1.40 22.33
C VAL A 150 -28.48 0.94 23.15
N ARG A 151 -27.85 1.89 23.87
CA ARG A 151 -26.75 1.60 24.80
C ARG A 151 -25.54 0.98 24.10
N GLU A 152 -25.29 1.39 22.86
CA GLU A 152 -24.08 0.99 22.16
C GLU A 152 -23.39 2.21 21.57
N GLY A 153 -23.38 3.32 22.32
CA GLY A 153 -22.71 4.51 21.86
C GLY A 153 -21.20 4.38 21.85
N ALA A 154 -20.57 5.37 21.25
CA ALA A 154 -19.13 5.59 21.33
C ALA A 154 -18.94 7.01 21.83
N THR A 155 -18.32 7.15 23.00
CA THR A 155 -18.20 8.45 23.67
C THR A 155 -16.75 8.71 24.05
N VAL A 156 -16.25 9.90 23.74
CA VAL A 156 -15.01 10.38 24.31
C VAL A 156 -15.34 11.66 25.06
N TYR A 157 -14.44 12.05 25.96
CA TYR A 157 -14.65 13.28 26.71
C TYR A 157 -13.31 13.83 27.14
N ALA A 158 -13.23 15.15 27.26
CA ALA A 158 -12.04 15.84 27.74
C ALA A 158 -12.43 16.74 28.91
N THR A 159 -11.60 16.74 29.95
CA THR A 159 -11.90 17.48 31.18
C THR A 159 -11.42 18.93 31.08
N GLY A 160 -12.25 19.84 31.61
CA GLY A 160 -11.97 21.26 31.56
C GLY A 160 -10.92 21.73 32.58
N THR A 161 -10.68 23.04 32.55
CA THR A 161 -9.61 23.62 33.36
C THR A 161 -9.88 23.41 34.85
N HIS A 162 -11.13 23.51 35.27
CA HIS A 162 -11.46 23.49 36.69
C HIS A 162 -12.18 22.21 37.13
N ALA A 163 -12.32 21.21 36.25
CA ALA A 163 -12.91 19.93 36.61
C ALA A 163 -11.95 19.12 37.48
N GLN A 164 -12.41 18.68 38.64
CA GLN A 164 -11.56 17.82 39.44
C GLN A 164 -11.53 16.41 38.85
N VAL A 165 -10.61 15.60 39.36
CA VAL A 165 -10.47 14.23 38.86
C VAL A 165 -11.81 13.51 38.93
N GLU A 166 -12.49 13.59 40.07
CA GLU A 166 -13.74 12.86 40.27
C GLU A 166 -14.84 13.29 39.29
N ASP A 167 -14.73 14.48 38.69
CA ASP A 167 -15.69 14.87 37.66
C ASP A 167 -15.47 14.04 36.40
N GLY A 168 -14.20 13.77 36.06
CA GLY A 168 -13.92 12.91 34.92
C GLY A 168 -14.38 11.49 35.16
N ARG A 169 -14.09 10.94 36.34
CA ARG A 169 -14.50 9.58 36.66
C ARG A 169 -16.02 9.48 36.70
N LEU A 170 -16.70 10.46 37.29
CA LEU A 170 -18.16 10.41 37.33
C LEU A 170 -18.73 10.37 35.91
N MET A 171 -18.23 11.27 35.06
CA MET A 171 -18.66 11.31 33.68
C MET A 171 -18.38 9.99 32.97
N GLU A 172 -17.21 9.39 33.23
CA GLU A 172 -16.88 8.12 32.59
C GLU A 172 -17.85 7.03 33.02
N GLN A 173 -18.15 6.95 34.31
CA GLN A 173 -19.10 5.95 34.78
C GLN A 173 -20.47 6.16 34.14
N LEU A 174 -20.95 7.40 34.08
CA LEU A 174 -22.29 7.64 33.55
C LEU A 174 -22.38 7.26 32.09
N LEU A 175 -21.40 7.65 31.28
CA LEU A 175 -21.55 7.39 29.85
C LEU A 175 -21.10 5.99 29.44
N SER A 176 -20.35 5.28 30.30
CA SER A 176 -20.12 3.86 30.08
C SER A 176 -21.41 3.06 30.17
N SER A 177 -22.41 3.58 30.87
CA SER A 177 -23.67 2.85 30.98
C SER A 177 -24.41 2.74 29.65
N VAL A 178 -24.04 3.53 28.63
CA VAL A 178 -24.76 3.54 27.36
C VAL A 178 -23.84 3.31 26.16
N GLY A 179 -22.69 2.70 26.39
CA GLY A 179 -21.79 2.35 25.31
C GLY A 179 -20.34 2.50 25.75
N PHE A 180 -19.45 2.46 24.77
CA PHE A 180 -18.03 2.69 25.03
C PHE A 180 -17.79 4.15 25.44
N CYS A 181 -16.84 4.36 26.35
CA CYS A 181 -16.51 5.70 26.84
C CYS A 181 -15.05 5.71 27.31
N THR A 182 -14.28 6.71 26.87
CA THR A 182 -12.91 6.88 27.35
C THR A 182 -12.53 8.36 27.26
N GLU A 183 -11.53 8.73 28.08
CA GLU A 183 -11.04 10.12 28.12
C GLU A 183 -10.05 10.38 26.99
N VAL A 184 -10.10 11.56 26.41
CA VAL A 184 -9.11 11.98 25.42
C VAL A 184 -8.63 13.40 25.73
N GLU A 185 -7.49 13.73 25.13
CA GLU A 185 -7.14 15.15 24.99
C GLU A 185 -8.18 15.85 24.13
N GLU A 186 -8.37 17.14 24.38
CA GLU A 186 -9.42 17.85 23.66
C GLU A 186 -9.08 17.97 22.18
N ASP A 187 -7.80 18.01 21.86
CA ASP A 187 -7.46 18.19 20.45
C ASP A 187 -7.66 16.92 19.62
N LEU A 188 -8.12 15.81 20.20
CA LEU A 188 -8.50 14.64 19.41
C LEU A 188 -9.99 14.59 19.11
N ILE A 189 -10.80 15.48 19.69
CA ILE A 189 -12.26 15.33 19.61
C ILE A 189 -12.76 15.59 18.19
N ASP A 190 -12.15 16.55 17.50
CA ASP A 190 -12.52 16.75 16.10
C ASP A 190 -12.32 15.48 15.28
N ALA A 191 -11.19 14.80 15.49
CA ALA A 191 -10.96 13.53 14.82
C ALA A 191 -12.01 12.49 15.22
N VAL A 192 -12.33 12.41 16.53
CA VAL A 192 -13.33 11.44 16.97
C VAL A 192 -14.69 11.74 16.35
N THR A 193 -15.03 13.03 16.21
CA THR A 193 -16.25 13.42 15.53
C THR A 193 -16.32 12.84 14.11
N GLY A 194 -15.21 12.93 13.37
CA GLY A 194 -15.15 12.39 12.05
C GLY A 194 -15.22 10.88 11.98
N LEU A 195 -14.80 10.18 13.05
CA LEU A 195 -14.84 8.73 13.05
C LEU A 195 -16.16 8.22 13.64
N SER A 196 -16.32 8.24 14.98
CA SER A 196 -17.51 7.66 15.59
C SER A 196 -18.68 8.64 15.75
N GLY A 197 -18.42 9.94 15.72
CA GLY A 197 -19.51 10.90 15.81
C GLY A 197 -20.36 10.92 14.55
N SER A 198 -19.71 10.94 13.37
CA SER A 198 -20.39 10.85 12.09
C SER A 198 -20.53 9.40 11.61
N GLY A 199 -19.84 8.45 12.24
CA GLY A 199 -19.88 7.06 11.86
C GLY A 199 -21.26 6.45 11.63
N PRO A 200 -22.19 6.61 12.58
CA PRO A 200 -23.53 6.04 12.36
C PRO A 200 -24.18 6.44 11.03
N ALA A 201 -24.06 7.70 10.59
CA ALA A 201 -24.60 8.06 9.28
C ALA A 201 -23.91 7.32 8.13
N TYR A 202 -22.60 7.07 8.26
CA TYR A 202 -21.91 6.30 7.23
C TYR A 202 -22.49 4.90 7.15
N ALA A 203 -22.80 4.32 8.31
CA ALA A 203 -23.35 2.97 8.33
C ALA A 203 -24.78 2.95 7.80
N PHE A 204 -25.59 3.99 8.10
CA PHE A 204 -26.96 4.02 7.56
C PHE A 204 -26.96 4.17 6.04
N THR A 205 -26.05 4.99 5.50
CA THR A 205 -25.87 5.09 4.06
C THR A 205 -25.45 3.75 3.46
N ALA A 206 -24.52 3.07 4.12
CA ALA A 206 -24.00 1.81 3.61
C ALA A 206 -25.07 0.73 3.63
N LEU A 207 -25.85 0.65 4.72
CA LEU A 207 -26.89 -0.36 4.78
C LEU A 207 -28.02 -0.07 3.80
N ASP A 208 -28.29 1.22 3.52
CA ASP A 208 -29.29 1.54 2.52
C ASP A 208 -28.83 1.04 1.14
N ALA A 209 -27.55 1.22 0.85
CA ALA A 209 -27.00 0.82 -0.44
C ALA A 209 -26.87 -0.70 -0.54
N LEU A 210 -26.38 -1.34 0.53
CA LEU A 210 -26.31 -2.80 0.55
C LEU A 210 -27.69 -3.42 0.34
N ALA A 211 -28.72 -2.82 0.97
CA ALA A 211 -30.08 -3.30 0.78
C ALA A 211 -30.57 -3.08 -0.67
N ASP A 212 -30.24 -1.93 -1.26
CA ASP A 212 -30.50 -1.76 -2.69
C ASP A 212 -29.83 -2.86 -3.50
N GLY A 213 -28.59 -3.21 -3.11
CA GLY A 213 -27.90 -4.30 -3.79
C GLY A 213 -28.61 -5.63 -3.64
N GLY A 214 -29.01 -5.97 -2.41
CA GLY A 214 -29.76 -7.21 -2.22
C GLY A 214 -31.06 -7.21 -3.00
N VAL A 215 -31.77 -6.07 -2.98
CA VAL A 215 -33.00 -5.92 -3.75
C VAL A 215 -32.73 -6.12 -5.25
N LYS A 216 -31.63 -5.53 -5.76
CA LYS A 216 -31.32 -5.70 -7.18
C LYS A 216 -31.17 -7.18 -7.52
N MET A 217 -30.51 -7.94 -6.67
CA MET A 217 -30.29 -9.36 -6.90
C MET A 217 -31.52 -10.23 -6.56
N GLY A 218 -32.68 -9.63 -6.24
CA GLY A 218 -33.92 -10.38 -6.02
C GLY A 218 -34.39 -10.52 -4.58
N LEU A 219 -33.72 -9.86 -3.58
CA LEU A 219 -34.28 -10.08 -2.25
C LEU A 219 -35.41 -9.09 -1.94
N PRO A 220 -36.34 -9.48 -1.09
CA PRO A 220 -37.29 -8.51 -0.55
C PRO A 220 -36.58 -7.41 0.24
N ARG A 221 -37.14 -6.19 0.18
CA ARG A 221 -36.48 -5.04 0.81
CA ARG A 221 -36.47 -5.04 0.81
C ARG A 221 -36.26 -5.26 2.31
N ARG A 222 -37.32 -5.68 3.02
CA ARG A 222 -37.20 -5.86 4.47
C ARG A 222 -36.17 -6.92 4.81
N LEU A 223 -36.14 -8.03 4.05
CA LEU A 223 -35.15 -9.07 4.33
C LEU A 223 -33.74 -8.56 4.05
N ALA A 224 -33.56 -7.75 3.00
CA ALA A 224 -32.23 -7.23 2.68
C ALA A 224 -31.74 -6.27 3.76
N VAL A 225 -32.63 -5.43 4.28
CA VAL A 225 -32.25 -4.52 5.35
C VAL A 225 -31.83 -5.29 6.60
N ARG A 226 -32.63 -6.29 6.98
CA ARG A 226 -32.31 -7.09 8.17
C ARG A 226 -30.97 -7.81 7.99
N LEU A 227 -30.76 -8.46 6.85
CA LEU A 227 -29.54 -9.23 6.63
C LEU A 227 -28.31 -8.33 6.53
N GLY A 228 -28.46 -7.16 5.93
CA GLY A 228 -27.31 -6.28 5.83
C GLY A 228 -26.93 -5.73 7.19
N ALA A 229 -27.92 -5.33 7.99
CA ALA A 229 -27.62 -4.76 9.30
C ALA A 229 -27.05 -5.82 10.23
N GLN A 230 -27.54 -7.07 10.12
CA GLN A 230 -27.01 -8.15 10.96
C GLN A 230 -25.58 -8.50 10.56
N ALA A 231 -25.27 -8.46 9.26
CA ALA A 231 -23.90 -8.64 8.80
C ALA A 231 -22.97 -7.59 9.39
N LEU A 232 -23.39 -6.33 9.35
CA LEU A 232 -22.58 -5.24 9.87
C LEU A 232 -22.37 -5.40 11.37
N LEU A 233 -23.46 -5.66 12.10
CA LEU A 233 -23.37 -5.79 13.55
C LEU A 233 -22.42 -6.92 13.91
N GLY A 234 -22.69 -8.13 13.36
CA GLY A 234 -21.85 -9.27 13.64
C GLY A 234 -20.38 -9.02 13.31
N ALA A 235 -20.12 -8.38 12.17
CA ALA A 235 -18.73 -8.11 11.79
C ALA A 235 -18.04 -7.18 12.78
N ALA A 236 -18.74 -6.10 13.18
CA ALA A 236 -18.20 -5.17 14.16
C ALA A 236 -17.97 -5.86 15.51
N LYS A 237 -18.92 -6.69 15.94
CA LYS A 237 -18.74 -7.38 17.20
C LYS A 237 -17.56 -8.36 17.13
N MET A 238 -17.40 -9.07 16.01
CA MET A 238 -16.22 -9.93 15.83
C MET A 238 -14.92 -9.13 16.05
N LEU A 239 -14.82 -7.95 15.44
CA LEU A 239 -13.61 -7.14 15.56
C LEU A 239 -13.42 -6.63 16.98
N LEU A 240 -14.50 -6.23 17.64
CA LEU A 240 -14.39 -5.75 19.01
C LEU A 240 -13.96 -6.86 19.97
N HIS A 241 -14.26 -8.12 19.65
CA HIS A 241 -13.95 -9.23 20.53
C HIS A 241 -12.74 -10.02 20.06
N SER A 242 -12.02 -9.54 19.06
CA SER A 242 -10.89 -10.26 18.50
C SER A 242 -9.61 -9.48 18.78
N GLU A 243 -8.49 -10.19 18.87
CA GLU A 243 -7.19 -9.55 18.93
C GLU A 243 -6.64 -9.22 17.54
N GLN A 244 -7.34 -9.63 16.49
CA GLN A 244 -6.78 -9.62 15.15
C GLN A 244 -7.07 -8.30 14.41
N HIS A 245 -6.21 -8.01 13.45
CA HIS A 245 -6.38 -6.89 12.53
C HIS A 245 -7.60 -7.11 11.64
N PRO A 246 -8.33 -6.03 11.29
CA PRO A 246 -9.46 -6.18 10.35
C PRO A 246 -9.09 -6.87 9.04
N GLY A 247 -7.86 -6.66 8.54
CA GLY A 247 -7.43 -7.37 7.35
C GLY A 247 -7.32 -8.87 7.55
N GLN A 248 -6.87 -9.29 8.74
CA GLN A 248 -6.86 -10.72 9.04
C GLN A 248 -8.26 -11.30 9.07
N LEU A 249 -9.22 -10.60 9.70
CA LEU A 249 -10.60 -11.09 9.67
C LEU A 249 -11.16 -11.09 8.25
N LYS A 250 -10.76 -10.11 7.42
CA LYS A 250 -11.17 -10.10 6.02
C LYS A 250 -10.65 -11.32 5.27
N ASP A 251 -9.37 -11.64 5.45
CA ASP A 251 -8.81 -12.84 4.84
C ASP A 251 -9.64 -14.09 5.13
N ASN A 252 -10.14 -14.22 6.37
CA ASN A 252 -10.85 -15.43 6.79
C ASN A 252 -12.19 -15.57 6.08
N VAL A 253 -12.82 -14.46 5.69
CA VAL A 253 -14.08 -14.55 4.98
C VAL A 253 -13.88 -15.09 3.56
N SER A 254 -12.77 -14.75 2.91
CA SER A 254 -12.69 -14.91 1.45
C SER A 254 -12.01 -16.24 1.10
N SER A 255 -12.80 -17.20 0.64
CA SER A 255 -12.21 -18.39 0.09
C SER A 255 -11.54 -18.09 -1.25
N PRO A 256 -10.47 -18.80 -1.59
CA PRO A 256 -9.81 -18.59 -2.89
C PRO A 256 -10.78 -18.72 -4.05
N GLY A 257 -10.70 -17.78 -4.99
CA GLY A 257 -11.54 -17.77 -6.17
C GLY A 257 -13.01 -17.53 -5.92
N GLY A 258 -13.42 -17.24 -4.69
CA GLY A 258 -14.82 -17.23 -4.32
C GLY A 258 -15.57 -15.91 -4.54
N ALA A 259 -16.80 -15.89 -4.04
CA ALA A 259 -17.70 -14.77 -4.22
C ALA A 259 -17.17 -13.51 -3.53
N THR A 260 -16.72 -13.65 -2.29
CA THR A 260 -16.31 -12.50 -1.48
C THR A 260 -15.11 -11.79 -2.07
N ILE A 261 -14.09 -12.52 -2.52
CA ILE A 261 -12.92 -11.84 -3.05
C ILE A 261 -13.28 -11.15 -4.35
N HIS A 262 -14.24 -11.70 -5.12
CA HIS A 262 -14.67 -11.00 -6.33
C HIS A 262 -15.35 -9.68 -5.98
N ALA A 263 -16.15 -9.68 -4.92
CA ALA A 263 -16.83 -8.47 -4.51
C ALA A 263 -15.85 -7.47 -3.92
N LEU A 264 -14.85 -7.96 -3.16
CA LEU A 264 -13.83 -7.06 -2.61
C LEU A 264 -13.11 -6.33 -3.72
N HIS A 265 -12.82 -7.02 -4.82
CA HIS A 265 -12.12 -6.40 -5.93
C HIS A 265 -12.89 -5.19 -6.46
N VAL A 266 -14.22 -5.34 -6.65
CA VAL A 266 -14.92 -4.19 -7.21
C VAL A 266 -15.00 -3.04 -6.19
N LEU A 267 -15.03 -3.34 -4.88
CA LEU A 267 -14.90 -2.26 -3.89
C LEU A 267 -13.57 -1.53 -4.07
N GLU A 268 -12.47 -2.30 -4.19
CA GLU A 268 -11.16 -1.69 -4.39
C GLU A 268 -11.12 -0.87 -5.67
N SER A 269 -11.77 -1.34 -6.75
CA SER A 269 -11.67 -0.63 -8.01
C SER A 269 -12.34 0.74 -7.95
N GLY A 270 -13.38 0.91 -7.14
CA GLY A 270 -13.93 2.22 -6.91
C GLY A 270 -13.28 3.05 -5.81
N GLY A 271 -12.11 2.65 -5.30
CA GLY A 271 -11.48 3.39 -4.22
C GLY A 271 -12.32 3.47 -2.96
N PHE A 272 -13.00 2.38 -2.62
CA PHE A 272 -13.93 2.34 -1.49
C PHE A 272 -13.27 2.77 -0.18
N ARG A 273 -12.04 2.29 0.08
CA ARG A 273 -11.34 2.67 1.31
C ARG A 273 -11.11 4.18 1.37
N SER A 274 -10.67 4.77 0.24
CA SER A 274 -10.32 6.18 0.25
C SER A 274 -11.53 7.06 0.50
N LEU A 275 -12.71 6.62 0.08
CA LEU A 275 -13.93 7.38 0.35
C LEU A 275 -14.18 7.50 1.85
N LEU A 276 -14.01 6.39 2.57
CA LEU A 276 -14.18 6.43 4.02
C LEU A 276 -13.09 7.28 4.68
N ILE A 277 -11.87 7.26 4.15
CA ILE A 277 -10.85 8.19 4.66
C ILE A 277 -11.25 9.63 4.37
N ASN A 278 -11.70 9.91 3.12
CA ASN A 278 -12.21 11.24 2.81
C ASN A 278 -13.30 11.65 3.81
N ALA A 279 -14.19 10.72 4.15
CA ALA A 279 -15.33 11.02 5.02
C ALA A 279 -14.87 11.50 6.41
N VAL A 280 -14.07 10.68 7.11
CA VAL A 280 -13.55 11.07 8.43
C VAL A 280 -12.80 12.39 8.35
N GLU A 281 -11.98 12.57 7.30
CA GLU A 281 -11.27 13.83 7.13
C GLU A 281 -12.24 15.02 6.97
N ALA A 282 -13.25 14.88 6.08
CA ALA A 282 -14.15 16.02 5.86
C ALA A 282 -14.91 16.37 7.14
N SER A 283 -15.37 15.35 7.87
CA SER A 283 -16.12 15.61 9.10
C SER A 283 -15.23 16.30 10.14
N CYS A 284 -13.99 15.81 10.30
CA CYS A 284 -13.05 16.40 11.24
C CYS A 284 -12.73 17.85 10.88
N ILE A 285 -12.39 18.08 9.61
CA ILE A 285 -12.08 19.44 9.16
C ILE A 285 -13.29 20.35 9.39
N ARG A 286 -14.49 19.89 9.08
CA ARG A 286 -15.66 20.73 9.29
C ARG A 286 -15.85 21.05 10.77
N THR A 287 -15.53 20.10 11.66
CA THR A 287 -15.63 20.35 13.09
C THR A 287 -14.65 21.45 13.52
N ARG A 288 -13.43 21.44 12.96
CA ARG A 288 -12.46 22.50 13.22
C ARG A 288 -12.98 23.85 12.78
N GLU A 289 -13.66 23.91 11.63
CA GLU A 289 -14.23 25.17 11.17
C GLU A 289 -15.32 25.68 12.10
N LEU A 290 -16.17 24.77 12.61
CA LEU A 290 -17.07 25.15 13.69
C LEU A 290 -16.30 25.59 14.94
N GLN A 291 -15.20 24.90 15.27
CA GLN A 291 -14.42 25.21 16.45
C GLN A 291 -13.86 26.63 16.37
N SER A 292 -13.73 27.16 15.16
CA SER A 292 -13.24 28.52 14.91
C SER A 292 -14.37 29.54 15.02
N MET A 293 -15.53 29.22 14.44
CA MET A 293 -16.70 30.08 14.63
C MET A 293 -17.05 30.21 16.11
N ALA A 294 -16.85 29.14 16.90
CA ALA A 294 -17.11 29.20 18.34
C ALA A 294 -16.07 30.05 19.07
N ASP A 295 -14.80 29.99 18.65
CA ASP A 295 -13.73 30.77 19.23
C ASP A 295 -13.57 32.15 18.60
N GLN A 296 -14.44 32.56 17.67
CA GLN A 296 -14.41 33.92 17.10
C GLN A 296 -15.53 34.80 17.64
N ASN B 17 -40.55 -25.77 21.39
CA ASN B 17 -39.13 -25.93 21.05
C ASN B 17 -38.74 -27.41 20.97
N LEU B 18 -37.92 -27.74 19.98
CA LEU B 18 -37.47 -29.11 19.78
C LEU B 18 -36.25 -29.39 20.65
N TYR B 19 -36.16 -30.61 21.17
CA TYR B 19 -35.05 -31.01 22.03
C TYR B 19 -33.98 -31.69 21.18
N PHE B 20 -32.74 -31.17 21.26
CA PHE B 20 -31.69 -31.66 20.37
C PHE B 20 -30.29 -31.59 20.98
N GLN B 21 -30.15 -31.41 22.29
CA GLN B 21 -28.81 -31.25 22.86
C GLN B 21 -27.96 -32.50 22.72
N SER B 22 -28.59 -33.68 22.74
CA SER B 22 -27.87 -34.94 22.73
C SER B 22 -27.56 -35.47 21.34
N MET B 23 -27.93 -34.75 20.28
CA MET B 23 -27.58 -35.16 18.93
C MET B 23 -26.11 -34.85 18.64
N SER B 24 -25.57 -35.57 17.67
CA SER B 24 -24.18 -35.42 17.25
C SER B 24 -24.11 -34.64 15.94
N VAL B 25 -23.13 -33.74 15.84
CA VAL B 25 -22.98 -32.86 14.68
C VAL B 25 -21.64 -33.15 14.03
N GLY B 26 -21.64 -33.21 12.71
CA GLY B 26 -20.42 -33.43 11.95
C GLY B 26 -20.13 -32.33 10.95
N PHE B 27 -18.86 -32.01 10.79
CA PHE B 27 -18.38 -31.07 9.78
C PHE B 27 -17.47 -31.81 8.83
N ILE B 28 -17.81 -31.77 7.55
CA ILE B 28 -16.92 -32.18 6.46
C ILE B 28 -16.24 -30.91 5.98
N GLY B 29 -14.95 -30.79 6.28
CA GLY B 29 -14.24 -29.53 6.22
C GLY B 29 -14.03 -29.04 7.63
N ALA B 30 -12.77 -28.81 8.02
CA ALA B 30 -12.48 -28.25 9.34
C ALA B 30 -11.83 -26.89 9.15
N GLY B 31 -12.42 -26.09 8.28
CA GLY B 31 -11.90 -24.80 7.90
C GLY B 31 -12.50 -23.69 8.72
N GLN B 32 -12.49 -22.49 8.12
CA GLN B 32 -12.90 -21.28 8.83
C GLN B 32 -14.38 -21.34 9.22
N LEU B 33 -15.23 -21.88 8.35
CA LEU B 33 -16.65 -21.90 8.69
C LEU B 33 -16.98 -23.02 9.68
N ALA B 34 -16.32 -24.18 9.57
CA ALA B 34 -16.52 -25.23 10.58
C ALA B 34 -16.09 -24.75 11.96
N PHE B 35 -14.99 -24.02 12.03
CA PHE B 35 -14.56 -23.47 13.31
C PHE B 35 -15.57 -22.46 13.84
N ALA B 36 -16.04 -21.55 12.97
CA ALA B 36 -16.99 -20.53 13.38
C ALA B 36 -18.26 -21.16 13.95
N LEU B 37 -18.82 -22.14 13.26
CA LEU B 37 -20.05 -22.77 13.75
C LEU B 37 -19.79 -23.56 15.02
N ALA B 38 -18.70 -24.32 15.07
CA ALA B 38 -18.39 -25.08 16.28
C ALA B 38 -18.19 -24.16 17.47
N LYS B 39 -17.44 -23.08 17.27
CA LYS B 39 -17.22 -22.11 18.36
C LYS B 39 -18.54 -21.50 18.81
N GLY B 40 -19.36 -21.06 17.85
CA GLY B 40 -20.64 -20.46 18.20
C GLY B 40 -21.56 -21.42 18.92
N PHE B 41 -21.67 -22.65 18.41
CA PHE B 41 -22.58 -23.63 19.00
C PHE B 41 -22.16 -23.96 20.44
N THR B 42 -20.86 -24.09 20.68
CA THR B 42 -20.41 -24.43 22.03
C THR B 42 -20.54 -23.25 22.98
N ALA B 43 -20.21 -22.04 22.51
CA ALA B 43 -20.41 -20.84 23.34
C ALA B 43 -21.88 -20.62 23.64
N ALA B 44 -22.77 -21.01 22.71
CA ALA B 44 -24.20 -20.94 22.98
C ALA B 44 -24.64 -21.99 23.99
N GLY B 45 -23.81 -23.01 24.20
CA GLY B 45 -24.21 -24.12 25.05
C GLY B 45 -25.23 -25.08 24.45
N VAL B 46 -25.56 -24.96 23.17
CA VAL B 46 -26.57 -25.85 22.62
C VAL B 46 -25.99 -27.22 22.28
N LEU B 47 -24.69 -27.32 22.05
CA LEU B 47 -24.03 -28.59 21.87
C LEU B 47 -22.85 -28.70 22.80
N ALA B 48 -22.53 -29.93 23.19
CA ALA B 48 -21.28 -30.21 23.86
C ALA B 48 -20.16 -30.38 22.84
N ALA B 49 -19.00 -29.80 23.14
CA ALA B 49 -17.88 -29.84 22.21
C ALA B 49 -17.51 -31.27 21.84
N HIS B 50 -17.59 -32.20 22.80
CA HIS B 50 -17.23 -33.59 22.51
C HIS B 50 -18.25 -34.29 21.61
N LYS B 51 -19.44 -33.72 21.41
CA LYS B 51 -20.43 -34.24 20.47
C LYS B 51 -20.23 -33.73 19.06
N ILE B 52 -19.09 -33.10 18.77
CA ILE B 52 -18.80 -32.54 17.46
C ILE B 52 -17.59 -33.26 16.88
N MET B 53 -17.67 -33.63 15.61
CA MET B 53 -16.57 -34.23 14.88
C MET B 53 -16.40 -33.50 13.55
N ALA B 54 -15.14 -33.19 13.21
CA ALA B 54 -14.81 -32.52 11.96
C ALA B 54 -13.71 -33.30 11.25
N SER B 55 -13.76 -33.27 9.92
CA SER B 55 -12.75 -33.92 9.10
C SER B 55 -12.20 -32.92 8.10
N SER B 56 -10.89 -32.97 7.88
CA SER B 56 -10.24 -32.08 6.94
C SER B 56 -9.13 -32.83 6.22
N PRO B 57 -8.94 -32.57 4.93
CA PRO B 57 -7.77 -33.13 4.24
C PRO B 57 -6.44 -32.56 4.74
N ASP B 58 -6.45 -31.39 5.39
CA ASP B 58 -5.23 -30.73 5.87
C ASP B 58 -5.37 -30.48 7.37
N MET B 59 -4.50 -31.10 8.16
CA MET B 59 -4.55 -30.99 9.61
C MET B 59 -3.66 -29.88 10.16
N ASP B 60 -2.82 -29.25 9.34
CA ASP B 60 -1.89 -28.23 9.81
C ASP B 60 -2.49 -26.83 9.76
N LEU B 61 -3.78 -26.70 9.49
CA LEU B 61 -4.44 -25.41 9.54
C LEU B 61 -4.48 -24.90 10.98
N ALA B 62 -4.35 -23.58 11.14
CA ALA B 62 -4.51 -22.99 12.45
C ALA B 62 -5.89 -23.30 13.03
N THR B 63 -6.91 -23.36 12.16
CA THR B 63 -8.26 -23.63 12.62
C THR B 63 -8.42 -25.05 13.13
N VAL B 64 -7.59 -25.97 12.64
CA VAL B 64 -7.67 -27.34 13.11
C VAL B 64 -7.08 -27.46 14.52
N SER B 65 -6.02 -26.70 14.81
CA SER B 65 -5.49 -26.69 16.16
C SER B 65 -6.47 -26.03 17.14
N ALA B 66 -7.15 -24.98 16.69
CA ALA B 66 -8.15 -24.33 17.54
C ALA B 66 -9.28 -25.28 17.91
N LEU B 67 -9.73 -26.08 16.95
CA LEU B 67 -10.80 -27.04 17.21
C LEU B 67 -10.34 -28.10 18.19
N ARG B 68 -9.07 -28.52 18.09
CA ARG B 68 -8.55 -29.50 19.05
C ARG B 68 -8.72 -29.01 20.48
N LYS B 69 -8.26 -27.78 20.75
CA LYS B 69 -8.32 -27.27 22.11
C LYS B 69 -9.75 -27.09 22.60
N MET B 70 -10.71 -26.90 21.68
CA MET B 70 -12.10 -26.85 22.08
C MET B 70 -12.63 -28.20 22.56
N GLY B 71 -12.00 -29.30 22.15
CA GLY B 71 -12.53 -30.61 22.42
C GLY B 71 -13.31 -31.20 21.27
N VAL B 72 -13.21 -30.62 20.08
CA VAL B 72 -13.87 -31.18 18.90
C VAL B 72 -13.04 -32.36 18.41
N LYS B 73 -13.71 -33.47 18.14
CA LYS B 73 -13.02 -34.66 17.64
C LYS B 73 -12.64 -34.46 16.19
N LEU B 74 -11.35 -34.61 15.88
CA LEU B 74 -10.83 -34.35 14.55
C LEU B 74 -10.30 -35.67 13.98
N THR B 75 -10.80 -36.04 12.81
CA THR B 75 -10.36 -37.21 12.07
C THR B 75 -10.05 -36.79 10.65
N PRO B 76 -9.16 -37.50 9.96
CA PRO B 76 -8.97 -37.26 8.53
C PRO B 76 -9.82 -38.13 7.62
N HIS B 77 -10.78 -38.88 8.16
CA HIS B 77 -11.62 -39.80 7.40
C HIS B 77 -13.04 -39.27 7.34
N ASN B 78 -13.45 -38.82 6.15
CA ASN B 78 -14.83 -38.35 5.99
C ASN B 78 -15.85 -39.43 6.37
N LYS B 79 -15.53 -40.70 6.18
CA LYS B 79 -16.43 -41.77 6.58
C LYS B 79 -16.81 -41.68 8.06
N GLU B 80 -15.80 -41.51 8.93
CA GLU B 80 -16.06 -41.54 10.38
C GLU B 80 -16.93 -40.37 10.83
N THR B 81 -16.71 -39.16 10.29
CA THR B 81 -17.61 -38.04 10.57
C THR B 81 -19.06 -38.41 10.28
N VAL B 82 -19.31 -39.04 9.13
CA VAL B 82 -20.68 -39.41 8.75
C VAL B 82 -21.26 -40.40 9.76
N GLN B 83 -20.52 -41.47 10.04
CA GLN B 83 -20.99 -42.48 10.97
C GLN B 83 -21.19 -41.94 12.39
N HIS B 84 -20.45 -40.89 12.76
CA HIS B 84 -20.57 -40.30 14.09
C HIS B 84 -21.77 -39.35 14.20
N SER B 85 -22.25 -38.81 13.09
CA SER B 85 -23.10 -37.63 13.17
C SER B 85 -24.56 -37.94 12.81
N ASP B 86 -25.45 -37.14 13.40
CA ASP B 86 -26.86 -37.09 13.03
C ASP B 86 -27.11 -35.98 12.02
N VAL B 87 -26.63 -34.77 12.33
CA VAL B 87 -26.62 -33.63 11.43
C VAL B 87 -25.23 -33.51 10.85
N LEU B 88 -25.15 -33.25 9.54
CA LEU B 88 -23.88 -33.27 8.81
C LEU B 88 -23.74 -31.96 8.04
N PHE B 89 -22.86 -31.07 8.49
CA PHE B 89 -22.60 -29.84 7.77
C PHE B 89 -21.55 -30.13 6.69
N LEU B 90 -21.80 -29.64 5.48
CA LEU B 90 -20.82 -29.69 4.40
C LEU B 90 -20.22 -28.28 4.30
N ALA B 91 -19.00 -28.15 4.79
CA ALA B 91 -18.25 -26.90 4.79
C ALA B 91 -16.97 -27.08 4.00
N VAL B 92 -17.09 -27.76 2.86
CA VAL B 92 -15.99 -27.96 1.96
C VAL B 92 -16.07 -26.85 0.91
N LYS B 93 -15.02 -26.74 0.09
CA LYS B 93 -15.09 -25.87 -1.06
C LYS B 93 -16.27 -26.29 -1.93
N PRO B 94 -16.78 -25.39 -2.79
CA PRO B 94 -17.91 -25.78 -3.64
C PRO B 94 -17.59 -26.90 -4.60
N HIS B 95 -16.49 -26.78 -5.37
CA HIS B 95 -16.25 -27.72 -6.47
C HIS B 95 -15.95 -29.13 -6.00
N ILE B 96 -15.59 -29.32 -4.73
CA ILE B 96 -15.26 -30.66 -4.23
C ILE B 96 -16.46 -31.39 -3.63
N ILE B 97 -17.57 -30.70 -3.38
CA ILE B 97 -18.82 -31.30 -2.92
C ILE B 97 -19.13 -32.55 -3.75
N PRO B 98 -18.99 -32.54 -5.09
CA PRO B 98 -19.25 -33.79 -5.84
C PRO B 98 -18.37 -34.96 -5.45
N PHE B 99 -17.07 -34.73 -5.18
CA PHE B 99 -16.21 -35.85 -4.81
C PHE B 99 -16.51 -36.35 -3.41
N ILE B 100 -16.91 -35.45 -2.51
CA ILE B 100 -17.29 -35.86 -1.16
C ILE B 100 -18.54 -36.71 -1.22
N LEU B 101 -19.52 -36.28 -1.99
CA LEU B 101 -20.80 -36.98 -2.04
C LEU B 101 -20.63 -38.40 -2.58
N ASP B 102 -19.81 -38.57 -3.62
CA ASP B 102 -19.51 -39.92 -4.08
C ASP B 102 -18.79 -40.71 -3.01
N GLU B 103 -17.99 -40.04 -2.18
CA GLU B 103 -17.14 -40.71 -1.21
C GLU B 103 -17.91 -41.21 0.01
N ILE B 104 -18.96 -40.51 0.43
CA ILE B 104 -19.71 -40.90 1.61
C ILE B 104 -21.17 -41.21 1.31
N GLY B 105 -21.59 -41.10 0.05
CA GLY B 105 -22.99 -41.33 -0.28
C GLY B 105 -23.51 -42.67 0.22
N ALA B 106 -22.69 -43.72 0.12
CA ALA B 106 -23.10 -45.01 0.62
C ALA B 106 -23.26 -45.03 2.13
N ASP B 107 -22.58 -44.14 2.84
CA ASP B 107 -22.65 -44.07 4.29
C ASP B 107 -23.79 -43.20 4.80
N ILE B 108 -24.55 -42.55 3.90
CA ILE B 108 -25.70 -41.75 4.33
C ILE B 108 -26.83 -42.68 4.76
N GLU B 109 -27.37 -42.43 5.95
CA GLU B 109 -28.44 -43.23 6.53
C GLU B 109 -29.72 -42.41 6.62
N ASP B 110 -30.78 -43.05 7.08
CA ASP B 110 -32.07 -42.39 7.16
C ASP B 110 -32.08 -41.31 8.24
N ARG B 111 -31.30 -41.48 9.31
CA ARG B 111 -31.27 -40.52 10.41
C ARG B 111 -30.58 -39.21 10.04
N HIS B 112 -29.89 -39.19 8.91
CA HIS B 112 -29.04 -38.07 8.56
C HIS B 112 -29.84 -36.92 7.99
N ILE B 113 -29.51 -35.71 8.47
CA ILE B 113 -29.89 -34.46 7.86
C ILE B 113 -28.61 -33.88 7.27
N VAL B 114 -28.57 -33.68 5.95
CA VAL B 114 -27.38 -33.19 5.27
C VAL B 114 -27.55 -31.68 5.03
N VAL B 115 -26.63 -30.91 5.60
CA VAL B 115 -26.71 -29.45 5.58
C VAL B 115 -25.54 -28.90 4.77
N SER B 116 -25.82 -28.44 3.55
CA SER B 116 -24.79 -27.84 2.70
C SER B 116 -24.68 -26.35 2.99
N CYS B 117 -23.46 -25.92 3.34
CA CYS B 117 -23.13 -24.51 3.51
C CYS B 117 -22.33 -23.97 2.33
N ALA B 118 -21.88 -24.84 1.43
CA ALA B 118 -21.09 -24.42 0.28
C ALA B 118 -21.83 -23.38 -0.54
N ALA B 119 -21.15 -22.30 -0.89
CA ALA B 119 -21.75 -21.26 -1.70
C ALA B 119 -22.18 -21.80 -3.05
N GLY B 120 -23.42 -21.52 -3.44
CA GLY B 120 -23.88 -21.81 -4.79
C GLY B 120 -24.32 -23.23 -5.06
N VAL B 121 -23.97 -24.20 -4.22
CA VAL B 121 -24.28 -25.59 -4.52
C VAL B 121 -25.78 -25.83 -4.31
N THR B 122 -26.45 -26.24 -5.36
CA THR B 122 -27.90 -26.35 -5.31
C THR B 122 -28.36 -27.62 -4.60
N ILE B 123 -29.57 -27.55 -4.03
CA ILE B 123 -30.13 -28.72 -3.39
C ILE B 123 -30.30 -29.83 -4.40
N SER B 124 -30.69 -29.47 -5.63
CA SER B 124 -30.86 -30.43 -6.71
C SER B 124 -29.59 -31.22 -6.96
N SER B 125 -28.45 -30.54 -7.04
CA SER B 125 -27.21 -31.26 -7.29
C SER B 125 -26.89 -32.23 -6.15
N ILE B 126 -27.08 -31.80 -4.89
CA ILE B 126 -26.81 -32.70 -3.76
C ILE B 126 -27.76 -33.89 -3.80
N GLU B 127 -29.05 -33.65 -4.03
CA GLU B 127 -30.04 -34.72 -4.02
C GLU B 127 -29.82 -35.68 -5.17
N LYS B 128 -29.42 -35.16 -6.33
CA LYS B 128 -29.15 -36.03 -7.46
C LYS B 128 -28.04 -37.00 -7.13
N LYS B 129 -26.92 -36.49 -6.61
CA LYS B 129 -25.81 -37.39 -6.29
C LYS B 129 -26.21 -38.39 -5.22
N LEU B 130 -26.84 -37.90 -4.15
CA LEU B 130 -27.14 -38.78 -3.02
C LEU B 130 -28.26 -39.77 -3.36
N SER B 131 -29.21 -39.39 -4.21
CA SER B 131 -30.26 -40.32 -4.57
C SER B 131 -29.71 -41.61 -5.18
N ALA B 132 -28.51 -41.56 -5.75
CA ALA B 132 -27.91 -42.74 -6.34
C ALA B 132 -27.62 -43.85 -5.33
N PHE B 133 -27.52 -43.54 -4.04
CA PHE B 133 -27.20 -44.53 -3.02
C PHE B 133 -28.40 -44.96 -2.19
N ARG B 134 -29.28 -44.04 -1.88
CA ARG B 134 -30.45 -44.28 -1.06
C ARG B 134 -31.46 -43.17 -1.35
N PRO B 135 -32.74 -43.50 -1.55
CA PRO B 135 -33.71 -42.45 -1.91
C PRO B 135 -34.03 -41.58 -0.70
N ALA B 136 -34.69 -40.48 -0.97
CA ALA B 136 -35.13 -39.56 0.08
C ALA B 136 -33.99 -39.04 0.99
N PRO B 137 -32.86 -38.57 0.44
CA PRO B 137 -31.89 -37.88 1.31
C PRO B 137 -32.50 -36.61 1.86
N ARG B 138 -32.25 -36.35 3.14
CA ARG B 138 -32.78 -35.18 3.83
C ARG B 138 -31.74 -34.07 3.75
N VAL B 139 -31.97 -33.10 2.88
CA VAL B 139 -30.97 -32.12 2.52
C VAL B 139 -31.50 -30.74 2.86
N ILE B 140 -30.66 -29.91 3.46
CA ILE B 140 -30.97 -28.53 3.78
C ILE B 140 -29.81 -27.68 3.28
N ARG B 141 -30.12 -26.60 2.58
CA ARG B 141 -29.11 -25.69 2.08
C ARG B 141 -29.11 -24.43 2.92
N CYS B 142 -27.94 -24.00 3.36
CA CYS B 142 -27.91 -22.78 4.16
C CYS B 142 -26.76 -21.88 3.73
N MET B 143 -26.95 -20.58 3.97
CA MET B 143 -25.88 -19.60 3.84
C MET B 143 -25.80 -18.86 5.16
N THR B 144 -24.63 -18.93 5.81
CA THR B 144 -24.42 -18.31 7.11
C THR B 144 -23.14 -17.52 6.98
N ASN B 145 -22.57 -17.02 8.08
CA ASN B 145 -21.38 -16.17 7.95
C ASN B 145 -20.55 -16.24 9.22
N THR B 146 -19.31 -15.75 9.14
CA THR B 146 -18.38 -15.94 10.25
C THR B 146 -18.81 -15.33 11.60
N PRO B 147 -19.61 -14.26 11.68
CA PRO B 147 -19.99 -13.76 13.02
C PRO B 147 -20.81 -14.71 13.86
N VAL B 148 -21.13 -15.93 13.38
CA VAL B 148 -21.67 -16.93 14.29
C VAL B 148 -20.70 -17.20 15.41
N VAL B 149 -19.41 -16.95 15.18
CA VAL B 149 -18.40 -17.20 16.19
C VAL B 149 -18.65 -16.35 17.45
N VAL B 150 -19.26 -15.18 17.30
CA VAL B 150 -19.70 -14.35 18.42
C VAL B 150 -21.22 -14.36 18.56
N ARG B 151 -21.88 -15.36 17.95
CA ARG B 151 -23.32 -15.59 18.08
C ARG B 151 -24.14 -14.42 17.53
N GLU B 152 -23.61 -13.73 16.53
CA GLU B 152 -24.34 -12.70 15.82
C GLU B 152 -24.29 -12.93 14.33
N GLY B 153 -24.42 -14.18 13.90
CA GLY B 153 -24.40 -14.46 12.49
C GLY B 153 -25.68 -14.07 11.82
N ALA B 154 -25.68 -14.18 10.50
CA ALA B 154 -26.88 -14.05 9.69
C ALA B 154 -27.00 -15.31 8.85
N THR B 155 -28.07 -16.06 9.04
CA THR B 155 -28.23 -17.37 8.42
C THR B 155 -29.58 -17.47 7.73
N VAL B 156 -29.60 -17.90 6.47
CA VAL B 156 -30.84 -18.33 5.84
C VAL B 156 -30.68 -19.81 5.48
N TYR B 157 -31.81 -20.50 5.37
CA TYR B 157 -31.81 -21.90 4.97
C TYR B 157 -33.03 -22.19 4.11
N ALA B 158 -32.92 -23.21 3.24
CA ALA B 158 -34.03 -23.72 2.45
C ALA B 158 -34.11 -25.25 2.57
N THR B 159 -35.32 -25.76 2.79
CA THR B 159 -35.53 -27.20 2.95
C THR B 159 -35.62 -27.90 1.60
N GLY B 160 -35.07 -29.12 1.55
CA GLY B 160 -35.05 -29.89 0.33
C GLY B 160 -36.30 -30.73 0.15
N THR B 161 -36.29 -31.49 -0.95
CA THR B 161 -37.39 -32.36 -1.37
C THR B 161 -37.88 -33.30 -0.27
N HIS B 162 -36.94 -33.92 0.46
CA HIS B 162 -37.31 -34.97 1.40
C HIS B 162 -37.03 -34.58 2.84
N ALA B 163 -36.78 -33.29 3.09
CA ALA B 163 -36.65 -32.81 4.45
C ALA B 163 -38.01 -32.82 5.14
N GLN B 164 -38.06 -33.41 6.34
CA GLN B 164 -39.31 -33.50 7.07
C GLN B 164 -39.69 -32.13 7.63
N VAL B 165 -40.94 -32.01 8.08
CA VAL B 165 -41.40 -30.76 8.69
C VAL B 165 -40.48 -30.39 9.84
N GLU B 166 -40.09 -31.39 10.64
CA GLU B 166 -39.25 -31.16 11.81
C GLU B 166 -37.85 -30.70 11.43
N ASP B 167 -37.31 -31.18 10.30
CA ASP B 167 -35.91 -30.89 9.97
C ASP B 167 -35.66 -29.39 9.82
N GLY B 168 -36.57 -28.68 9.15
CA GLY B 168 -36.43 -27.23 9.03
C GLY B 168 -36.53 -26.54 10.38
N ARG B 169 -37.49 -26.97 11.21
CA ARG B 169 -37.63 -26.40 12.54
C ARG B 169 -36.38 -26.66 13.39
N LEU B 170 -35.88 -27.90 13.39
CA LEU B 170 -34.65 -28.20 14.12
C LEU B 170 -33.49 -27.38 13.59
N MET B 171 -33.42 -27.21 12.27
CA MET B 171 -32.37 -26.43 11.67
C MET B 171 -32.44 -24.96 12.12
N GLU B 172 -33.64 -24.37 12.11
CA GLU B 172 -33.79 -22.98 12.55
C GLU B 172 -33.38 -22.82 14.01
N GLN B 173 -33.82 -23.74 14.88
CA GLN B 173 -33.47 -23.63 16.30
C GLN B 173 -31.97 -23.68 16.48
N LEU B 174 -31.31 -24.64 15.86
CA LEU B 174 -29.86 -24.75 15.98
C LEU B 174 -29.17 -23.44 15.62
N LEU B 175 -29.53 -22.87 14.46
CA LEU B 175 -28.78 -21.70 13.98
C LEU B 175 -29.25 -20.36 14.57
N SER B 176 -30.47 -20.29 15.10
CA SER B 176 -30.85 -19.09 15.83
C SER B 176 -30.04 -18.93 17.12
N SER B 177 -29.48 -20.02 17.64
CA SER B 177 -28.63 -19.94 18.82
C SER B 177 -27.37 -19.13 18.57
N VAL B 178 -26.99 -18.96 17.30
CA VAL B 178 -25.75 -18.26 16.99
C VAL B 178 -25.99 -17.04 16.11
N GLY B 179 -27.21 -16.53 16.07
CA GLY B 179 -27.47 -15.33 15.31
C GLY B 179 -28.88 -15.33 14.76
N PHE B 180 -29.11 -14.43 13.83
CA PHE B 180 -30.38 -14.39 13.11
C PHE B 180 -30.46 -15.59 12.16
N CYS B 181 -31.64 -16.18 12.05
CA CYS B 181 -31.87 -17.29 11.14
C CYS B 181 -33.32 -17.26 10.67
N THR B 182 -33.53 -17.34 9.36
CA THR B 182 -34.89 -17.51 8.82
C THR B 182 -34.88 -18.42 7.60
N GLU B 183 -36.04 -18.99 7.30
CA GLU B 183 -36.20 -19.80 6.10
C GLU B 183 -36.46 -18.91 4.89
N VAL B 184 -35.83 -19.24 3.76
CA VAL B 184 -36.08 -18.60 2.47
C VAL B 184 -36.30 -19.66 1.40
N GLU B 185 -36.82 -19.21 0.26
CA GLU B 185 -36.82 -19.99 -0.97
C GLU B 185 -35.40 -20.12 -1.49
N GLU B 186 -35.09 -21.27 -2.10
CA GLU B 186 -33.71 -21.53 -2.49
C GLU B 186 -33.21 -20.50 -3.51
N ASP B 187 -34.09 -19.99 -4.38
CA ASP B 187 -33.66 -19.05 -5.41
C ASP B 187 -33.21 -17.71 -4.86
N LEU B 188 -33.37 -17.46 -3.55
CA LEU B 188 -32.89 -16.24 -2.93
C LEU B 188 -31.47 -16.37 -2.38
N ILE B 189 -30.93 -17.58 -2.25
CA ILE B 189 -29.74 -17.79 -1.43
C ILE B 189 -28.50 -17.22 -2.09
N ASP B 190 -28.44 -17.22 -3.42
CA ASP B 190 -27.28 -16.62 -4.09
C ASP B 190 -27.20 -15.13 -3.78
N ALA B 191 -28.35 -14.46 -3.72
CA ALA B 191 -28.40 -13.03 -3.39
C ALA B 191 -28.03 -12.81 -1.94
N VAL B 192 -28.48 -13.71 -1.04
CA VAL B 192 -28.11 -13.62 0.37
C VAL B 192 -26.60 -13.75 0.53
N THR B 193 -25.97 -14.62 -0.28
CA THR B 193 -24.52 -14.78 -0.24
C THR B 193 -23.81 -13.45 -0.53
N GLY B 194 -24.20 -12.76 -1.59
CA GLY B 194 -23.56 -11.49 -1.90
C GLY B 194 -23.78 -10.42 -0.85
N LEU B 195 -24.83 -10.56 -0.03
CA LEU B 195 -25.20 -9.55 0.95
C LEU B 195 -24.65 -9.89 2.32
N SER B 196 -25.26 -10.86 3.01
CA SER B 196 -24.81 -11.21 4.35
C SER B 196 -23.69 -12.24 4.38
N GLY B 197 -23.54 -13.08 3.35
CA GLY B 197 -22.43 -14.01 3.26
C GLY B 197 -21.08 -13.31 3.14
N SER B 198 -20.92 -12.49 2.10
CA SER B 198 -19.75 -11.64 1.90
C SER B 198 -19.78 -10.37 2.78
N GLY B 199 -20.94 -9.98 3.28
CA GLY B 199 -21.09 -8.81 4.12
C GLY B 199 -19.94 -8.51 5.06
N PRO B 200 -19.63 -9.43 5.97
CA PRO B 200 -18.59 -9.14 6.97
C PRO B 200 -17.27 -8.70 6.36
N ALA B 201 -16.91 -9.21 5.19
CA ALA B 201 -15.67 -8.74 4.57
C ALA B 201 -15.79 -7.28 4.14
N TYR B 202 -16.96 -6.86 3.66
CA TYR B 202 -17.14 -5.44 3.33
C TYR B 202 -16.98 -4.59 4.58
N ALA B 203 -17.53 -5.04 5.71
CA ALA B 203 -17.40 -4.33 6.96
C ALA B 203 -15.97 -4.29 7.47
N PHE B 204 -15.23 -5.39 7.36
CA PHE B 204 -13.83 -5.37 7.81
C PHE B 204 -13.00 -4.38 6.96
N THR B 205 -13.19 -4.40 5.64
CA THR B 205 -12.55 -3.41 4.79
C THR B 205 -12.94 -2.00 5.22
N ALA B 206 -14.21 -1.79 5.53
CA ALA B 206 -14.68 -0.47 5.92
C ALA B 206 -13.99 -0.01 7.20
N LEU B 207 -13.92 -0.91 8.19
CA LEU B 207 -13.32 -0.59 9.48
C LEU B 207 -11.84 -0.28 9.35
N ASP B 208 -11.12 -1.04 8.52
CA ASP B 208 -9.71 -0.75 8.30
C ASP B 208 -9.55 0.66 7.74
N ALA B 209 -10.39 1.01 6.78
CA ALA B 209 -10.29 2.30 6.10
C ALA B 209 -10.67 3.44 7.03
N LEU B 210 -11.76 3.27 7.79
CA LEU B 210 -12.16 4.25 8.80
C LEU B 210 -11.05 4.49 9.81
N ALA B 211 -10.40 3.41 10.28
CA ALA B 211 -9.30 3.57 11.21
C ALA B 211 -8.15 4.33 10.55
N ASP B 212 -7.89 4.07 9.27
CA ASP B 212 -6.91 4.86 8.54
C ASP B 212 -7.28 6.33 8.56
N GLY B 213 -8.56 6.64 8.40
CA GLY B 213 -8.99 8.02 8.45
C GLY B 213 -8.81 8.63 9.83
N GLY B 214 -9.19 7.89 10.87
CA GLY B 214 -8.93 8.34 12.23
C GLY B 214 -7.47 8.60 12.47
N VAL B 215 -6.59 7.70 12.02
CA VAL B 215 -5.15 7.89 12.20
C VAL B 215 -4.70 9.14 11.44
N LYS B 216 -5.19 9.33 10.21
CA LYS B 216 -4.77 10.51 9.46
C LYS B 216 -5.08 11.79 10.22
N MET B 217 -6.24 11.86 10.85
CA MET B 217 -6.68 13.02 11.62
C MET B 217 -6.15 13.02 13.05
N GLY B 218 -5.21 12.13 13.40
CA GLY B 218 -4.46 12.24 14.64
C GLY B 218 -4.81 11.26 15.76
N LEU B 219 -5.69 10.27 15.52
CA LEU B 219 -5.97 9.37 16.63
C LEU B 219 -4.98 8.21 16.66
N PRO B 220 -4.62 7.71 17.84
CA PRO B 220 -3.90 6.43 17.92
C PRO B 220 -4.69 5.31 17.22
N ARG B 221 -3.97 4.41 16.57
CA ARG B 221 -4.58 3.35 15.74
C ARG B 221 -5.58 2.51 16.53
N ARG B 222 -5.15 2.04 17.71
CA ARG B 222 -6.00 1.17 18.51
C ARG B 222 -7.30 1.88 18.90
N LEU B 223 -7.22 3.17 19.22
CA LEU B 223 -8.42 3.92 19.56
C LEU B 223 -9.32 4.09 18.34
N ALA B 224 -8.73 4.31 17.17
CA ALA B 224 -9.55 4.49 15.97
C ALA B 224 -10.24 3.19 15.58
N VAL B 225 -9.55 2.05 15.75
CA VAL B 225 -10.17 0.74 15.49
C VAL B 225 -11.39 0.57 16.38
N ARG B 226 -11.22 0.79 17.69
CA ARG B 226 -12.27 0.60 18.67
C ARG B 226 -13.47 1.50 18.37
N LEU B 227 -13.23 2.79 18.13
CA LEU B 227 -14.33 3.73 17.87
C LEU B 227 -15.05 3.39 16.57
N GLY B 228 -14.31 3.16 15.49
CA GLY B 228 -14.96 2.79 14.25
C GLY B 228 -15.87 1.58 14.41
N ALA B 229 -15.32 0.50 14.98
CA ALA B 229 -16.12 -0.72 15.18
C ALA B 229 -17.34 -0.46 16.06
N GLN B 230 -17.17 0.31 17.14
CA GLN B 230 -18.29 0.59 18.02
C GLN B 230 -19.35 1.43 17.31
N ALA B 231 -18.92 2.42 16.51
CA ALA B 231 -19.87 3.18 15.70
C ALA B 231 -20.73 2.27 14.81
N LEU B 232 -20.08 1.37 14.07
CA LEU B 232 -20.82 0.46 13.19
C LEU B 232 -21.74 -0.47 13.97
N LEU B 233 -21.26 -1.04 15.08
CA LEU B 233 -22.10 -1.94 15.88
C LEU B 233 -23.36 -1.23 16.33
N GLY B 234 -23.21 -0.04 16.93
CA GLY B 234 -24.36 0.67 17.45
C GLY B 234 -25.28 1.18 16.37
N ALA B 235 -24.73 1.57 15.22
CA ALA B 235 -25.56 1.96 14.09
C ALA B 235 -26.39 0.78 13.61
N ALA B 236 -25.75 -0.38 13.43
CA ALA B 236 -26.49 -1.58 13.02
C ALA B 236 -27.56 -1.93 14.05
N LYS B 237 -27.21 -1.90 15.34
CA LYS B 237 -28.20 -2.22 16.36
C LYS B 237 -29.38 -1.24 16.33
N MET B 238 -29.10 0.06 16.15
CA MET B 238 -30.18 1.04 16.04
C MET B 238 -31.16 0.65 14.96
N LEU B 239 -30.63 0.33 13.77
CA LEU B 239 -31.50 0.00 12.64
C LEU B 239 -32.32 -1.25 12.92
N LEU B 240 -31.68 -2.29 13.45
CA LEU B 240 -32.38 -3.52 13.77
C LEU B 240 -33.45 -3.31 14.82
N HIS B 241 -33.25 -2.37 15.75
CA HIS B 241 -34.21 -2.19 16.83
C HIS B 241 -35.18 -1.04 16.59
N SER B 242 -35.05 -0.35 15.47
CA SER B 242 -36.01 0.67 15.08
C SER B 242 -36.83 0.17 13.90
N GLU B 243 -38.05 0.68 13.78
CA GLU B 243 -38.87 0.39 12.62
C GLU B 243 -38.63 1.37 11.49
N GLN B 244 -37.52 2.11 11.52
CA GLN B 244 -37.33 3.28 10.67
C GLN B 244 -36.41 2.97 9.49
N HIS B 245 -36.64 3.71 8.41
CA HIS B 245 -35.85 3.52 7.21
C HIS B 245 -34.41 3.97 7.47
N PRO B 246 -33.41 3.25 6.95
CA PRO B 246 -32.02 3.73 7.08
C PRO B 246 -31.86 5.19 6.69
N GLY B 247 -32.63 5.64 5.69
CA GLY B 247 -32.53 7.03 5.26
C GLY B 247 -33.06 8.00 6.30
N GLN B 248 -34.14 7.63 6.99
CA GLN B 248 -34.63 8.47 8.08
C GLN B 248 -33.61 8.52 9.21
N LEU B 249 -32.90 7.42 9.46
CA LEU B 249 -31.89 7.46 10.52
C LEU B 249 -30.72 8.35 10.12
N LYS B 250 -30.31 8.28 8.85
CA LYS B 250 -29.29 9.18 8.32
C LYS B 250 -29.71 10.63 8.48
N ASP B 251 -30.96 10.96 8.11
CA ASP B 251 -31.47 12.30 8.32
C ASP B 251 -31.37 12.73 9.77
N ASN B 252 -31.84 11.87 10.70
CA ASN B 252 -31.91 12.25 12.11
C ASN B 252 -30.55 12.65 12.68
N VAL B 253 -29.45 12.19 12.10
CA VAL B 253 -28.16 12.45 12.71
C VAL B 253 -27.36 13.51 11.98
N SER B 254 -27.84 14.01 10.85
CA SER B 254 -27.12 15.01 10.04
C SER B 254 -27.71 16.38 10.32
N SER B 255 -27.14 17.06 11.31
CA SER B 255 -27.56 18.42 11.62
C SER B 255 -27.20 19.38 10.47
N PRO B 256 -28.02 20.40 10.24
CA PRO B 256 -27.76 21.29 9.11
C PRO B 256 -26.38 21.93 9.17
N GLY B 257 -25.72 21.99 8.02
CA GLY B 257 -24.39 22.58 7.94
C GLY B 257 -23.31 21.85 8.73
N GLY B 258 -23.62 20.70 9.33
CA GLY B 258 -22.71 20.06 10.26
C GLY B 258 -21.58 19.24 9.62
N ALA B 259 -20.81 18.60 10.50
CA ALA B 259 -19.69 17.78 10.05
C ALA B 259 -20.17 16.52 9.33
N THR B 260 -21.25 15.91 9.81
CA THR B 260 -21.72 14.67 9.20
C THR B 260 -22.17 14.88 7.76
N ILE B 261 -22.98 15.90 7.51
CA ILE B 261 -23.47 16.10 6.15
C ILE B 261 -22.32 16.47 5.21
N HIS B 262 -21.28 17.14 5.71
CA HIS B 262 -20.09 17.34 4.87
C HIS B 262 -19.44 16.00 4.52
N ALA B 263 -19.38 15.09 5.48
CA ALA B 263 -18.75 13.80 5.20
C ALA B 263 -19.62 12.97 4.28
N LEU B 264 -20.93 13.03 4.46
CA LEU B 264 -21.85 12.31 3.55
C LEU B 264 -21.66 12.76 2.11
N HIS B 265 -21.46 14.08 1.90
CA HIS B 265 -21.27 14.59 0.54
C HIS B 265 -20.02 13.97 -0.12
N VAL B 266 -18.89 13.90 0.61
CA VAL B 266 -17.72 13.30 -0.03
C VAL B 266 -17.95 11.81 -0.29
N LEU B 267 -18.74 11.13 0.56
CA LEU B 267 -19.11 9.74 0.26
C LEU B 267 -19.89 9.67 -1.05
N GLU B 268 -20.88 10.55 -1.23
CA GLU B 268 -21.70 10.54 -2.45
C GLU B 268 -20.87 10.90 -3.67
N SER B 269 -19.97 11.87 -3.56
CA SER B 269 -19.19 12.26 -4.74
C SER B 269 -18.34 11.11 -5.27
N GLY B 270 -17.95 10.16 -4.40
CA GLY B 270 -17.27 8.98 -4.86
C GLY B 270 -18.15 7.82 -5.31
N GLY B 271 -19.48 7.98 -5.30
CA GLY B 271 -20.35 6.86 -5.63
C GLY B 271 -20.28 5.73 -4.62
N PHE B 272 -20.13 6.08 -3.33
CA PHE B 272 -20.03 5.11 -2.24
C PHE B 272 -21.14 4.07 -2.27
N ARG B 273 -22.38 4.52 -2.50
CA ARG B 273 -23.51 3.60 -2.50
C ARG B 273 -23.38 2.59 -3.63
N SER B 274 -23.06 3.08 -4.83
CA SER B 274 -22.97 2.19 -5.97
C SER B 274 -21.89 1.13 -5.78
N LEU B 275 -20.81 1.46 -5.10
CA LEU B 275 -19.76 0.47 -4.87
C LEU B 275 -20.30 -0.71 -4.07
N LEU B 276 -21.17 -0.43 -3.10
CA LEU B 276 -21.76 -1.49 -2.29
C LEU B 276 -22.79 -2.28 -3.08
N ILE B 277 -23.55 -1.62 -3.96
CA ILE B 277 -24.41 -2.34 -4.90
C ILE B 277 -23.56 -3.21 -5.83
N ASN B 278 -22.47 -2.67 -6.35
CA ASN B 278 -21.56 -3.44 -7.20
C ASN B 278 -21.09 -4.70 -6.48
N ALA B 279 -20.76 -4.57 -5.19
CA ALA B 279 -20.19 -5.67 -4.41
C ALA B 279 -21.21 -6.79 -4.22
N VAL B 280 -22.41 -6.47 -3.76
CA VAL B 280 -23.43 -7.51 -3.60
C VAL B 280 -23.67 -8.22 -4.92
N GLU B 281 -23.73 -7.47 -6.02
CA GLU B 281 -23.98 -8.05 -7.34
C GLU B 281 -22.84 -8.97 -7.76
N ALA B 282 -21.60 -8.49 -7.61
CA ALA B 282 -20.43 -9.27 -8.00
C ALA B 282 -20.36 -10.59 -7.25
N SER B 283 -20.58 -10.54 -5.94
CA SER B 283 -20.54 -11.75 -5.13
C SER B 283 -21.66 -12.70 -5.52
N CYS B 284 -22.87 -12.17 -5.75
CA CYS B 284 -23.98 -13.01 -6.15
C CYS B 284 -23.74 -13.60 -7.54
N ILE B 285 -23.23 -12.79 -8.47
CA ILE B 285 -22.94 -13.30 -9.82
C ILE B 285 -21.84 -14.35 -9.76
N ARG B 286 -20.83 -14.13 -8.93
CA ARG B 286 -19.81 -15.15 -8.82
C ARG B 286 -20.38 -16.43 -8.20
N THR B 287 -21.25 -16.29 -7.20
CA THR B 287 -21.87 -17.46 -6.61
C THR B 287 -22.58 -18.30 -7.65
N ARG B 288 -23.30 -17.65 -8.58
CA ARG B 288 -23.97 -18.37 -9.65
C ARG B 288 -22.98 -19.01 -10.61
N GLU B 289 -21.93 -18.25 -10.99
CA GLU B 289 -20.92 -18.78 -11.90
C GLU B 289 -20.34 -20.09 -11.38
N LEU B 290 -20.10 -20.16 -10.07
CA LEU B 290 -19.49 -21.36 -9.51
C LEU B 290 -20.39 -22.56 -9.68
N GLN B 291 -21.70 -22.40 -9.45
CA GLN B 291 -22.59 -23.53 -9.65
C GLN B 291 -22.69 -23.90 -11.12
N SER B 292 -22.70 -22.92 -12.01
CA SER B 292 -22.79 -23.22 -13.43
C SER B 292 -21.52 -23.90 -13.95
N MET B 293 -20.37 -23.64 -13.33
CA MET B 293 -19.16 -24.38 -13.70
C MET B 293 -19.20 -25.81 -13.18
N ALA B 294 -19.84 -26.02 -12.02
CA ALA B 294 -20.06 -27.38 -11.55
C ALA B 294 -20.95 -28.14 -12.53
N ASP B 295 -22.13 -27.60 -12.81
CA ASP B 295 -23.06 -28.18 -13.77
C ASP B 295 -22.50 -28.17 -15.19
N SER C 22 32.63 -0.21 23.78
CA SER C 22 32.73 0.55 25.02
C SER C 22 31.54 1.50 25.20
N MET C 23 31.12 2.15 24.12
CA MET C 23 30.14 3.23 24.19
C MET C 23 28.74 2.71 24.54
N SER C 24 27.92 3.64 25.04
CA SER C 24 26.57 3.36 25.50
C SER C 24 25.57 4.11 24.64
N VAL C 25 24.38 3.53 24.50
CA VAL C 25 23.35 4.02 23.58
C VAL C 25 22.05 4.20 24.35
N GLY C 26 21.39 5.34 24.17
CA GLY C 26 20.14 5.63 24.84
C GLY C 26 18.98 5.81 23.86
N PHE C 27 17.79 5.44 24.32
CA PHE C 27 16.56 5.68 23.57
C PHE C 27 15.59 6.46 24.45
N ILE C 28 15.27 7.68 24.05
CA ILE C 28 14.16 8.41 24.64
C ILE C 28 12.94 8.14 23.76
N GLY C 29 11.99 7.39 24.30
CA GLY C 29 10.90 6.82 23.53
C GLY C 29 11.09 5.31 23.41
N ALA C 30 9.97 4.58 23.40
CA ALA C 30 9.99 3.14 23.27
C ALA C 30 8.99 2.67 22.23
N GLY C 31 8.75 3.49 21.21
CA GLY C 31 7.80 3.17 20.17
C GLY C 31 8.35 2.12 19.23
N GLN C 32 7.63 1.94 18.11
CA GLN C 32 8.00 0.93 17.13
C GLN C 32 9.42 1.15 16.61
N LEU C 33 9.79 2.41 16.37
CA LEU C 33 11.09 2.69 15.77
C LEU C 33 12.24 2.47 16.76
N ALA C 34 12.07 2.90 18.01
CA ALA C 34 13.11 2.66 19.01
C ALA C 34 13.29 1.17 19.26
N PHE C 35 12.18 0.43 19.33
CA PHE C 35 12.28 -1.02 19.45
C PHE C 35 13.05 -1.61 18.28
N ALA C 36 12.72 -1.17 17.05
CA ALA C 36 13.38 -1.68 15.86
C ALA C 36 14.88 -1.45 15.91
N LEU C 37 15.30 -0.25 16.30
CA LEU C 37 16.74 0.03 16.39
C LEU C 37 17.40 -0.82 17.46
N ALA C 38 16.81 -0.89 18.65
CA ALA C 38 17.43 -1.65 19.73
C ALA C 38 17.53 -3.14 19.37
N LYS C 39 16.52 -3.66 18.66
CA LYS C 39 16.57 -5.08 18.27
C LYS C 39 17.57 -5.31 17.16
N GLY C 40 17.54 -4.45 16.13
CA GLY C 40 18.53 -4.55 15.07
C GLY C 40 19.94 -4.37 15.57
N PHE C 41 20.14 -3.45 16.53
CA PHE C 41 21.47 -3.25 17.08
C PHE C 41 21.95 -4.48 17.86
N THR C 42 21.04 -5.10 18.61
CA THR C 42 21.43 -6.29 19.37
C THR C 42 21.71 -7.45 18.43
N ALA C 43 20.92 -7.60 17.36
CA ALA C 43 21.16 -8.67 16.40
C ALA C 43 22.45 -8.45 15.63
N ALA C 44 22.93 -7.20 15.54
CA ALA C 44 24.20 -6.94 14.88
C ALA C 44 25.40 -7.25 15.77
N GLY C 45 25.19 -7.39 17.08
CA GLY C 45 26.30 -7.55 18.00
C GLY C 45 27.28 -6.40 17.99
N VAL C 46 26.86 -5.21 17.53
CA VAL C 46 27.80 -4.09 17.48
C VAL C 46 27.98 -3.45 18.85
N LEU C 47 27.06 -3.70 19.77
CA LEU C 47 27.28 -3.44 21.18
C LEU C 47 26.38 -4.37 21.96
N ALA C 48 26.84 -4.75 23.15
CA ALA C 48 26.05 -5.61 24.01
C ALA C 48 24.79 -4.86 24.47
N ALA C 49 23.66 -5.58 24.53
CA ALA C 49 22.39 -4.96 24.88
C ALA C 49 22.40 -4.30 26.25
N HIS C 50 23.26 -4.76 27.18
CA HIS C 50 23.36 -4.09 28.46
C HIS C 50 23.96 -2.69 28.32
N LYS C 51 24.50 -2.35 27.16
CA LYS C 51 24.91 -0.98 26.83
C LYS C 51 23.74 -0.12 26.36
N ILE C 52 22.52 -0.66 26.34
CA ILE C 52 21.35 0.01 25.79
C ILE C 52 20.36 0.27 26.90
N MET C 53 19.87 1.50 26.97
CA MET C 53 18.82 1.88 27.90
C MET C 53 17.70 2.55 27.12
N ALA C 54 16.48 2.41 27.62
CA ALA C 54 15.30 2.97 26.99
C ALA C 54 14.36 3.47 28.07
N SER C 55 13.76 4.64 27.83
CA SER C 55 12.85 5.25 28.80
C SER C 55 11.60 5.70 28.08
N SER C 56 10.45 5.30 28.62
CA SER C 56 9.13 5.70 28.18
C SER C 56 8.31 5.83 29.46
N PRO C 57 7.52 6.89 29.61
CA PRO C 57 6.66 7.03 30.79
C PRO C 57 5.41 6.18 30.73
N ASP C 58 5.25 5.38 29.67
CA ASP C 58 4.00 4.67 29.43
C ASP C 58 4.22 3.32 28.76
N MET C 59 5.44 2.78 28.80
CA MET C 59 5.82 1.63 28.00
C MET C 59 4.89 0.45 28.24
N ASP C 60 4.40 -0.15 27.15
CA ASP C 60 3.52 -1.30 27.28
C ASP C 60 4.31 -2.55 27.68
N LEU C 61 3.67 -3.40 28.48
CA LEU C 61 4.36 -4.56 29.06
C LEU C 61 4.90 -5.49 28.00
N ALA C 62 4.28 -5.51 26.81
CA ALA C 62 4.85 -6.29 25.71
C ALA C 62 6.21 -5.73 25.30
N THR C 63 6.30 -4.40 25.15
CA THR C 63 7.58 -3.79 24.82
C THR C 63 8.55 -3.85 25.99
N VAL C 64 8.03 -3.85 27.23
CA VAL C 64 8.91 -4.03 28.39
C VAL C 64 9.47 -5.45 28.42
N SER C 65 8.59 -6.45 28.30
CA SER C 65 9.05 -7.84 28.34
C SER C 65 9.88 -8.19 27.11
N ALA C 66 9.59 -7.55 25.97
CA ALA C 66 10.41 -7.78 24.78
C ALA C 66 11.81 -7.21 24.98
N LEU C 67 11.90 -5.95 25.42
CA LEU C 67 13.20 -5.33 25.58
C LEU C 67 13.97 -5.93 26.75
N ARG C 68 13.27 -6.28 27.84
CA ARG C 68 13.97 -6.83 28.99
C ARG C 68 14.57 -8.18 28.67
N LYS C 69 13.84 -9.03 27.94
CA LYS C 69 14.40 -10.32 27.54
C LYS C 69 15.57 -10.14 26.57
N MET C 70 15.59 -9.02 25.84
CA MET C 70 16.73 -8.67 24.99
C MET C 70 17.97 -8.31 25.81
N GLY C 71 17.81 -8.06 27.10
CA GLY C 71 18.87 -7.50 27.91
C GLY C 71 18.89 -5.98 27.95
N VAL C 72 17.89 -5.33 27.39
CA VAL C 72 17.86 -3.86 27.30
C VAL C 72 17.38 -3.28 28.62
N LYS C 73 18.26 -2.50 29.28
CA LYS C 73 17.88 -1.85 30.53
C LYS C 73 16.80 -0.80 30.29
N LEU C 74 15.86 -0.69 31.23
CA LEU C 74 14.67 0.15 31.12
C LEU C 74 14.50 1.01 32.36
N THR C 75 13.93 2.20 32.16
CA THR C 75 13.67 3.15 33.23
C THR C 75 12.51 4.05 32.81
N PRO C 76 11.81 4.67 33.76
CA PRO C 76 10.77 5.64 33.36
C PRO C 76 11.32 7.05 33.24
N HIS C 77 12.50 7.28 33.82
CA HIS C 77 13.07 8.62 33.97
C HIS C 77 14.01 8.91 32.80
N ASN C 78 13.56 9.77 31.87
CA ASN C 78 14.37 10.16 30.72
C ASN C 78 15.75 10.67 31.10
N LYS C 79 15.91 11.20 32.32
CA LYS C 79 17.22 11.67 32.76
C LYS C 79 18.16 10.50 33.06
N GLU C 80 17.61 9.37 33.50
CA GLU C 80 18.46 8.20 33.74
C GLU C 80 19.13 7.74 32.46
N THR C 81 18.38 7.76 31.36
CA THR C 81 18.94 7.38 30.06
C THR C 81 20.08 8.31 29.67
N VAL C 82 19.85 9.62 29.81
CA VAL C 82 20.86 10.62 29.45
C VAL C 82 22.14 10.39 30.25
N GLN C 83 22.01 10.18 31.55
CA GLN C 83 23.21 9.99 32.36
C GLN C 83 23.89 8.67 32.03
N HIS C 84 23.15 7.69 31.52
CA HIS C 84 23.73 6.39 31.15
C HIS C 84 24.40 6.41 29.78
N SER C 85 23.99 7.29 28.88
CA SER C 85 24.28 7.10 27.46
C SER C 85 25.32 8.07 26.94
N ASP C 86 26.08 7.62 25.94
CA ASP C 86 26.95 8.45 25.11
C ASP C 86 26.18 8.97 23.89
N VAL C 87 25.56 8.05 23.15
CA VAL C 87 24.74 8.37 21.99
C VAL C 87 23.28 8.29 22.40
N LEU C 88 22.52 9.35 22.13
CA LEU C 88 21.17 9.51 22.67
C LEU C 88 20.19 9.63 21.50
N PHE C 89 19.40 8.57 21.28
CA PHE C 89 18.36 8.58 20.25
C PHE C 89 17.07 9.18 20.79
N LEU C 90 16.51 10.11 20.05
CA LEU C 90 15.22 10.71 20.35
C LEU C 90 14.23 10.13 19.36
N ALA C 91 13.41 9.18 19.81
CA ALA C 91 12.45 8.48 18.95
C ALA C 91 11.06 8.65 19.55
N VAL C 92 10.55 9.89 19.54
CA VAL C 92 9.26 10.22 20.09
C VAL C 92 8.50 10.99 19.01
N LYS C 93 7.24 11.28 19.28
CA LYS C 93 6.45 12.07 18.35
C LYS C 93 7.06 13.48 18.23
N PRO C 94 6.96 14.12 17.06
CA PRO C 94 7.64 15.41 16.87
C PRO C 94 7.27 16.47 17.89
N HIS C 95 5.99 16.62 18.23
CA HIS C 95 5.59 17.65 19.19
C HIS C 95 6.11 17.38 20.59
N ILE C 96 6.40 16.12 20.92
CA ILE C 96 6.92 15.81 22.24
C ILE C 96 8.36 16.27 22.40
N ILE C 97 9.07 16.45 21.28
CA ILE C 97 10.50 16.76 21.36
C ILE C 97 10.80 18.02 22.17
N PRO C 98 10.16 19.18 21.92
CA PRO C 98 10.48 20.36 22.74
C PRO C 98 10.35 20.11 24.23
N PHE C 99 9.40 19.28 24.66
CA PHE C 99 9.28 18.99 26.08
C PHE C 99 10.43 18.13 26.57
N ILE C 100 10.83 17.13 25.77
CA ILE C 100 11.98 16.31 26.13
C ILE C 100 13.21 17.17 26.34
N LEU C 101 13.48 18.07 25.39
CA LEU C 101 14.70 18.85 25.43
C LEU C 101 14.75 19.73 26.66
N ASP C 102 13.62 20.30 27.06
CA ASP C 102 13.57 21.07 28.29
C ASP C 102 13.86 20.21 29.51
N GLU C 103 13.38 18.96 29.49
CA GLU C 103 13.55 18.08 30.66
C GLU C 103 15.02 17.69 30.85
N ILE C 104 15.65 17.23 29.76
CA ILE C 104 16.99 16.67 29.81
C ILE C 104 18.06 17.68 29.45
N GLY C 105 17.69 18.88 29.00
CA GLY C 105 18.66 19.82 28.47
C GLY C 105 19.77 20.15 29.45
N ALA C 106 19.46 20.24 30.74
CA ALA C 106 20.48 20.53 31.73
C ALA C 106 21.43 19.36 31.93
N ASP C 107 21.03 18.15 31.55
CA ASP C 107 21.81 16.96 31.77
C ASP C 107 22.70 16.61 30.59
N ILE C 108 22.59 17.34 29.49
CA ILE C 108 23.41 17.11 28.31
C ILE C 108 24.84 17.53 28.61
N GLU C 109 25.76 16.56 28.58
CA GLU C 109 27.17 16.81 28.75
C GLU C 109 27.83 17.05 27.39
N ASP C 110 29.10 17.43 27.42
CA ASP C 110 29.85 17.58 26.17
C ASP C 110 30.06 16.25 25.46
N ARG C 111 29.99 15.13 26.18
CA ARG C 111 30.23 13.83 25.57
C ARG C 111 29.07 13.34 24.73
N HIS C 112 27.88 13.91 24.93
CA HIS C 112 26.68 13.36 24.32
C HIS C 112 26.62 13.66 22.82
N ILE C 113 26.04 12.72 22.08
CA ILE C 113 25.66 12.91 20.70
C ILE C 113 24.15 12.73 20.63
N VAL C 114 23.44 13.79 20.23
CA VAL C 114 21.98 13.79 20.22
C VAL C 114 21.55 13.44 18.82
N VAL C 115 21.00 12.24 18.65
CA VAL C 115 20.53 11.74 17.37
C VAL C 115 19.02 11.83 17.37
N SER C 116 18.45 12.76 16.62
CA SER C 116 17.00 12.89 16.52
C SER C 116 16.45 12.03 15.39
N CYS C 117 15.41 11.26 15.70
CA CYS C 117 14.64 10.58 14.69
C CYS C 117 13.26 11.16 14.47
N ALA C 118 12.78 12.01 15.37
CA ALA C 118 11.42 12.52 15.28
C ALA C 118 11.24 13.28 13.97
N ALA C 119 10.24 12.86 13.20
CA ALA C 119 10.14 13.25 11.80
C ALA C 119 9.90 14.75 11.65
N GLY C 120 10.61 15.36 10.73
CA GLY C 120 10.48 16.78 10.46
C GLY C 120 11.04 17.72 11.51
N VAL C 121 11.70 17.21 12.55
CA VAL C 121 12.29 18.08 13.55
C VAL C 121 13.67 18.49 13.08
N THR C 122 13.84 19.79 12.84
CA THR C 122 15.06 20.33 12.24
C THR C 122 16.21 20.37 13.24
N ILE C 123 17.44 20.33 12.72
CA ILE C 123 18.62 20.48 13.56
C ILE C 123 18.59 21.84 14.26
N SER C 124 18.11 22.87 13.55
CA SER C 124 17.98 24.19 14.14
C SER C 124 17.09 24.18 15.37
N SER C 125 15.91 23.57 15.28
CA SER C 125 15.02 23.60 16.43
C SER C 125 15.64 22.90 17.63
N ILE C 126 16.49 21.90 17.39
CA ILE C 126 17.09 21.17 18.51
C ILE C 126 18.24 21.96 19.10
N GLU C 127 19.12 22.46 18.24
CA GLU C 127 20.27 23.22 18.68
C GLU C 127 19.84 24.48 19.41
N LYS C 128 18.74 25.11 18.98
CA LYS C 128 18.23 26.29 19.67
C LYS C 128 17.83 25.94 21.11
N LYS C 129 16.98 24.92 21.26
CA LYS C 129 16.58 24.46 22.58
C LYS C 129 17.80 24.15 23.45
N LEU C 130 18.69 23.28 22.95
CA LEU C 130 19.79 22.78 23.76
C LEU C 130 20.87 23.84 24.00
N SER C 131 21.00 24.83 23.13
CA SER C 131 21.99 25.88 23.36
C SER C 131 21.67 26.73 24.58
N ALA C 132 20.39 26.81 25.00
CA ALA C 132 20.06 27.55 26.21
C ALA C 132 20.77 27.00 27.45
N PHE C 133 21.21 25.74 27.42
CA PHE C 133 21.90 25.13 28.55
C PHE C 133 23.40 25.07 28.34
N ARG C 134 23.86 24.30 27.35
CA ARG C 134 25.27 24.22 27.04
C ARG C 134 25.49 24.69 25.61
N PRO C 135 26.62 25.35 25.31
CA PRO C 135 26.69 26.17 24.08
C PRO C 135 26.83 25.38 22.78
N ALA C 136 27.42 24.18 22.78
CA ALA C 136 27.76 23.48 21.53
C ALA C 136 27.17 22.07 21.50
N PRO C 137 25.86 21.92 21.56
CA PRO C 137 25.27 20.58 21.49
C PRO C 137 25.63 19.87 20.17
N ARG C 138 25.98 18.59 20.29
CA ARG C 138 26.41 17.77 19.16
C ARG C 138 25.18 17.01 18.66
N VAL C 139 24.62 17.46 17.54
CA VAL C 139 23.30 17.04 17.12
C VAL C 139 23.41 16.40 15.76
N ILE C 140 22.75 15.25 15.59
CA ILE C 140 22.64 14.58 14.32
C ILE C 140 21.15 14.33 14.06
N ARG C 141 20.69 14.64 12.85
CA ARG C 141 19.33 14.34 12.44
C ARG C 141 19.32 13.09 11.59
N CYS C 142 18.39 12.20 11.86
CA CYS C 142 18.40 10.86 11.32
C CYS C 142 17.05 10.54 10.69
N MET C 143 17.07 9.97 9.48
CA MET C 143 15.86 9.43 8.84
C MET C 143 16.08 7.93 8.57
N THR C 144 15.51 7.08 9.41
CA THR C 144 15.63 5.63 9.28
C THR C 144 14.22 5.02 9.15
N ASN C 145 14.15 3.69 9.04
CA ASN C 145 12.84 3.05 8.86
C ASN C 145 12.80 1.72 9.63
N THR C 146 11.59 1.15 9.75
CA THR C 146 11.39 0.00 10.61
CA THR C 146 11.41 0.00 10.62
C THR C 146 12.18 -1.24 10.20
N PRO C 147 12.50 -1.50 8.91
CA PRO C 147 13.22 -2.74 8.60
C PRO C 147 14.61 -2.86 9.23
N VAL C 148 15.07 -1.82 9.93
CA VAL C 148 16.29 -2.00 10.73
C VAL C 148 16.12 -3.17 11.69
N VAL C 149 14.86 -3.55 11.98
CA VAL C 149 14.59 -4.62 12.92
C VAL C 149 15.03 -5.97 12.37
N VAL C 150 15.06 -6.13 11.03
CA VAL C 150 15.65 -7.29 10.37
C VAL C 150 16.98 -6.93 9.72
N ARG C 151 17.55 -5.79 10.11
CA ARG C 151 18.87 -5.33 9.67
C ARG C 151 18.90 -5.02 8.17
N GLU C 152 17.77 -4.61 7.62
CA GLU C 152 17.71 -4.16 6.24
C GLU C 152 17.09 -2.78 6.15
N GLY C 153 17.46 -1.90 7.09
CA GLY C 153 16.95 -0.56 7.04
C GLY C 153 17.61 0.26 5.96
N ALA C 154 17.03 1.43 5.72
CA ALA C 154 17.59 2.46 4.87
C ALA C 154 17.66 3.73 5.71
N THR C 155 18.87 4.26 5.91
CA THR C 155 19.08 5.38 6.81
C THR C 155 19.90 6.49 6.14
N VAL C 156 19.45 7.72 6.33
CA VAL C 156 20.27 8.87 6.02
C VAL C 156 20.41 9.69 7.30
N TYR C 157 21.48 10.46 7.37
CA TYR C 157 21.68 11.34 8.52
C TYR C 157 22.33 12.63 8.05
N ALA C 158 22.06 13.70 8.78
CA ALA C 158 22.67 14.99 8.55
C ALA C 158 23.33 15.44 9.83
N THR C 159 24.56 15.97 9.73
CA THR C 159 25.28 16.41 10.91
C THR C 159 25.00 17.88 11.18
N GLY C 160 25.00 18.25 12.45
CA GLY C 160 24.64 19.58 12.88
C GLY C 160 25.84 20.49 13.03
N THR C 161 25.58 21.68 13.57
CA THR C 161 26.58 22.73 13.58
C THR C 161 27.81 22.35 14.40
N HIS C 162 27.61 21.66 15.52
CA HIS C 162 28.72 21.33 16.40
C HIS C 162 29.08 19.85 16.42
N ALA C 163 28.46 19.02 15.59
CA ALA C 163 28.86 17.63 15.46
C ALA C 163 30.27 17.55 14.90
N GLN C 164 31.18 16.92 15.64
CA GLN C 164 32.53 16.79 15.15
C GLN C 164 32.57 15.74 14.04
N VAL C 165 33.62 15.79 13.23
CA VAL C 165 33.66 14.93 12.05
C VAL C 165 33.58 13.46 12.47
N GLU C 166 34.18 13.10 13.61
CA GLU C 166 34.13 11.72 14.09
C GLU C 166 32.71 11.30 14.47
N ASP C 167 31.84 12.26 14.82
CA ASP C 167 30.48 11.91 15.20
C ASP C 167 29.72 11.33 14.01
N GLY C 168 29.89 11.94 12.83
CA GLY C 168 29.21 11.44 11.66
C GLY C 168 29.66 10.04 11.29
N ARG C 169 30.97 9.77 11.42
CA ARG C 169 31.47 8.42 11.19
C ARG C 169 30.87 7.44 12.18
N LEU C 170 30.85 7.82 13.46
CA LEU C 170 30.24 6.97 14.49
C LEU C 170 28.79 6.67 14.16
N MET C 171 28.06 7.69 13.71
CA MET C 171 26.69 7.49 13.28
C MET C 171 26.64 6.52 12.10
N GLU C 172 27.54 6.73 11.13
CA GLU C 172 27.55 5.94 9.91
C GLU C 172 27.83 4.47 10.21
N GLN C 173 28.85 4.21 11.03
CA GLN C 173 29.17 2.83 11.39
C GLN C 173 28.06 2.19 12.21
N LEU C 174 27.43 2.96 13.08
CA LEU C 174 26.38 2.41 13.93
C LEU C 174 25.17 2.02 13.09
N LEU C 175 24.66 2.94 12.27
CA LEU C 175 23.49 2.62 11.47
C LEU C 175 23.80 1.70 10.28
N SER C 176 25.07 1.56 9.89
CA SER C 176 25.40 0.63 8.82
C SER C 176 25.25 -0.82 9.23
N SER C 177 25.29 -1.10 10.54
CA SER C 177 25.10 -2.45 11.01
C SER C 177 23.65 -2.92 10.90
N VAL C 178 22.70 -2.05 10.54
CA VAL C 178 21.31 -2.50 10.48
C VAL C 178 20.66 -2.15 9.16
N GLY C 179 21.47 -1.85 8.15
CA GLY C 179 20.95 -1.54 6.84
C GLY C 179 21.89 -0.60 6.11
N PHE C 180 21.40 -0.07 4.98
CA PHE C 180 22.11 0.95 4.23
C PHE C 180 22.09 2.26 5.01
N CYS C 181 23.20 3.01 4.94
CA CYS C 181 23.31 4.30 5.62
C CYS C 181 24.26 5.20 4.84
N THR C 182 23.87 6.46 4.66
CA THR C 182 24.78 7.43 4.07
C THR C 182 24.41 8.82 4.60
N GLU C 183 25.38 9.73 4.52
CA GLU C 183 25.15 11.11 4.93
C GLU C 183 24.50 11.89 3.80
N VAL C 184 23.51 12.71 4.16
CA VAL C 184 22.91 13.66 3.22
C VAL C 184 22.90 15.05 3.87
N GLU C 185 22.75 16.07 3.04
CA GLU C 185 22.39 17.39 3.52
C GLU C 185 20.99 17.33 4.13
N GLU C 186 20.78 18.12 5.19
CA GLU C 186 19.52 18.08 5.92
C GLU C 186 18.33 18.42 5.03
N ASP C 187 18.55 19.21 3.96
CA ASP C 187 17.44 19.61 3.10
C ASP C 187 16.84 18.46 2.28
N LEU C 188 17.50 17.30 2.19
CA LEU C 188 16.96 16.15 1.47
C LEU C 188 16.18 15.19 2.35
N ILE C 189 16.14 15.41 3.67
CA ILE C 189 15.61 14.39 4.59
C ILE C 189 14.11 14.29 4.48
N ASP C 190 13.44 15.42 4.23
CA ASP C 190 12.01 15.36 3.91
C ASP C 190 11.75 14.45 2.70
N ALA C 191 12.57 14.56 1.66
CA ALA C 191 12.37 13.72 0.49
C ALA C 191 12.67 12.26 0.80
N VAL C 192 13.75 12.01 1.55
CA VAL C 192 14.02 10.63 1.96
C VAL C 192 12.86 10.06 2.75
N THR C 193 12.25 10.88 3.63
CA THR C 193 11.09 10.43 4.37
C THR C 193 10.01 9.92 3.42
N GLY C 194 9.70 10.71 2.40
CA GLY C 194 8.68 10.30 1.45
C GLY C 194 9.05 9.05 0.67
N LEU C 195 10.34 8.77 0.53
CA LEU C 195 10.81 7.63 -0.23
C LEU C 195 11.08 6.42 0.65
N SER C 196 12.23 6.37 1.35
CA SER C 196 12.52 5.20 2.17
C SER C 196 11.86 5.25 3.55
N GLY C 197 11.52 6.43 4.07
CA GLY C 197 10.90 6.46 5.39
C GLY C 197 9.48 5.91 5.39
N SER C 198 8.66 6.36 4.42
CA SER C 198 7.31 5.86 4.22
C SER C 198 7.27 4.62 3.33
N GLY C 199 8.32 4.38 2.53
CA GLY C 199 8.40 3.22 1.67
C GLY C 199 7.84 1.92 2.22
N PRO C 200 8.25 1.50 3.43
CA PRO C 200 7.77 0.20 3.93
C PRO C 200 6.27 0.11 4.03
N ALA C 201 5.59 1.21 4.39
CA ALA C 201 4.13 1.13 4.40
C ALA C 201 3.57 0.96 2.98
N TYR C 202 4.20 1.57 1.96
CA TYR C 202 3.75 1.33 0.59
C TYR C 202 3.93 -0.14 0.21
N ALA C 203 5.08 -0.72 0.56
CA ALA C 203 5.32 -2.14 0.32
C ALA C 203 4.28 -3.01 1.00
N PHE C 204 3.92 -2.71 2.26
CA PHE C 204 2.97 -3.55 2.97
C PHE C 204 1.58 -3.47 2.32
N THR C 205 1.18 -2.28 1.91
CA THR C 205 -0.06 -2.12 1.17
C THR C 205 -0.05 -2.90 -0.14
N ALA C 206 1.08 -2.86 -0.85
CA ALA C 206 1.17 -3.54 -2.12
C ALA C 206 1.10 -5.05 -1.94
N LEU C 207 1.80 -5.56 -0.92
CA LEU C 207 1.81 -6.99 -0.66
C LEU C 207 0.43 -7.48 -0.22
N ASP C 208 -0.31 -6.67 0.52
CA ASP C 208 -1.65 -7.07 0.91
C ASP C 208 -2.57 -7.12 -0.32
N ALA C 209 -2.42 -6.18 -1.25
CA ALA C 209 -3.22 -6.19 -2.45
C ALA C 209 -2.77 -7.29 -3.43
N LEU C 210 -1.47 -7.50 -3.54
CA LEU C 210 -0.99 -8.56 -4.42
C LEU C 210 -1.55 -9.91 -3.97
N ALA C 211 -1.61 -10.11 -2.64
CA ALA C 211 -2.10 -11.38 -2.13
C ALA C 211 -3.60 -11.50 -2.34
N ASP C 212 -4.34 -10.40 -2.19
CA ASP C 212 -5.73 -10.38 -2.59
C ASP C 212 -5.89 -10.81 -4.03
N GLY C 213 -4.99 -10.37 -4.90
CA GLY C 213 -5.02 -10.80 -6.28
C GLY C 213 -4.79 -12.29 -6.42
N GLY C 214 -3.79 -12.82 -5.70
CA GLY C 214 -3.55 -14.25 -5.71
C GLY C 214 -4.74 -15.04 -5.22
N VAL C 215 -5.35 -14.59 -4.12
CA VAL C 215 -6.57 -15.21 -3.61
C VAL C 215 -7.66 -15.16 -4.67
N LYS C 216 -7.83 -14.01 -5.33
CA LYS C 216 -8.87 -13.92 -6.36
C LYS C 216 -8.68 -14.98 -7.46
N MET C 217 -7.44 -15.29 -7.82
CA MET C 217 -7.14 -16.25 -8.86
C MET C 217 -6.98 -17.68 -8.35
N GLY C 218 -7.27 -17.93 -7.07
CA GLY C 218 -7.34 -19.29 -6.56
C GLY C 218 -6.27 -19.70 -5.57
N LEU C 219 -5.31 -18.80 -5.19
CA LEU C 219 -4.28 -19.24 -4.25
C LEU C 219 -4.76 -19.13 -2.81
N PRO C 220 -4.32 -20.04 -1.94
CA PRO C 220 -4.52 -19.84 -0.51
C PRO C 220 -3.84 -18.55 -0.05
N ARG C 221 -4.50 -17.86 0.89
CA ARG C 221 -4.01 -16.56 1.39
C ARG C 221 -2.55 -16.62 1.84
N ARG C 222 -2.25 -17.57 2.70
CA ARG C 222 -0.92 -17.72 3.27
C ARG C 222 0.13 -17.87 2.17
N LEU C 223 -0.11 -18.78 1.22
CA LEU C 223 0.82 -18.94 0.11
C LEU C 223 0.90 -17.67 -0.75
N ALA C 224 -0.22 -17.01 -1.03
CA ALA C 224 -0.19 -15.75 -1.77
C ALA C 224 0.67 -14.70 -1.06
N VAL C 225 0.50 -14.57 0.25
CA VAL C 225 1.30 -13.60 1.00
C VAL C 225 2.78 -13.92 0.88
N ARG C 226 3.14 -15.18 1.10
CA ARG C 226 4.52 -15.61 1.02
C ARG C 226 5.11 -15.40 -0.38
N LEU C 227 4.38 -15.77 -1.44
CA LEU C 227 4.91 -15.62 -2.79
C LEU C 227 5.08 -14.16 -3.19
N GLY C 228 4.14 -13.30 -2.82
CA GLY C 228 4.26 -11.90 -3.16
C GLY C 228 5.44 -11.23 -2.45
N ALA C 229 5.59 -11.52 -1.14
CA ALA C 229 6.70 -10.93 -0.40
C ALA C 229 8.05 -11.41 -0.94
N GLN C 230 8.16 -12.70 -1.27
CA GLN C 230 9.39 -13.24 -1.84
C GLN C 230 9.71 -12.62 -3.19
N ALA C 231 8.68 -12.41 -4.03
CA ALA C 231 8.89 -11.78 -5.33
C ALA C 231 9.39 -10.33 -5.17
N LEU C 232 8.78 -9.57 -4.27
CA LEU C 232 9.26 -8.21 -4.00
C LEU C 232 10.70 -8.21 -3.54
N LEU C 233 11.05 -9.08 -2.59
CA LEU C 233 12.39 -9.10 -2.03
C LEU C 233 13.41 -9.46 -3.10
N GLY C 234 13.12 -10.52 -3.88
CA GLY C 234 14.04 -10.93 -4.92
C GLY C 234 14.27 -9.85 -5.95
N ALA C 235 13.18 -9.20 -6.39
CA ALA C 235 13.26 -8.11 -7.34
C ALA C 235 14.12 -6.95 -6.81
N ALA C 236 13.81 -6.47 -5.62
CA ALA C 236 14.61 -5.40 -5.03
C ALA C 236 16.07 -5.82 -4.88
N LYS C 237 16.32 -7.06 -4.49
CA LYS C 237 17.70 -7.52 -4.40
C LYS C 237 18.38 -7.55 -5.77
N MET C 238 17.65 -7.99 -6.81
CA MET C 238 18.20 -7.98 -8.16
C MET C 238 18.67 -6.59 -8.56
N LEU C 239 17.84 -5.59 -8.27
CA LEU C 239 18.16 -4.21 -8.66
C LEU C 239 19.38 -3.69 -7.90
N LEU C 240 19.40 -3.88 -6.58
CA LEU C 240 20.54 -3.48 -5.76
C LEU C 240 21.85 -4.08 -6.27
N HIS C 241 21.84 -5.34 -6.68
CA HIS C 241 23.07 -6.00 -7.09
C HIS C 241 23.31 -5.91 -8.57
N SER C 242 22.62 -5.00 -9.25
CA SER C 242 22.67 -4.89 -10.70
C SER C 242 23.13 -3.50 -11.12
N GLU C 243 23.88 -3.45 -12.22
CA GLU C 243 24.22 -2.18 -12.84
C GLU C 243 23.04 -1.58 -13.60
N GLN C 244 22.00 -2.36 -13.87
CA GLN C 244 21.06 -2.03 -14.92
C GLN C 244 19.93 -1.14 -14.41
N HIS C 245 19.36 -0.39 -15.35
CA HIS C 245 18.18 0.41 -15.04
C HIS C 245 17.02 -0.50 -14.68
N PRO C 246 16.19 -0.14 -13.70
CA PRO C 246 14.97 -0.90 -13.42
C PRO C 246 14.11 -1.14 -14.65
N GLY C 247 14.04 -0.18 -15.58
CA GLY C 247 13.28 -0.40 -16.79
C GLY C 247 13.90 -1.47 -17.66
N GLN C 248 15.23 -1.55 -17.67
CA GLN C 248 15.92 -2.65 -18.35
C GLN C 248 15.57 -4.00 -17.73
N LEU C 249 15.57 -4.09 -16.40
CA LEU C 249 15.20 -5.36 -15.78
C LEU C 249 13.74 -5.70 -16.03
N LYS C 250 12.87 -4.68 -16.08
CA LYS C 250 11.49 -4.89 -16.51
C LYS C 250 11.44 -5.42 -17.94
N ASP C 251 12.25 -4.85 -18.84
CA ASP C 251 12.30 -5.35 -20.21
C ASP C 251 12.66 -6.82 -20.23
N ASN C 252 13.67 -7.23 -19.44
CA ASN C 252 14.14 -8.62 -19.46
C ASN C 252 13.11 -9.61 -18.91
N VAL C 253 12.15 -9.13 -18.11
CA VAL C 253 11.13 -10.04 -17.58
C VAL C 253 9.98 -10.24 -18.57
N SER C 254 9.73 -9.29 -19.47
CA SER C 254 8.48 -9.25 -20.23
C SER C 254 8.73 -9.92 -21.59
N SER C 255 8.31 -11.17 -21.72
CA SER C 255 8.44 -11.83 -23.01
C SER C 255 7.38 -11.30 -23.99
N PRO C 256 7.70 -11.20 -25.27
CA PRO C 256 6.72 -10.77 -26.27
C PRO C 256 5.39 -11.52 -26.13
N GLY C 257 4.29 -10.76 -26.25
CA GLY C 257 2.94 -11.29 -26.20
C GLY C 257 2.52 -11.89 -24.87
N GLY C 258 3.37 -11.85 -23.85
CA GLY C 258 3.23 -12.72 -22.70
C GLY C 258 2.41 -12.15 -21.55
N ALA C 259 2.40 -12.94 -20.47
CA ALA C 259 1.50 -12.63 -19.36
C ALA C 259 1.96 -11.40 -18.60
N THR C 260 3.26 -11.22 -18.45
CA THR C 260 3.77 -10.10 -17.69
C THR C 260 3.49 -8.78 -18.39
N ILE C 261 3.70 -8.70 -19.71
CA ILE C 261 3.46 -7.42 -20.38
C ILE C 261 1.96 -7.09 -20.38
N HIS C 262 1.10 -8.11 -20.42
CA HIS C 262 -0.33 -7.87 -20.30
C HIS C 262 -0.66 -7.28 -18.94
N ALA C 263 0.04 -7.73 -17.90
CA ALA C 263 -0.20 -7.21 -16.56
C ALA C 263 0.31 -5.79 -16.45
N LEU C 264 1.51 -5.55 -16.99
CA LEU C 264 2.09 -4.21 -16.98
C LEU C 264 1.17 -3.21 -17.63
N HIS C 265 0.48 -3.63 -18.70
CA HIS C 265 -0.44 -2.71 -19.38
C HIS C 265 -1.54 -2.23 -18.44
N VAL C 266 -2.20 -3.17 -17.72
CA VAL C 266 -3.29 -2.74 -16.85
C VAL C 266 -2.75 -1.88 -15.71
N LEU C 267 -1.50 -2.09 -15.26
CA LEU C 267 -0.92 -1.21 -14.26
C LEU C 267 -0.80 0.20 -14.82
N GLU C 268 -0.30 0.31 -16.06
CA GLU C 268 -0.15 1.61 -16.69
C GLU C 268 -1.49 2.30 -16.88
N SER C 269 -2.52 1.53 -17.24
CA SER C 269 -3.81 2.15 -17.53
C SER C 269 -4.42 2.81 -16.30
N GLY C 270 -4.13 2.27 -15.10
CA GLY C 270 -4.51 2.89 -13.86
C GLY C 270 -3.61 4.01 -13.39
N GLY C 271 -2.52 4.29 -14.11
CA GLY C 271 -1.60 5.32 -13.69
C GLY C 271 -0.79 4.92 -12.48
N PHE C 272 -0.43 3.63 -12.43
CA PHE C 272 0.25 3.04 -11.28
C PHE C 272 1.50 3.83 -10.89
N ARG C 273 2.32 4.21 -11.88
CA ARG C 273 3.55 4.93 -11.59
C ARG C 273 3.26 6.26 -10.90
N SER C 274 2.26 6.99 -11.39
CA SER C 274 1.97 8.32 -10.86
C SER C 274 1.47 8.26 -9.42
N LEU C 275 0.85 7.16 -9.03
CA LEU C 275 0.40 6.98 -7.66
C LEU C 275 1.57 6.93 -6.69
N LEU C 276 2.62 6.18 -7.06
CA LEU C 276 3.83 6.14 -6.25
C LEU C 276 4.54 7.49 -6.21
N ILE C 277 4.56 8.22 -7.33
CA ILE C 277 5.07 9.60 -7.32
C ILE C 277 4.22 10.47 -6.40
N ASN C 278 2.88 10.37 -6.51
CA ASN C 278 2.02 11.13 -5.61
C ASN C 278 2.34 10.83 -4.15
N ALA C 279 2.62 9.55 -3.84
CA ALA C 279 2.84 9.11 -2.47
C ALA C 279 4.09 9.73 -1.86
N VAL C 280 5.24 9.55 -2.52
CA VAL C 280 6.49 10.17 -2.06
C VAL C 280 6.32 11.69 -1.92
N GLU C 281 5.59 12.31 -2.85
CA GLU C 281 5.43 13.76 -2.78
C GLU C 281 4.57 14.14 -1.58
N ALA C 282 3.45 13.45 -1.39
CA ALA C 282 2.55 13.75 -0.29
C ALA C 282 3.24 13.54 1.06
N SER C 283 4.09 12.52 1.16
CA SER C 283 4.76 12.26 2.41
C SER C 283 5.85 13.29 2.66
N CYS C 284 6.59 13.69 1.61
CA CYS C 284 7.61 14.71 1.77
C CYS C 284 6.99 16.05 2.17
N ILE C 285 5.89 16.42 1.52
CA ILE C 285 5.22 17.69 1.82
C ILE C 285 4.62 17.69 3.22
N ARG C 286 4.04 16.56 3.65
CA ARG C 286 3.56 16.52 5.03
C ARG C 286 4.74 16.65 5.99
N THR C 287 5.87 16.05 5.65
CA THR C 287 7.05 16.20 6.49
C THR C 287 7.48 17.66 6.58
N ARG C 288 7.38 18.41 5.47
CA ARG C 288 7.69 19.84 5.52
C ARG C 288 6.70 20.60 6.37
N GLU C 289 5.41 20.23 6.32
CA GLU C 289 4.44 20.87 7.19
C GLU C 289 4.79 20.64 8.66
N LEU C 290 5.32 19.47 9.00
CA LEU C 290 5.78 19.26 10.36
C LEU C 290 7.06 20.03 10.66
N GLN C 291 7.97 20.18 9.68
CA GLN C 291 9.20 20.96 9.85
C GLN C 291 8.89 22.42 10.19
N SER C 292 7.75 22.94 9.72
CA SER C 292 7.39 24.33 9.98
C SER C 292 6.89 24.52 11.40
N MET C 293 6.07 23.59 11.89
CA MET C 293 5.60 23.67 13.27
C MET C 293 6.78 23.50 14.23
N ALA C 294 7.75 22.65 13.87
CA ALA C 294 8.97 22.52 14.66
C ALA C 294 9.78 23.80 14.68
N ASP C 295 9.77 24.55 13.58
CA ASP C 295 10.46 25.83 13.47
C ASP C 295 9.62 27.03 13.88
N GLN C 296 8.34 26.82 14.25
CA GLN C 296 7.50 27.96 14.64
C GLN C 296 7.51 28.14 16.16
N ASN D 17 20.05 -33.47 2.37
CA ASN D 17 19.46 -34.79 2.51
C ASN D 17 19.84 -35.70 1.35
N LEU D 18 19.32 -35.39 0.17
CA LEU D 18 19.58 -36.21 -1.01
C LEU D 18 20.92 -35.88 -1.62
N TYR D 19 21.54 -36.89 -2.25
CA TYR D 19 22.86 -36.77 -2.85
C TYR D 19 22.70 -36.53 -4.34
N PHE D 20 22.95 -35.30 -4.78
CA PHE D 20 22.92 -34.95 -6.20
C PHE D 20 24.11 -34.04 -6.51
N GLN D 21 25.30 -34.43 -6.04
CA GLN D 21 26.52 -33.75 -6.44
C GLN D 21 27.02 -34.21 -7.79
N SER D 22 26.79 -35.48 -8.12
CA SER D 22 27.16 -36.04 -9.43
C SER D 22 25.94 -36.15 -10.34
N MET D 23 25.27 -35.01 -10.54
CA MET D 23 24.06 -34.93 -11.34
C MET D 23 24.27 -33.90 -12.45
N SER D 24 23.81 -34.25 -13.65
CA SER D 24 23.94 -33.37 -14.80
C SER D 24 22.61 -32.69 -15.08
N VAL D 25 22.69 -31.41 -15.45
CA VAL D 25 21.51 -30.59 -15.70
C VAL D 25 21.60 -30.00 -17.10
N GLY D 26 20.46 -29.93 -17.78
CA GLY D 26 20.40 -29.38 -19.11
C GLY D 26 19.30 -28.36 -19.24
N PHE D 27 19.55 -27.38 -20.09
CA PHE D 27 18.58 -26.34 -20.42
C PHE D 27 18.35 -26.35 -21.91
N ILE D 28 17.08 -26.46 -22.30
CA ILE D 28 16.69 -26.27 -23.69
C ILE D 28 16.13 -24.86 -23.82
N GLY D 29 16.88 -24.01 -24.48
CA GLY D 29 16.80 -22.56 -24.41
C GLY D 29 18.02 -22.08 -23.65
N ALA D 30 18.55 -20.93 -24.07
CA ALA D 30 19.62 -20.24 -23.36
C ALA D 30 19.26 -18.77 -23.18
N GLY D 31 18.03 -18.53 -22.73
CA GLY D 31 17.53 -17.20 -22.52
C GLY D 31 17.72 -16.73 -21.09
N GLN D 32 16.91 -15.74 -20.71
CA GLN D 32 17.03 -15.14 -19.38
C GLN D 32 16.79 -16.17 -18.28
N LEU D 33 15.95 -17.17 -18.53
CA LEU D 33 15.63 -18.12 -17.47
C LEU D 33 16.71 -19.18 -17.28
N ALA D 34 17.23 -19.74 -18.37
CA ALA D 34 18.33 -20.68 -18.24
C ALA D 34 19.53 -20.00 -17.56
N PHE D 35 19.84 -18.78 -17.97
CA PHE D 35 20.96 -18.08 -17.36
C PHE D 35 20.69 -17.82 -15.89
N ALA D 36 19.49 -17.37 -15.54
CA ALA D 36 19.22 -17.02 -14.14
C ALA D 36 19.27 -18.25 -13.25
N LEU D 37 18.70 -19.37 -13.70
CA LEU D 37 18.74 -20.59 -12.91
C LEU D 37 20.16 -21.15 -12.82
N ALA D 38 20.93 -21.09 -13.90
CA ALA D 38 22.28 -21.66 -13.85
C ALA D 38 23.20 -20.83 -12.98
N LYS D 39 23.09 -19.51 -13.08
CA LYS D 39 23.87 -18.63 -12.22
C LYS D 39 23.52 -18.86 -10.75
N GLY D 40 22.22 -19.00 -10.44
CA GLY D 40 21.83 -19.28 -9.07
C GLY D 40 22.35 -20.62 -8.57
N PHE D 41 22.23 -21.66 -9.41
CA PHE D 41 22.68 -23.00 -9.03
C PHE D 41 24.19 -23.04 -8.80
N THR D 42 24.97 -22.42 -9.69
CA THR D 42 26.41 -22.45 -9.50
C THR D 42 26.83 -21.52 -8.37
N ALA D 43 26.11 -20.42 -8.15
CA ALA D 43 26.38 -19.60 -6.97
C ALA D 43 26.01 -20.33 -5.68
N ALA D 44 24.96 -21.16 -5.70
CA ALA D 44 24.63 -21.94 -4.52
C ALA D 44 25.65 -23.04 -4.26
N GLY D 45 26.46 -23.38 -5.26
CA GLY D 45 27.38 -24.47 -5.09
C GLY D 45 26.76 -25.85 -5.08
N VAL D 46 25.52 -25.99 -5.58
CA VAL D 46 24.93 -27.33 -5.70
C VAL D 46 25.14 -27.94 -7.08
N LEU D 47 25.72 -27.20 -8.02
CA LEU D 47 25.99 -27.69 -9.37
C LEU D 47 27.30 -27.10 -9.85
N ALA D 48 28.19 -27.97 -10.32
CA ALA D 48 29.38 -27.50 -11.03
C ALA D 48 28.98 -27.00 -12.40
N ALA D 49 29.54 -25.86 -12.80
CA ALA D 49 29.12 -25.24 -14.06
C ALA D 49 29.33 -26.17 -15.25
N HIS D 50 30.34 -27.04 -15.20
CA HIS D 50 30.61 -27.94 -16.31
C HIS D 50 29.69 -29.16 -16.33
N LYS D 51 28.84 -29.33 -15.31
CA LYS D 51 27.76 -30.30 -15.32
C LYS D 51 26.47 -29.74 -15.91
N ILE D 52 26.53 -28.56 -16.51
CA ILE D 52 25.35 -27.90 -17.04
C ILE D 52 25.58 -27.66 -18.51
N MET D 53 24.66 -28.15 -19.33
CA MET D 53 24.65 -27.88 -20.75
C MET D 53 23.42 -27.05 -21.09
N ALA D 54 23.57 -26.15 -22.06
CA ALA D 54 22.44 -25.39 -22.56
C ALA D 54 22.48 -25.40 -24.09
N SER D 55 21.31 -25.51 -24.70
CA SER D 55 21.17 -25.42 -26.14
C SER D 55 20.28 -24.24 -26.49
N SER D 56 20.66 -23.50 -27.53
CA SER D 56 19.97 -22.28 -27.93
C SER D 56 19.84 -22.26 -29.45
N PRO D 57 18.72 -21.73 -29.97
CA PRO D 57 18.58 -21.65 -31.44
C PRO D 57 19.68 -20.82 -32.09
N ASP D 58 20.11 -19.72 -31.45
CA ASP D 58 21.18 -18.88 -31.97
C ASP D 58 22.18 -18.56 -30.87
N MET D 59 23.45 -18.46 -31.24
CA MET D 59 24.55 -18.23 -30.30
C MET D 59 25.03 -16.79 -30.30
N ASP D 60 24.25 -15.86 -30.87
CA ASP D 60 24.59 -14.44 -30.86
C ASP D 60 23.96 -13.70 -29.68
N LEU D 61 23.56 -14.43 -28.65
CA LEU D 61 22.90 -13.85 -27.48
C LEU D 61 23.93 -13.38 -26.45
N ALA D 62 23.56 -12.34 -25.71
CA ALA D 62 24.38 -11.96 -24.56
C ALA D 62 24.32 -13.01 -23.48
N THR D 63 23.20 -13.74 -23.41
CA THR D 63 23.06 -14.80 -22.41
C THR D 63 24.03 -15.95 -22.67
N VAL D 64 24.28 -16.30 -23.94
CA VAL D 64 25.20 -17.41 -24.19
C VAL D 64 26.63 -17.01 -23.90
N SER D 65 26.99 -15.74 -24.15
CA SER D 65 28.34 -15.31 -23.84
C SER D 65 28.62 -15.41 -22.35
N ALA D 66 27.63 -15.08 -21.51
CA ALA D 66 27.82 -15.17 -20.07
C ALA D 66 27.76 -16.62 -19.57
N LEU D 67 26.99 -17.49 -20.24
CA LEU D 67 27.02 -18.90 -19.87
C LEU D 67 28.37 -19.53 -20.20
N ARG D 68 28.96 -19.13 -21.33
CA ARG D 68 30.28 -19.63 -21.70
C ARG D 68 31.33 -19.26 -20.66
N LYS D 69 31.33 -17.99 -20.23
CA LYS D 69 32.31 -17.56 -19.23
C LYS D 69 32.00 -18.13 -17.86
N MET D 70 30.73 -18.48 -17.58
CA MET D 70 30.39 -19.21 -16.38
C MET D 70 30.97 -20.62 -16.35
N GLY D 71 31.36 -21.15 -17.50
CA GLY D 71 31.78 -22.54 -17.60
C GLY D 71 30.72 -23.49 -18.10
N VAL D 72 29.52 -22.99 -18.42
CA VAL D 72 28.45 -23.85 -18.92
C VAL D 72 28.74 -24.28 -20.36
N LYS D 73 28.35 -25.50 -20.69
CA LYS D 73 28.56 -26.05 -22.03
C LYS D 73 27.41 -25.64 -22.94
N LEU D 74 27.75 -25.12 -24.12
CA LEU D 74 26.77 -24.55 -25.04
C LEU D 74 26.81 -25.30 -26.37
N THR D 75 25.69 -25.91 -26.73
CA THR D 75 25.53 -26.62 -27.97
C THR D 75 24.37 -26.03 -28.77
N PRO D 76 24.38 -26.17 -30.09
CA PRO D 76 23.19 -25.83 -30.88
C PRO D 76 22.23 -27.00 -31.10
N HIS D 77 22.56 -28.20 -30.63
CA HIS D 77 21.76 -29.39 -30.88
C HIS D 77 20.98 -29.74 -29.60
N ASN D 78 19.65 -29.63 -29.68
CA ASN D 78 18.83 -29.96 -28.52
C ASN D 78 19.02 -31.41 -28.08
N LYS D 79 19.24 -32.32 -29.04
CA LYS D 79 19.44 -33.72 -28.69
C LYS D 79 20.73 -33.92 -27.91
N GLU D 80 21.72 -33.04 -28.11
CA GLU D 80 22.95 -33.16 -27.36
C GLU D 80 22.73 -32.80 -25.89
N THR D 81 21.99 -31.73 -25.61
CA THR D 81 21.60 -31.42 -24.24
C THR D 81 20.87 -32.59 -23.59
N VAL D 82 19.96 -33.24 -24.33
CA VAL D 82 19.19 -34.34 -23.77
C VAL D 82 20.10 -35.51 -23.40
N GLN D 83 21.05 -35.84 -24.27
CA GLN D 83 21.93 -36.97 -24.00
C GLN D 83 22.87 -36.69 -22.83
N HIS D 84 23.24 -35.43 -22.61
CA HIS D 84 24.18 -35.05 -21.56
C HIS D 84 23.54 -34.96 -20.16
N SER D 85 22.23 -34.73 -20.07
CA SER D 85 21.62 -34.32 -18.82
C SER D 85 20.80 -35.44 -18.18
N ASP D 86 20.65 -35.36 -16.87
CA ASP D 86 19.72 -36.17 -16.10
C ASP D 86 18.42 -35.43 -15.81
N VAL D 87 18.52 -34.19 -15.32
CA VAL D 87 17.40 -33.27 -15.16
C VAL D 87 17.38 -32.35 -16.37
N LEU D 88 16.22 -32.24 -17.02
CA LEU D 88 16.09 -31.46 -18.25
C LEU D 88 15.13 -30.30 -18.04
N PHE D 89 15.66 -29.08 -17.97
CA PHE D 89 14.83 -27.89 -17.89
C PHE D 89 14.43 -27.45 -19.29
N LEU D 90 13.11 -27.33 -19.51
CA LEU D 90 12.59 -26.79 -20.76
C LEU D 90 12.27 -25.32 -20.50
N ALA D 91 13.07 -24.44 -21.09
CA ALA D 91 13.03 -23.01 -20.83
C ALA D 91 12.88 -22.24 -22.12
N VAL D 92 11.93 -22.68 -22.94
CA VAL D 92 11.61 -22.05 -24.22
C VAL D 92 10.22 -21.45 -24.11
N LYS D 93 9.82 -20.71 -25.15
CA LYS D 93 8.49 -20.12 -25.19
C LYS D 93 7.41 -21.21 -25.21
N PRO D 94 6.20 -20.91 -24.75
CA PRO D 94 5.17 -21.96 -24.62
C PRO D 94 4.76 -22.60 -25.93
N HIS D 95 4.83 -21.88 -27.06
CA HIS D 95 4.38 -22.48 -28.31
C HIS D 95 5.47 -23.31 -28.98
N ILE D 96 6.72 -23.19 -28.51
CA ILE D 96 7.82 -24.00 -29.01
C ILE D 96 7.78 -25.41 -28.42
N ILE D 97 7.30 -25.54 -27.17
CA ILE D 97 7.43 -26.80 -26.44
C ILE D 97 6.97 -28.02 -27.24
N PRO D 98 5.78 -28.04 -27.86
CA PRO D 98 5.40 -29.24 -28.63
C PRO D 98 6.35 -29.54 -29.79
N PHE D 99 7.12 -28.56 -30.26
CA PHE D 99 8.14 -28.84 -31.28
C PHE D 99 9.41 -29.38 -30.66
N ILE D 100 9.78 -28.87 -29.48
CA ILE D 100 10.91 -29.46 -28.76
C ILE D 100 10.58 -30.90 -28.38
N LEU D 101 9.37 -31.13 -27.87
CA LEU D 101 8.98 -32.49 -27.49
C LEU D 101 9.01 -33.43 -28.68
N ASP D 102 8.68 -32.93 -29.87
CA ASP D 102 8.79 -33.75 -31.07
C ASP D 102 10.24 -34.05 -31.43
N GLU D 103 11.11 -33.04 -31.35
CA GLU D 103 12.51 -33.22 -31.76
C GLU D 103 13.25 -34.21 -30.86
N ILE D 104 13.03 -34.12 -29.55
CA ILE D 104 13.79 -34.89 -28.56
C ILE D 104 13.00 -36.03 -27.96
N GLY D 105 11.73 -36.18 -28.31
CA GLY D 105 10.89 -37.18 -27.66
C GLY D 105 11.51 -38.57 -27.68
N ALA D 106 12.07 -38.98 -28.83
CA ALA D 106 12.68 -40.29 -28.91
C ALA D 106 13.98 -40.37 -28.12
N ASP D 107 14.61 -39.22 -27.86
CA ASP D 107 15.86 -39.21 -27.10
C ASP D 107 15.63 -39.32 -25.60
N ILE D 108 14.38 -39.18 -25.13
CA ILE D 108 14.09 -39.23 -23.71
C ILE D 108 14.27 -40.64 -23.19
N GLU D 109 15.05 -40.79 -22.12
CA GLU D 109 15.34 -42.08 -21.52
C GLU D 109 14.63 -42.21 -20.18
N ASP D 110 14.73 -43.39 -19.57
CA ASP D 110 14.04 -43.61 -18.30
C ASP D 110 14.68 -42.80 -17.18
N ARG D 111 15.95 -42.44 -17.32
CA ARG D 111 16.64 -41.70 -16.27
C ARG D 111 16.22 -40.23 -16.22
N HIS D 112 15.51 -39.74 -17.24
CA HIS D 112 15.29 -38.32 -17.39
C HIS D 112 14.15 -37.82 -16.50
N ILE D 113 14.37 -36.65 -15.89
CA ILE D 113 13.31 -35.86 -15.27
C ILE D 113 13.16 -34.60 -16.12
N VAL D 114 11.99 -34.44 -16.74
CA VAL D 114 11.71 -33.34 -17.64
C VAL D 114 11.00 -32.26 -16.85
N VAL D 115 11.61 -31.09 -16.76
CA VAL D 115 11.09 -29.98 -15.97
C VAL D 115 10.69 -28.87 -16.93
N SER D 116 9.39 -28.61 -17.04
CA SER D 116 8.91 -27.53 -17.90
C SER D 116 8.75 -26.23 -17.12
N CYS D 117 9.36 -25.17 -17.61
CA CYS D 117 9.19 -23.85 -16.99
C CYS D 117 8.33 -22.91 -17.81
N ALA D 118 7.84 -23.34 -18.99
CA ALA D 118 7.01 -22.45 -19.80
C ALA D 118 5.72 -22.13 -19.06
N ALA D 119 5.37 -20.84 -19.04
CA ALA D 119 4.10 -20.44 -18.45
C ALA D 119 2.95 -21.06 -19.23
N GLY D 120 2.02 -21.68 -18.50
CA GLY D 120 0.80 -22.18 -19.08
C GLY D 120 0.83 -23.63 -19.52
N VAL D 121 1.99 -24.15 -19.93
CA VAL D 121 2.01 -25.47 -20.58
C VAL D 121 1.76 -26.55 -19.53
N THR D 122 0.73 -27.36 -19.76
CA THR D 122 0.24 -28.32 -18.78
C THR D 122 1.06 -29.60 -18.77
N ILE D 123 1.07 -30.25 -17.60
CA ILE D 123 1.71 -31.55 -17.47
C ILE D 123 1.11 -32.55 -18.45
N SER D 124 -0.21 -32.54 -18.63
CA SER D 124 -0.78 -33.56 -19.51
C SER D 124 -0.44 -33.29 -20.98
N SER D 125 -0.35 -32.04 -21.41
CA SER D 125 0.08 -31.78 -22.78
C SER D 125 1.49 -32.33 -23.04
N ILE D 126 2.40 -32.17 -22.07
CA ILE D 126 3.76 -32.66 -22.25
C ILE D 126 3.82 -34.17 -22.18
N GLU D 127 3.07 -34.75 -21.23
CA GLU D 127 3.05 -36.20 -21.09
C GLU D 127 2.50 -36.84 -22.35
N LYS D 128 1.49 -36.20 -22.96
CA LYS D 128 0.88 -36.71 -24.18
C LYS D 128 1.90 -36.79 -25.31
N LYS D 129 2.65 -35.69 -25.53
CA LYS D 129 3.68 -35.71 -26.55
C LYS D 129 4.71 -36.80 -26.26
N LEU D 130 5.28 -36.79 -25.06
CA LEU D 130 6.38 -37.69 -24.75
C LEU D 130 5.93 -39.14 -24.74
N SER D 131 4.68 -39.39 -24.32
CA SER D 131 4.21 -40.76 -24.21
C SER D 131 4.19 -41.47 -25.55
N ALA D 132 4.02 -40.72 -26.65
CA ALA D 132 4.05 -41.34 -27.97
C ALA D 132 5.40 -41.95 -28.27
N PHE D 133 6.43 -41.60 -27.51
CA PHE D 133 7.76 -42.17 -27.69
C PHE D 133 8.10 -43.25 -26.67
N ARG D 134 7.88 -42.99 -25.37
CA ARG D 134 8.21 -43.90 -24.27
C ARG D 134 7.14 -43.74 -23.19
N PRO D 135 6.65 -44.84 -22.60
CA PRO D 135 5.34 -44.79 -21.94
C PRO D 135 5.26 -43.93 -20.68
N ALA D 136 6.30 -43.86 -19.85
CA ALA D 136 6.21 -43.26 -18.52
C ALA D 136 7.18 -42.10 -18.32
N PRO D 137 7.04 -41.01 -19.09
CA PRO D 137 7.93 -39.87 -18.88
C PRO D 137 7.72 -39.24 -17.52
N ARG D 138 8.83 -38.91 -16.86
CA ARG D 138 8.83 -38.26 -15.55
C ARG D 138 8.83 -36.76 -15.77
N VAL D 139 7.70 -36.12 -15.54
CA VAL D 139 7.49 -34.71 -15.89
C VAL D 139 7.20 -33.95 -14.60
N ILE D 140 7.87 -32.82 -14.42
CA ILE D 140 7.51 -31.86 -13.38
C ILE D 140 7.27 -30.51 -14.02
N ARG D 141 6.21 -29.84 -13.61
CA ARG D 141 5.93 -28.50 -14.09
C ARG D 141 6.27 -27.49 -13.00
N CYS D 142 6.96 -26.40 -13.36
CA CYS D 142 7.26 -25.39 -12.35
C CYS D 142 7.11 -23.97 -12.90
N MET D 143 6.95 -23.04 -11.96
CA MET D 143 6.93 -21.60 -12.24
C MET D 143 7.92 -20.94 -11.28
N THR D 144 8.99 -20.41 -11.82
CA THR D 144 10.03 -19.74 -11.09
C THR D 144 10.10 -18.29 -11.58
N ASN D 145 11.06 -17.52 -11.07
CA ASN D 145 11.17 -16.14 -11.52
C ASN D 145 12.66 -15.77 -11.53
N THR D 146 12.94 -14.64 -12.17
CA THR D 146 14.32 -14.25 -12.42
C THR D 146 15.17 -14.01 -11.18
N PRO D 147 14.63 -13.63 -10.01
CA PRO D 147 15.51 -13.43 -8.83
C PRO D 147 16.22 -14.69 -8.33
N VAL D 148 16.02 -15.84 -8.97
CA VAL D 148 16.88 -16.99 -8.68
C VAL D 148 18.33 -16.63 -8.95
N VAL D 149 18.57 -15.64 -9.81
CA VAL D 149 19.93 -15.26 -10.18
C VAL D 149 20.70 -14.70 -8.99
N VAL D 150 20.01 -14.10 -8.02
CA VAL D 150 20.58 -13.67 -6.73
C VAL D 150 20.08 -14.59 -5.61
N ARG D 151 19.57 -15.76 -5.99
CA ARG D 151 19.16 -16.81 -5.05
C ARG D 151 18.03 -16.38 -4.14
N GLU D 152 17.15 -15.51 -4.63
CA GLU D 152 15.95 -15.15 -3.88
C GLU D 152 14.71 -15.34 -4.74
N GLY D 153 14.67 -16.44 -5.49
CA GLY D 153 13.53 -16.68 -6.35
C GLY D 153 12.34 -17.15 -5.55
N ALA D 154 11.20 -17.21 -6.24
CA ALA D 154 9.98 -17.84 -5.73
C ALA D 154 9.57 -18.91 -6.72
N THR D 155 9.57 -20.17 -6.29
CA THR D 155 9.31 -21.28 -7.18
C THR D 155 8.17 -22.14 -6.65
N VAL D 156 7.24 -22.50 -7.52
CA VAL D 156 6.34 -23.63 -7.22
C VAL D 156 6.55 -24.69 -8.29
N TYR D 157 6.19 -25.92 -7.95
CA TYR D 157 6.22 -27.05 -8.87
C TYR D 157 5.08 -28.01 -8.55
N ALA D 158 4.64 -28.73 -9.58
CA ALA D 158 3.72 -29.85 -9.45
C ALA D 158 4.32 -31.08 -10.12
N THR D 159 4.01 -32.24 -9.58
CA THR D 159 4.55 -33.50 -10.08
C THR D 159 3.57 -34.13 -11.06
N GLY D 160 4.12 -34.73 -12.11
CA GLY D 160 3.33 -35.38 -13.13
C GLY D 160 2.92 -36.79 -12.74
N THR D 161 2.29 -37.46 -13.69
CA THR D 161 1.72 -38.78 -13.44
C THR D 161 2.77 -39.79 -13.02
N HIS D 162 3.88 -39.84 -13.75
CA HIS D 162 4.90 -40.85 -13.53
C HIS D 162 6.08 -40.30 -12.75
N ALA D 163 5.92 -39.13 -12.14
CA ALA D 163 6.93 -38.57 -11.25
C ALA D 163 7.03 -39.40 -9.98
N GLN D 164 8.23 -39.88 -9.68
CA GLN D 164 8.48 -40.65 -8.48
C GLN D 164 8.51 -39.73 -7.25
N VAL D 165 8.38 -40.36 -6.08
CA VAL D 165 8.39 -39.59 -4.84
C VAL D 165 9.69 -38.81 -4.72
N GLU D 166 10.81 -39.48 -5.00
CA GLU D 166 12.11 -38.83 -4.90
C GLU D 166 12.24 -37.70 -5.92
N ASP D 167 11.51 -37.78 -7.02
CA ASP D 167 11.65 -36.77 -8.08
C ASP D 167 11.21 -35.40 -7.58
N GLY D 168 10.05 -35.33 -6.91
CA GLY D 168 9.62 -34.08 -6.32
C GLY D 168 10.53 -33.62 -5.21
N ARG D 169 10.99 -34.55 -4.36
CA ARG D 169 11.91 -34.16 -3.30
C ARG D 169 13.23 -33.67 -3.87
N LEU D 170 13.73 -34.33 -4.93
CA LEU D 170 14.96 -33.89 -5.57
C LEU D 170 14.79 -32.51 -6.18
N MET D 171 13.66 -32.27 -6.83
CA MET D 171 13.39 -30.98 -7.44
CA MET D 171 13.50 -30.96 -7.44
C MET D 171 13.31 -29.87 -6.38
N GLU D 172 12.69 -30.18 -5.24
CA GLU D 172 12.51 -29.15 -4.22
C GLU D 172 13.84 -28.79 -3.58
N GLN D 173 14.71 -29.77 -3.37
CA GLN D 173 16.04 -29.46 -2.85
C GLN D 173 16.84 -28.64 -3.84
N LEU D 174 16.73 -28.97 -5.13
CA LEU D 174 17.42 -28.19 -6.16
C LEU D 174 16.97 -26.73 -6.13
N LEU D 175 15.66 -26.49 -6.19
CA LEU D 175 15.16 -25.13 -6.36
C LEU D 175 15.19 -24.30 -5.07
N SER D 176 15.21 -24.96 -3.90
CA SER D 176 15.32 -24.26 -2.63
C SER D 176 16.67 -23.58 -2.46
N SER D 177 17.71 -24.07 -3.16
CA SER D 177 19.02 -23.46 -3.06
C SER D 177 19.09 -22.07 -3.71
N VAL D 178 18.04 -21.65 -4.42
CA VAL D 178 18.05 -20.36 -5.10
C VAL D 178 16.80 -19.53 -4.79
N GLY D 179 16.06 -19.94 -3.76
CA GLY D 179 14.89 -19.18 -3.38
C GLY D 179 13.92 -20.03 -2.59
N PHE D 180 12.78 -19.43 -2.26
CA PHE D 180 11.66 -20.20 -1.73
C PHE D 180 11.15 -21.15 -2.80
N CYS D 181 10.84 -22.39 -2.38
CA CYS D 181 10.27 -23.41 -3.27
C CYS D 181 9.27 -24.25 -2.49
N THR D 182 8.06 -24.42 -3.05
CA THR D 182 7.12 -25.36 -2.46
C THR D 182 6.36 -26.11 -3.56
N GLU D 183 5.71 -27.20 -3.17
CA GLU D 183 4.90 -27.96 -4.10
C GLU D 183 3.45 -27.49 -4.09
N VAL D 184 2.83 -27.42 -5.25
CA VAL D 184 1.42 -27.10 -5.39
C VAL D 184 0.74 -28.10 -6.31
N GLU D 185 -0.59 -28.21 -6.15
CA GLU D 185 -1.42 -28.78 -7.20
C GLU D 185 -1.25 -27.95 -8.46
N GLU D 186 -1.32 -28.62 -9.62
CA GLU D 186 -1.03 -27.95 -10.89
C GLU D 186 -2.01 -26.81 -11.18
N ASP D 187 -3.26 -26.94 -10.77
CA ASP D 187 -4.21 -25.89 -11.15
C ASP D 187 -3.97 -24.56 -10.44
N LEU D 188 -2.94 -24.44 -9.60
CA LEU D 188 -2.59 -23.15 -8.99
C LEU D 188 -1.49 -22.42 -9.75
N ILE D 189 -0.79 -23.09 -10.66
CA ILE D 189 0.45 -22.53 -11.20
C ILE D 189 0.16 -21.32 -12.08
N ASP D 190 -0.99 -21.29 -12.73
CA ASP D 190 -1.35 -20.11 -13.50
C ASP D 190 -1.53 -18.89 -12.58
N ALA D 191 -2.27 -19.05 -11.48
CA ALA D 191 -2.34 -17.98 -10.48
C ALA D 191 -0.96 -17.57 -10.01
N VAL D 192 -0.08 -18.54 -9.78
CA VAL D 192 1.26 -18.23 -9.26
C VAL D 192 2.05 -17.42 -10.28
N THR D 193 1.88 -17.74 -11.57
CA THR D 193 2.49 -16.97 -12.63
C THR D 193 2.10 -15.50 -12.52
N GLY D 194 0.84 -15.22 -12.22
CA GLY D 194 0.38 -13.85 -12.13
C GLY D 194 0.89 -13.13 -10.90
N LEU D 195 1.22 -13.88 -9.84
CA LEU D 195 1.73 -13.27 -8.62
C LEU D 195 3.25 -13.22 -8.65
N SER D 196 3.94 -14.31 -8.31
CA SER D 196 5.39 -14.25 -8.23
C SER D 196 6.08 -14.40 -9.58
N GLY D 197 5.45 -15.05 -10.58
CA GLY D 197 6.04 -15.12 -11.90
C GLY D 197 6.23 -13.74 -12.53
N SER D 198 5.17 -12.94 -12.58
CA SER D 198 5.22 -11.57 -13.08
C SER D 198 5.61 -10.56 -12.00
N GLY D 199 5.52 -10.95 -10.73
CA GLY D 199 5.81 -10.06 -9.63
C GLY D 199 7.02 -9.16 -9.76
N PRO D 200 8.18 -9.71 -10.16
CA PRO D 200 9.37 -8.85 -10.27
C PRO D 200 9.17 -7.66 -11.21
N ALA D 201 8.48 -7.84 -12.35
CA ALA D 201 8.27 -6.69 -13.23
C ALA D 201 7.41 -5.61 -12.58
N TYR D 202 6.47 -6.01 -11.68
CA TYR D 202 5.69 -5.01 -10.97
C TYR D 202 6.57 -4.21 -10.02
N ALA D 203 7.51 -4.91 -9.36
CA ALA D 203 8.46 -4.25 -8.46
C ALA D 203 9.39 -3.32 -9.22
N PHE D 204 9.93 -3.77 -10.37
CA PHE D 204 10.79 -2.90 -11.16
C PHE D 204 10.04 -1.63 -11.58
N THR D 205 8.78 -1.79 -12.04
CA THR D 205 7.96 -0.63 -12.39
C THR D 205 7.77 0.27 -11.17
N ALA D 206 7.48 -0.35 -10.02
CA ALA D 206 7.24 0.40 -8.79
C ALA D 206 8.50 1.15 -8.37
N LEU D 207 9.66 0.51 -8.52
CA LEU D 207 10.92 1.15 -8.14
C LEU D 207 11.27 2.28 -9.08
N ASP D 208 11.03 2.12 -10.39
CA ASP D 208 11.29 3.21 -11.31
C ASP D 208 10.46 4.42 -10.94
N ALA D 209 9.20 4.20 -10.57
CA ALA D 209 8.28 5.29 -10.26
C ALA D 209 8.64 5.95 -8.92
N LEU D 210 8.87 5.13 -7.89
CA LEU D 210 9.28 5.66 -6.60
C LEU D 210 10.54 6.51 -6.74
N ALA D 211 11.47 6.08 -7.60
CA ALA D 211 12.67 6.87 -7.82
C ALA D 211 12.36 8.19 -8.53
N ASP D 212 11.39 8.19 -9.45
CA ASP D 212 10.94 9.44 -10.05
C ASP D 212 10.36 10.37 -8.98
N GLY D 213 9.62 9.80 -8.02
CA GLY D 213 9.09 10.61 -6.95
C GLY D 213 10.18 11.20 -6.06
N GLY D 214 11.18 10.39 -5.73
CA GLY D 214 12.31 10.92 -4.98
C GLY D 214 12.99 12.05 -5.72
N VAL D 215 13.21 11.85 -7.02
CA VAL D 215 13.87 12.88 -7.85
C VAL D 215 13.02 14.15 -7.88
N LYS D 216 11.71 14.00 -8.12
CA LYS D 216 10.85 15.19 -8.11
C LYS D 216 11.05 15.99 -6.83
N MET D 217 11.18 15.29 -5.70
CA MET D 217 11.29 15.90 -4.39
C MET D 217 12.72 16.29 -4.02
N GLY D 218 13.66 16.16 -4.94
CA GLY D 218 15.00 16.72 -4.74
C GLY D 218 16.14 15.73 -4.62
N LEU D 219 15.89 14.44 -4.65
CA LEU D 219 17.01 13.54 -4.43
C LEU D 219 17.77 13.26 -5.73
N PRO D 220 19.08 13.03 -5.63
CA PRO D 220 19.80 12.48 -6.79
C PRO D 220 19.18 11.15 -7.22
N ARG D 221 19.24 10.89 -8.53
CA ARG D 221 18.62 9.70 -9.10
C ARG D 221 19.20 8.41 -8.50
N ARG D 222 20.53 8.32 -8.44
CA ARG D 222 21.12 7.06 -7.98
C ARG D 222 20.76 6.79 -6.53
N LEU D 223 20.74 7.84 -5.69
CA LEU D 223 20.36 7.68 -4.29
C LEU D 223 18.88 7.31 -4.15
N ALA D 224 18.04 7.88 -5.01
CA ALA D 224 16.62 7.54 -4.99
C ALA D 224 16.39 6.08 -5.38
N VAL D 225 17.07 5.60 -6.43
CA VAL D 225 16.98 4.19 -6.81
C VAL D 225 17.41 3.30 -5.63
N ARG D 226 18.54 3.66 -5.02
CA ARG D 226 19.08 2.86 -3.92
C ARG D 226 18.11 2.80 -2.75
N LEU D 227 17.54 3.94 -2.39
CA LEU D 227 16.71 4.01 -1.19
C LEU D 227 15.38 3.30 -1.39
N GLY D 228 14.73 3.51 -2.53
CA GLY D 228 13.50 2.78 -2.79
C GLY D 228 13.72 1.26 -2.78
N ALA D 229 14.77 0.79 -3.46
CA ALA D 229 15.02 -0.64 -3.51
C ALA D 229 15.29 -1.18 -2.10
N GLN D 230 16.09 -0.47 -1.31
CA GLN D 230 16.35 -0.93 0.05
C GLN D 230 15.08 -0.90 0.90
N ALA D 231 14.24 0.13 0.71
CA ALA D 231 12.95 0.16 1.41
C ALA D 231 12.09 -1.05 1.05
N LEU D 232 12.02 -1.42 -0.23
CA LEU D 232 11.18 -2.55 -0.63
C LEU D 232 11.71 -3.88 -0.09
N LEU D 233 13.03 -4.09 -0.19
CA LEU D 233 13.62 -5.33 0.29
C LEU D 233 13.43 -5.50 1.79
N GLY D 234 13.73 -4.44 2.56
CA GLY D 234 13.63 -4.53 4.00
C GLY D 234 12.20 -4.76 4.45
N ALA D 235 11.24 -4.16 3.74
CA ALA D 235 9.84 -4.35 4.10
C ALA D 235 9.40 -5.79 3.78
N ALA D 236 9.76 -6.28 2.59
CA ALA D 236 9.47 -7.67 2.26
C ALA D 236 10.09 -8.62 3.29
N LYS D 237 11.38 -8.43 3.61
CA LYS D 237 12.00 -9.30 4.59
C LYS D 237 11.31 -9.18 5.95
N MET D 238 10.92 -7.96 6.34
CA MET D 238 10.16 -7.77 7.57
C MET D 238 8.93 -8.65 7.61
N LEU D 239 8.15 -8.63 6.52
CA LEU D 239 6.94 -9.45 6.44
C LEU D 239 7.28 -10.95 6.43
N LEU D 240 8.31 -11.35 5.68
CA LEU D 240 8.68 -12.75 5.65
C LEU D 240 9.14 -13.26 7.01
N HIS D 241 9.72 -12.40 7.83
CA HIS D 241 10.21 -12.81 9.14
C HIS D 241 9.20 -12.55 10.25
N SER D 242 8.04 -11.98 9.92
CA SER D 242 7.02 -11.63 10.89
C SER D 242 5.90 -12.66 10.87
N GLU D 243 5.21 -12.79 12.01
CA GLU D 243 3.99 -13.57 12.07
C GLU D 243 2.74 -12.70 11.94
N GLN D 244 2.89 -11.50 11.39
CA GLN D 244 1.81 -10.53 11.37
C GLN D 244 1.26 -10.30 9.98
N HIS D 245 -0.02 -10.01 9.94
CA HIS D 245 -0.68 -9.59 8.72
C HIS D 245 0.02 -8.37 8.13
N PRO D 246 0.08 -8.25 6.80
CA PRO D 246 0.66 -7.04 6.19
C PRO D 246 -0.04 -5.75 6.61
N GLY D 247 -1.33 -5.80 6.90
CA GLY D 247 -2.03 -4.62 7.38
C GLY D 247 -1.58 -4.20 8.77
N GLN D 248 -1.28 -5.16 9.64
CA GLN D 248 -0.77 -4.83 10.97
C GLN D 248 0.55 -4.10 10.89
N LEU D 249 1.42 -4.52 9.95
CA LEU D 249 2.71 -3.85 9.82
C LEU D 249 2.53 -2.44 9.25
N LYS D 250 1.63 -2.30 8.27
CA LYS D 250 1.21 -0.99 7.81
C LYS D 250 0.72 -0.14 8.99
N ASP D 251 -0.21 -0.66 9.78
CA ASP D 251 -0.67 0.03 10.99
C ASP D 251 0.50 0.41 11.88
N ASN D 252 1.44 -0.53 12.12
CA ASN D 252 2.50 -0.29 13.10
C ASN D 252 3.39 0.88 12.70
N VAL D 253 3.59 1.10 11.40
CA VAL D 253 4.57 2.09 10.96
C VAL D 253 3.94 3.44 10.63
N SER D 254 2.63 3.61 10.87
CA SER D 254 1.90 4.82 10.47
C SER D 254 1.50 5.63 11.71
N SER D 255 2.32 6.61 12.06
CA SER D 255 2.02 7.45 13.21
C SER D 255 0.83 8.37 12.92
N PRO D 256 0.04 8.68 13.95
CA PRO D 256 -1.11 9.58 13.77
C PRO D 256 -0.71 10.93 13.19
N GLY D 257 -1.47 11.37 12.18
CA GLY D 257 -1.20 12.59 11.47
C GLY D 257 0.07 12.62 10.65
N GLY D 258 0.80 11.52 10.56
CA GLY D 258 2.16 11.53 10.03
C GLY D 258 2.24 11.60 8.50
N ALA D 259 3.50 11.64 8.03
CA ALA D 259 3.74 11.69 6.60
C ALA D 259 3.28 10.40 5.90
N THR D 260 3.50 9.25 6.54
CA THR D 260 3.18 7.99 5.90
C THR D 260 1.67 7.84 5.68
N ILE D 261 0.85 8.11 6.70
CA ILE D 261 -0.60 7.99 6.54
C ILE D 261 -1.12 8.97 5.50
N HIS D 262 -0.48 10.15 5.38
CA HIS D 262 -0.89 11.06 4.31
C HIS D 262 -0.59 10.47 2.94
N ALA D 263 0.57 9.80 2.82
CA ALA D 263 0.91 9.17 1.54
C ALA D 263 0.00 7.98 1.27
N LEU D 264 -0.30 7.18 2.31
CA LEU D 264 -1.22 6.06 2.13
C LEU D 264 -2.56 6.53 1.60
N HIS D 265 -3.01 7.72 2.00
CA HIS D 265 -4.31 8.20 1.55
C HIS D 265 -4.31 8.45 0.05
N VAL D 266 -3.25 9.05 -0.50
CA VAL D 266 -3.28 9.32 -1.94
C VAL D 266 -3.10 8.02 -2.73
N LEU D 267 -2.41 7.02 -2.18
CA LEU D 267 -2.39 5.72 -2.83
C LEU D 267 -3.80 5.16 -2.94
N GLU D 268 -4.57 5.22 -1.83
CA GLU D 268 -5.94 4.72 -1.83
C GLU D 268 -6.82 5.48 -2.81
N SER D 269 -6.64 6.81 -2.89
CA SER D 269 -7.51 7.62 -3.74
C SER D 269 -7.36 7.26 -5.22
N GLY D 270 -6.19 6.75 -5.61
CA GLY D 270 -5.98 6.26 -6.95
C GLY D 270 -6.33 4.80 -7.17
N GLY D 271 -6.80 4.10 -6.13
CA GLY D 271 -7.10 2.70 -6.24
C GLY D 271 -5.87 1.83 -6.38
N PHE D 272 -4.81 2.19 -5.67
CA PHE D 272 -3.52 1.50 -5.76
C PHE D 272 -3.66 -0.02 -5.61
N ARG D 273 -4.40 -0.45 -4.56
CA ARG D 273 -4.62 -1.87 -4.30
C ARG D 273 -5.26 -2.58 -5.49
N SER D 274 -6.30 -1.97 -6.07
CA SER D 274 -7.01 -2.64 -7.16
C SER D 274 -6.14 -2.82 -8.39
N LEU D 275 -5.18 -1.92 -8.61
CA LEU D 275 -4.31 -2.06 -9.76
C LEU D 275 -3.48 -3.33 -9.66
N LEU D 276 -2.95 -3.61 -8.46
CA LEU D 276 -2.17 -4.82 -8.25
C LEU D 276 -3.04 -6.08 -8.35
N ILE D 277 -4.29 -6.02 -7.88
CA ILE D 277 -5.21 -7.12 -8.13
C ILE D 277 -5.49 -7.25 -9.62
N ASN D 278 -5.66 -6.13 -10.31
CA ASN D 278 -5.86 -6.18 -11.76
C ASN D 278 -4.69 -6.85 -12.45
N ALA D 279 -3.47 -6.50 -12.03
CA ALA D 279 -2.27 -7.03 -12.63
C ALA D 279 -2.18 -8.55 -12.47
N VAL D 280 -2.34 -9.05 -11.22
CA VAL D 280 -2.24 -10.49 -10.99
C VAL D 280 -3.29 -11.22 -11.82
N GLU D 281 -4.49 -10.65 -11.93
CA GLU D 281 -5.55 -11.27 -12.70
C GLU D 281 -5.22 -11.29 -14.19
N ALA D 282 -4.75 -10.16 -14.72
CA ALA D 282 -4.44 -10.07 -16.14
C ALA D 282 -3.35 -11.06 -16.52
N SER D 283 -2.33 -11.20 -15.66
CA SER D 283 -1.25 -12.13 -15.96
C SER D 283 -1.72 -13.58 -15.90
N CYS D 284 -2.53 -13.91 -14.87
CA CYS D 284 -3.05 -15.27 -14.77
C CYS D 284 -3.96 -15.60 -15.94
N ILE D 285 -4.84 -14.67 -16.32
CA ILE D 285 -5.77 -14.90 -17.42
C ILE D 285 -5.01 -15.08 -18.74
N ARG D 286 -4.04 -14.19 -18.99
CA ARG D 286 -3.24 -14.34 -20.21
C ARG D 286 -2.51 -15.69 -20.21
N THR D 287 -2.07 -16.15 -19.04
CA THR D 287 -1.41 -17.45 -18.98
C THR D 287 -2.37 -18.57 -19.36
N ARG D 288 -3.62 -18.51 -18.88
CA ARG D 288 -4.62 -19.51 -19.27
C ARG D 288 -4.94 -19.39 -20.76
N GLU D 289 -5.00 -18.17 -21.28
CA GLU D 289 -5.26 -17.97 -22.70
C GLU D 289 -4.18 -18.60 -23.56
N LEU D 290 -2.92 -18.43 -23.16
CA LEU D 290 -1.84 -18.95 -23.98
C LEU D 290 -1.91 -20.46 -24.05
N GLN D 291 -2.37 -21.12 -22.99
CA GLN D 291 -2.50 -22.57 -23.05
C GLN D 291 -3.67 -22.97 -23.94
N SER D 292 -4.84 -22.33 -23.77
CA SER D 292 -6.00 -22.64 -24.59
C SER D 292 -5.69 -22.51 -26.08
N MET D 293 -5.02 -21.42 -26.46
CA MET D 293 -4.67 -21.24 -27.86
C MET D 293 -3.70 -22.33 -28.32
N ALA D 294 -2.77 -22.73 -27.46
CA ALA D 294 -1.87 -23.82 -27.79
C ALA D 294 -2.63 -25.14 -27.98
N ASP D 295 -3.51 -25.47 -27.02
CA ASP D 295 -4.23 -26.74 -27.10
C ASP D 295 -5.23 -26.78 -28.25
N GLN D 296 -5.68 -25.62 -28.74
CA GLN D 296 -6.52 -25.59 -29.93
C GLN D 296 -5.75 -26.08 -31.15
N GLU D 297 -4.50 -25.64 -31.30
CA GLU D 297 -3.67 -26.03 -32.45
C GLU D 297 -3.25 -27.50 -32.35
N SER E 22 40.76 29.02 -33.48
CA SER E 22 41.54 29.85 -32.57
C SER E 22 40.76 30.18 -31.30
N MET E 23 39.47 29.86 -31.31
CA MET E 23 38.59 30.20 -30.20
C MET E 23 38.80 29.23 -29.03
N SER E 24 38.61 29.75 -27.83
CA SER E 24 38.78 29.00 -26.60
C SER E 24 37.45 28.94 -25.84
N VAL E 25 37.08 27.75 -25.38
CA VAL E 25 35.78 27.51 -24.76
C VAL E 25 35.96 26.76 -23.45
N GLY E 26 35.23 27.18 -22.41
CA GLY E 26 35.25 26.49 -21.14
C GLY E 26 33.86 26.14 -20.65
N PHE E 27 33.81 25.17 -19.75
CA PHE E 27 32.58 24.72 -19.12
C PHE E 27 32.72 24.76 -17.60
N ILE E 28 31.80 25.48 -16.94
CA ILE E 28 31.69 25.47 -15.49
C ILE E 28 30.59 24.47 -15.14
N GLY E 29 31.00 23.29 -14.70
CA GLY E 29 30.14 22.13 -14.51
C GLY E 29 30.55 21.09 -15.53
N ALA E 30 30.52 19.82 -15.12
CA ALA E 30 30.91 18.71 -15.98
C ALA E 30 29.79 17.68 -16.08
N GLY E 31 28.56 18.15 -16.23
CA GLY E 31 27.39 17.31 -16.16
C GLY E 31 26.94 16.84 -17.53
N GLN E 32 25.67 16.41 -17.58
CA GLN E 32 25.06 15.96 -18.83
C GLN E 32 25.18 17.01 -19.93
N LEU E 33 24.80 18.25 -19.62
CA LEU E 33 24.74 19.28 -20.67
C LEU E 33 26.12 19.66 -21.16
N ALA E 34 27.08 19.83 -20.25
CA ALA E 34 28.44 20.16 -20.65
C ALA E 34 29.05 19.05 -21.49
N PHE E 35 28.89 17.79 -21.06
CA PHE E 35 29.41 16.68 -21.86
C PHE E 35 28.76 16.63 -23.24
N ALA E 36 27.44 16.83 -23.30
CA ALA E 36 26.73 16.81 -24.58
C ALA E 36 27.22 17.91 -25.50
N LEU E 37 27.39 19.13 -24.96
CA LEU E 37 27.93 20.22 -25.76
C LEU E 37 29.38 19.94 -26.14
N ALA E 38 30.19 19.49 -25.18
CA ALA E 38 31.58 19.17 -25.48
C ALA E 38 31.69 18.09 -26.56
N LYS E 39 30.84 17.07 -26.49
CA LYS E 39 30.92 16.00 -27.48
C LYS E 39 30.33 16.43 -28.82
N GLY E 40 29.31 17.27 -28.82
CA GLY E 40 28.79 17.79 -30.07
C GLY E 40 29.76 18.70 -30.80
N PHE E 41 30.42 19.61 -30.05
CA PHE E 41 31.35 20.55 -30.68
C PHE E 41 32.52 19.81 -31.31
N THR E 42 33.09 18.82 -30.61
CA THR E 42 34.19 18.08 -31.19
C THR E 42 33.74 17.30 -32.42
N ALA E 43 32.60 16.60 -32.32
CA ALA E 43 32.07 15.87 -33.46
C ALA E 43 31.74 16.80 -34.61
N ALA E 44 31.33 18.04 -34.30
CA ALA E 44 31.10 19.03 -35.36
C ALA E 44 32.40 19.52 -35.96
N GLY E 45 33.53 19.32 -35.28
CA GLY E 45 34.77 19.85 -35.77
C GLY E 45 34.89 21.35 -35.69
N VAL E 46 33.97 22.03 -35.00
CA VAL E 46 34.11 23.48 -34.85
C VAL E 46 35.21 23.83 -33.87
N LEU E 47 35.47 22.94 -32.90
CA LEU E 47 36.50 23.18 -31.90
C LEU E 47 37.35 21.92 -31.72
N ALA E 48 38.67 22.10 -31.73
CA ALA E 48 39.57 21.02 -31.35
C ALA E 48 39.41 20.73 -29.85
N ALA E 49 39.30 19.45 -29.50
CA ALA E 49 38.92 19.07 -28.14
C ALA E 49 39.92 19.57 -27.09
N HIS E 50 41.19 19.76 -27.47
CA HIS E 50 42.16 20.24 -26.50
C HIS E 50 41.93 21.70 -26.11
N LYS E 51 41.22 22.46 -26.94
CA LYS E 51 40.90 23.85 -26.64
C LYS E 51 39.67 23.99 -25.74
N ILE E 52 39.13 22.87 -25.26
CA ILE E 52 38.01 22.85 -24.33
C ILE E 52 38.53 22.48 -22.95
N MET E 53 38.05 23.17 -21.93
CA MET E 53 38.40 22.90 -20.54
C MET E 53 37.13 22.89 -19.70
N ALA E 54 37.02 21.93 -18.79
CA ALA E 54 35.86 21.79 -17.94
C ALA E 54 36.28 21.69 -16.47
N SER E 55 35.38 22.15 -15.59
CA SER E 55 35.65 22.16 -14.16
C SER E 55 34.39 21.78 -13.39
N SER E 56 34.55 20.84 -12.46
CA SER E 56 33.50 20.33 -11.59
C SER E 56 34.09 20.06 -10.21
N PRO E 57 33.29 20.20 -9.14
CA PRO E 57 33.80 19.88 -7.80
C PRO E 57 34.24 18.43 -7.65
N ASP E 58 33.39 17.49 -8.08
CA ASP E 58 33.74 16.08 -8.17
C ASP E 58 33.18 15.55 -9.47
N MET E 59 34.04 15.12 -10.38
CA MET E 59 33.62 14.80 -11.73
C MET E 59 33.20 13.34 -11.84
N ASP E 60 32.12 13.11 -12.59
CA ASP E 60 31.66 11.77 -12.92
C ASP E 60 32.82 10.98 -13.54
N LEU E 61 33.22 9.88 -12.87
CA LEU E 61 34.40 9.14 -13.30
C LEU E 61 34.20 8.57 -14.70
N ALA E 62 33.03 8.01 -14.98
CA ALA E 62 32.73 7.55 -16.34
C ALA E 62 32.70 8.70 -17.34
N THR E 63 32.50 9.93 -16.87
CA THR E 63 32.51 11.14 -17.70
C THR E 63 33.87 11.83 -17.68
N VAL E 64 34.52 11.90 -16.51
CA VAL E 64 35.87 12.44 -16.43
C VAL E 64 36.83 11.65 -17.31
N SER E 65 36.62 10.34 -17.42
CA SER E 65 37.41 9.54 -18.35
C SER E 65 36.95 9.75 -19.79
N ALA E 66 35.63 9.86 -20.01
CA ALA E 66 35.12 10.14 -21.34
C ALA E 66 35.60 11.51 -21.83
N LEU E 67 35.59 12.51 -20.95
CA LEU E 67 36.10 13.83 -21.34
C LEU E 67 37.61 13.80 -21.59
N ARG E 68 38.36 13.14 -20.71
CA ARG E 68 39.80 13.03 -20.93
C ARG E 68 40.11 12.17 -22.15
N LYS E 69 39.20 11.25 -22.50
CA LYS E 69 39.38 10.43 -23.71
C LYS E 69 39.18 11.25 -24.97
N MET E 70 38.20 12.18 -24.96
CA MET E 70 38.00 13.08 -26.08
C MET E 70 39.18 14.03 -26.27
N GLY E 71 40.00 14.21 -25.25
CA GLY E 71 41.03 15.23 -25.26
C GLY E 71 40.67 16.50 -24.53
N VAL E 72 39.58 16.51 -23.78
CA VAL E 72 39.17 17.72 -23.07
C VAL E 72 40.07 17.93 -21.87
N LYS E 73 40.75 19.07 -21.81
CA LYS E 73 41.48 19.46 -20.62
C LYS E 73 40.53 19.55 -19.43
N LEU E 74 40.97 19.07 -18.28
CA LEU E 74 40.18 19.11 -17.06
C LEU E 74 40.92 19.89 -15.98
N THR E 75 40.18 20.32 -14.98
CA THR E 75 40.72 21.06 -13.84
C THR E 75 39.65 21.11 -12.75
N PRO E 76 40.05 21.12 -11.47
CA PRO E 76 39.07 21.26 -10.40
C PRO E 76 38.79 22.70 -9.98
N HIS E 77 39.51 23.67 -10.55
CA HIS E 77 39.43 25.07 -10.13
C HIS E 77 38.69 25.87 -11.19
N ASN E 78 37.55 26.45 -10.81
CA ASN E 78 36.76 27.24 -11.75
C ASN E 78 37.59 28.38 -12.34
N LYS E 79 38.42 29.03 -11.53
CA LYS E 79 39.16 30.20 -12.01
C LYS E 79 40.11 29.83 -13.15
N GLU E 80 40.66 28.62 -13.13
CA GLU E 80 41.56 28.20 -14.20
C GLU E 80 40.81 28.06 -15.53
N THR E 81 39.58 27.57 -15.51
CA THR E 81 38.79 27.51 -16.73
C THR E 81 38.54 28.90 -17.30
N VAL E 82 38.31 29.88 -16.41
CA VAL E 82 38.10 31.25 -16.84
C VAL E 82 39.32 31.79 -17.57
N GLN E 83 40.51 31.54 -17.03
CA GLN E 83 41.72 32.08 -17.62
C GLN E 83 42.08 31.38 -18.93
N HIS E 84 41.66 30.13 -19.09
CA HIS E 84 41.86 29.44 -20.35
C HIS E 84 40.87 29.92 -21.42
N SER E 85 39.64 30.25 -21.02
CA SER E 85 38.51 30.31 -21.95
C SER E 85 38.16 31.73 -22.36
N ASP E 86 37.75 31.88 -23.62
CA ASP E 86 37.14 33.11 -24.12
C ASP E 86 35.62 33.08 -23.94
N VAL E 87 34.99 31.98 -24.38
CA VAL E 87 33.56 31.78 -24.26
C VAL E 87 33.32 30.84 -23.08
N LEU E 88 32.45 31.26 -22.16
CA LEU E 88 32.31 30.64 -20.85
C LEU E 88 30.90 30.08 -20.72
N PHE E 89 30.77 28.76 -20.79
CA PHE E 89 29.47 28.11 -20.63
C PHE E 89 29.26 27.82 -19.14
N LEU E 90 28.15 28.31 -18.60
CA LEU E 90 27.78 28.05 -17.22
C LEU E 90 26.72 26.95 -17.24
N ALA E 91 27.15 25.72 -16.97
CA ALA E 91 26.26 24.56 -17.05
C ALA E 91 26.17 23.88 -15.69
N VAL E 92 25.65 24.59 -14.69
CA VAL E 92 25.51 24.08 -13.34
C VAL E 92 24.07 24.24 -12.93
N LYS E 93 23.74 23.69 -11.76
CA LYS E 93 22.40 23.81 -11.23
C LYS E 93 22.06 25.29 -11.03
N PRO E 94 20.78 25.67 -11.16
CA PRO E 94 20.45 27.11 -11.16
C PRO E 94 20.77 27.81 -9.86
N HIS E 95 20.56 27.14 -8.72
CA HIS E 95 20.91 27.74 -7.43
C HIS E 95 22.41 27.88 -7.23
N ILE E 96 23.23 27.26 -8.09
CA ILE E 96 24.68 27.35 -7.96
C ILE E 96 25.22 28.59 -8.65
N ILE E 97 24.61 29.02 -9.75
CA ILE E 97 25.04 30.16 -10.56
C ILE E 97 25.50 31.33 -9.69
N PRO E 98 24.69 31.85 -8.74
CA PRO E 98 25.17 33.02 -7.98
C PRO E 98 26.46 32.75 -7.24
N PHE E 99 26.69 31.50 -6.80
CA PHE E 99 27.93 31.18 -6.11
C PHE E 99 29.11 31.11 -7.06
N ILE E 100 28.88 30.68 -8.30
CA ILE E 100 29.94 30.69 -9.28
C ILE E 100 30.31 32.13 -9.63
N LEU E 101 29.29 32.97 -9.84
CA LEU E 101 29.53 34.33 -10.30
C LEU E 101 30.36 35.12 -9.30
N ASP E 102 30.15 34.87 -8.00
CA ASP E 102 30.96 35.54 -6.97
C ASP E 102 32.37 34.96 -6.86
N GLU E 103 32.55 33.70 -7.27
CA GLU E 103 33.86 33.05 -7.23
C GLU E 103 34.73 33.49 -8.39
N ILE E 104 34.13 33.70 -9.57
CA ILE E 104 34.87 33.99 -10.79
C ILE E 104 34.74 35.44 -11.22
N GLY E 105 33.87 36.22 -10.57
CA GLY E 105 33.59 37.56 -11.05
C GLY E 105 34.83 38.42 -11.18
N ALA E 106 35.79 38.26 -10.26
CA ALA E 106 37.02 39.03 -10.33
C ALA E 106 37.95 38.53 -11.44
N ASP E 107 37.73 37.32 -11.95
CA ASP E 107 38.53 36.81 -13.04
C ASP E 107 37.95 37.14 -14.42
N ILE E 108 36.71 37.62 -14.49
CA ILE E 108 36.10 37.95 -15.76
C ILE E 108 36.81 39.17 -16.36
N GLU E 109 37.32 39.00 -17.57
CA GLU E 109 37.90 40.09 -18.34
C GLU E 109 36.92 40.53 -19.43
N ASP E 110 37.26 41.65 -20.08
CA ASP E 110 36.36 42.17 -21.12
C ASP E 110 36.27 41.22 -22.32
N ARG E 111 37.29 40.40 -22.55
CA ARG E 111 37.26 39.47 -23.68
C ARG E 111 36.18 38.42 -23.52
N HIS E 112 35.64 38.25 -22.32
CA HIS E 112 34.82 37.09 -22.01
C HIS E 112 33.39 37.27 -22.47
N ILE E 113 32.85 36.19 -23.01
CA ILE E 113 31.42 36.04 -23.24
C ILE E 113 30.95 34.98 -22.26
N VAL E 114 30.04 35.35 -21.37
CA VAL E 114 29.52 34.42 -20.39
C VAL E 114 28.19 33.91 -20.90
N VAL E 115 28.10 32.60 -21.10
CA VAL E 115 26.92 31.96 -21.63
C VAL E 115 26.31 31.10 -20.53
N SER E 116 25.20 31.56 -19.96
CA SER E 116 24.50 30.78 -18.95
C SER E 116 23.50 29.84 -19.61
N CYS E 117 23.62 28.55 -19.30
CA CYS E 117 22.67 27.54 -19.74
C CYS E 117 21.65 27.19 -18.68
N ALA E 118 21.82 27.69 -17.45
CA ALA E 118 20.95 27.33 -16.34
C ALA E 118 19.50 27.74 -16.65
N ALA E 119 18.58 26.80 -16.45
CA ALA E 119 17.17 27.09 -16.70
C ALA E 119 16.67 28.17 -15.75
N GLY E 120 15.92 29.11 -16.30
CA GLY E 120 15.28 30.15 -15.51
C GLY E 120 16.16 31.33 -15.10
N VAL E 121 17.48 31.16 -15.04
CA VAL E 121 18.35 32.22 -14.51
C VAL E 121 18.37 33.40 -15.48
N THR E 122 17.92 34.56 -15.00
CA THR E 122 17.74 35.74 -15.84
C THR E 122 19.08 36.38 -16.18
N ILE E 123 19.12 37.01 -17.36
CA ILE E 123 20.28 37.80 -17.74
C ILE E 123 20.51 38.91 -16.72
N SER E 124 19.41 39.43 -16.15
CA SER E 124 19.50 40.52 -15.18
C SER E 124 20.24 40.08 -13.93
N SER E 125 19.95 38.86 -13.43
CA SER E 125 20.60 38.41 -12.21
C SER E 125 22.09 38.18 -12.42
N ILE E 126 22.46 37.61 -13.57
CA ILE E 126 23.88 37.36 -13.86
C ILE E 126 24.63 38.67 -14.01
N GLU E 127 24.05 39.61 -14.76
CA GLU E 127 24.71 40.90 -14.99
C GLU E 127 24.82 41.69 -13.68
N LYS E 128 23.80 41.61 -12.83
CA LYS E 128 23.86 42.30 -11.54
C LYS E 128 25.03 41.79 -10.71
N LYS E 129 25.21 40.47 -10.64
CA LYS E 129 26.35 39.89 -9.94
C LYS E 129 27.68 40.33 -10.56
N LEU E 130 27.85 40.10 -11.86
CA LEU E 130 29.14 40.34 -12.49
C LEU E 130 29.48 41.82 -12.58
N SER E 131 28.48 42.70 -12.71
CA SER E 131 28.78 44.13 -12.81
C SER E 131 29.38 44.68 -11.54
N ALA E 132 29.23 43.99 -10.41
CA ALA E 132 29.87 44.45 -9.19
C ALA E 132 31.37 44.21 -9.19
N PHE E 133 31.90 43.51 -10.19
CA PHE E 133 33.34 43.37 -10.33
C PHE E 133 33.84 44.27 -11.45
N ARG E 134 33.61 43.86 -12.68
CA ARG E 134 33.94 44.69 -13.82
C ARG E 134 32.65 45.15 -14.49
N PRO E 135 32.55 46.40 -14.93
CA PRO E 135 31.34 46.85 -15.59
C PRO E 135 31.22 46.25 -16.99
N ALA E 136 29.99 46.24 -17.49
CA ALA E 136 29.68 45.75 -18.84
C ALA E 136 30.11 44.29 -19.09
N PRO E 137 29.66 43.32 -18.30
CA PRO E 137 29.91 41.92 -18.67
C PRO E 137 29.07 41.50 -19.87
N ARG E 138 29.67 40.71 -20.75
CA ARG E 138 29.01 40.20 -21.95
C ARG E 138 28.33 38.89 -21.58
N VAL E 139 27.01 38.91 -21.42
CA VAL E 139 26.26 37.76 -20.92
C VAL E 139 25.26 37.35 -22.00
N ILE E 140 25.21 36.05 -22.28
CA ILE E 140 24.23 35.46 -23.18
C ILE E 140 23.52 34.35 -22.43
N ARG E 141 22.21 34.30 -22.55
CA ARG E 141 21.43 33.24 -21.93
C ARG E 141 20.94 32.29 -23.00
N CYS E 142 21.03 30.99 -22.75
CA CYS E 142 20.53 30.04 -23.74
C CYS E 142 19.80 28.87 -23.07
N MET E 143 18.86 28.31 -23.81
CA MET E 143 18.24 27.03 -23.48
C MET E 143 18.52 26.06 -24.60
N THR E 144 19.26 25.01 -24.29
CA THR E 144 19.58 23.97 -25.24
C THR E 144 19.10 22.64 -24.64
N ASN E 145 19.43 21.53 -25.28
CA ASN E 145 19.00 20.24 -24.78
C ASN E 145 20.06 19.19 -25.09
N THR E 146 19.87 18.00 -24.51
CA THR E 146 20.90 16.97 -24.62
C THR E 146 21.15 16.43 -26.03
N PRO E 147 20.19 16.43 -26.97
CA PRO E 147 20.52 15.90 -28.30
C PRO E 147 21.57 16.69 -29.05
N VAL E 148 22.11 17.80 -28.48
CA VAL E 148 23.32 18.39 -29.05
C VAL E 148 24.40 17.32 -29.19
N VAL E 149 24.37 16.31 -28.30
CA VAL E 149 25.41 15.28 -28.28
C VAL E 149 25.43 14.48 -29.59
N VAL E 150 24.28 14.35 -30.25
CA VAL E 150 24.22 13.80 -31.60
C VAL E 150 24.02 14.89 -32.65
N ARG E 151 24.28 16.16 -32.26
CA ARG E 151 24.22 17.33 -33.14
C ARG E 151 22.82 17.52 -33.75
N GLU E 152 21.81 17.24 -32.94
CA GLU E 152 20.43 17.53 -33.28
C GLU E 152 19.75 18.20 -32.11
N GLY E 153 20.46 19.10 -31.45
CA GLY E 153 19.84 19.89 -30.39
C GLY E 153 18.86 20.90 -30.93
N ALA E 154 18.11 21.51 -30.01
CA ALA E 154 17.31 22.68 -30.29
C ALA E 154 17.69 23.76 -29.28
N THR E 155 18.24 24.87 -29.79
CA THR E 155 18.84 25.90 -28.95
C THR E 155 18.23 27.27 -29.24
N VAL E 156 17.78 27.96 -28.20
CA VAL E 156 17.47 29.38 -28.32
C VAL E 156 18.43 30.14 -27.40
N TYR E 157 18.63 31.41 -27.73
CA TYR E 157 19.47 32.24 -26.89
C TYR E 157 18.97 33.67 -26.97
N ALA E 158 19.22 34.42 -25.89
CA ALA E 158 18.95 35.85 -25.87
C ALA E 158 20.22 36.59 -25.47
N THR E 159 20.42 37.75 -26.07
CA THR E 159 21.61 38.54 -25.86
C THR E 159 21.43 39.50 -24.68
N GLY E 160 22.51 39.69 -23.92
CA GLY E 160 22.49 40.54 -22.75
C GLY E 160 22.61 42.01 -23.08
N THR E 161 22.73 42.80 -22.02
CA THR E 161 22.78 44.26 -22.16
C THR E 161 24.04 44.71 -22.91
N HIS E 162 25.17 44.08 -22.63
CA HIS E 162 26.43 44.52 -23.20
C HIS E 162 26.94 43.58 -24.27
N ALA E 163 26.16 42.58 -24.66
CA ALA E 163 26.56 41.71 -25.75
C ALA E 163 26.73 42.51 -27.04
N GLN E 164 27.89 42.37 -27.67
CA GLN E 164 28.07 42.95 -29.00
C GLN E 164 27.27 42.17 -30.04
N VAL E 165 27.08 42.79 -31.21
CA VAL E 165 26.35 42.12 -32.28
C VAL E 165 27.15 40.92 -32.76
N GLU E 166 28.48 41.03 -32.79
CA GLU E 166 29.32 39.89 -33.13
C GLU E 166 29.14 38.75 -32.13
N ASP E 167 28.84 39.07 -30.86
CA ASP E 167 28.71 38.04 -29.83
C ASP E 167 27.51 37.13 -30.10
N GLY E 168 26.37 37.72 -30.49
CA GLY E 168 25.22 36.92 -30.85
C GLY E 168 25.46 36.07 -32.08
N ARG E 169 26.11 36.64 -33.09
CA ARG E 169 26.39 35.88 -34.30
C ARG E 169 27.35 34.73 -34.02
N LEU E 170 28.40 35.00 -33.23
CA LEU E 170 29.35 33.95 -32.88
C LEU E 170 28.66 32.82 -32.14
N MET E 171 27.87 33.16 -31.14
CA MET E 171 27.13 32.19 -30.38
CA MET E 171 27.17 32.13 -30.39
C MET E 171 26.21 31.35 -31.27
N GLU E 172 25.47 32.02 -32.17
CA GLU E 172 24.58 31.29 -33.05
C GLU E 172 25.35 30.41 -34.02
N GLN E 173 26.50 30.88 -34.51
CA GLN E 173 27.33 30.03 -35.36
C GLN E 173 27.81 28.80 -34.61
N LEU E 174 28.29 29.00 -33.38
CA LEU E 174 28.79 27.90 -32.56
C LEU E 174 27.70 26.87 -32.30
N LEU E 175 26.52 27.31 -31.88
CA LEU E 175 25.54 26.32 -31.49
C LEU E 175 24.76 25.76 -32.69
N SER E 176 24.83 26.42 -33.84
CA SER E 176 24.23 25.85 -35.04
C SER E 176 24.99 24.62 -35.52
N SER E 177 26.21 24.41 -35.03
CA SER E 177 26.93 23.22 -35.42
C SER E 177 26.44 21.96 -34.72
N VAL E 178 25.55 22.08 -33.72
CA VAL E 178 25.05 20.92 -32.98
C VAL E 178 23.52 20.87 -32.92
N GLY E 179 22.83 21.61 -33.79
CA GLY E 179 21.38 21.55 -33.84
C GLY E 179 20.79 22.83 -34.41
N PHE E 180 19.45 22.89 -34.37
CA PHE E 180 18.78 24.16 -34.64
C PHE E 180 19.17 25.18 -33.58
N CYS E 181 19.37 26.42 -34.00
CA CYS E 181 19.69 27.50 -33.07
C CYS E 181 19.14 28.82 -33.60
N THR E 182 18.36 29.51 -32.76
CA THR E 182 17.85 30.82 -33.16
C THR E 182 17.78 31.73 -31.95
N GLU E 183 17.72 33.03 -32.22
CA GLU E 183 17.62 34.03 -31.17
C GLU E 183 16.16 34.24 -30.79
N VAL E 184 15.91 34.50 -29.52
CA VAL E 184 14.58 34.86 -29.03
C VAL E 184 14.71 35.99 -28.03
N GLU E 185 13.59 36.67 -27.78
CA GLU E 185 13.49 37.50 -26.59
C GLU E 185 13.63 36.63 -25.34
N GLU E 186 14.13 37.23 -24.26
CA GLU E 186 14.41 36.44 -23.07
C GLU E 186 13.13 35.85 -22.47
N ASP E 187 12.01 36.57 -22.55
CA ASP E 187 10.77 36.17 -21.91
C ASP E 187 10.13 34.94 -22.55
N LEU E 188 10.71 34.37 -23.61
CA LEU E 188 10.22 33.12 -24.19
C LEU E 188 11.00 31.90 -23.71
N ILE E 189 12.17 32.08 -23.09
CA ILE E 189 13.06 30.96 -22.80
C ILE E 189 12.43 29.99 -21.81
N ASP E 190 11.70 30.51 -20.81
CA ASP E 190 11.00 29.60 -19.91
C ASP E 190 10.01 28.72 -20.68
N ALA E 191 9.25 29.31 -21.61
CA ALA E 191 8.36 28.52 -22.47
C ALA E 191 9.16 27.54 -23.30
N VAL E 192 10.26 28.00 -23.92
CA VAL E 192 11.11 27.10 -24.70
C VAL E 192 11.59 25.94 -23.82
N THR E 193 11.93 26.23 -22.56
CA THR E 193 12.38 25.18 -21.65
C THR E 193 11.32 24.11 -21.48
N GLY E 194 10.05 24.51 -21.39
CA GLY E 194 8.99 23.54 -21.23
C GLY E 194 8.76 22.69 -22.46
N LEU E 195 9.09 23.23 -23.64
CA LEU E 195 8.88 22.54 -24.92
C LEU E 195 10.09 21.71 -25.32
N SER E 196 11.16 22.33 -25.81
CA SER E 196 12.29 21.56 -26.30
C SER E 196 13.35 21.31 -25.24
N GLY E 197 13.33 22.05 -24.14
CA GLY E 197 14.24 21.76 -23.04
C GLY E 197 13.88 20.43 -22.41
N SER E 198 12.64 20.30 -21.94
CA SER E 198 12.14 19.05 -21.37
C SER E 198 11.72 18.03 -22.43
N GLY E 199 11.50 18.47 -23.66
CA GLY E 199 11.01 17.63 -24.72
C GLY E 199 11.62 16.25 -24.84
N PRO E 200 12.96 16.15 -24.82
CA PRO E 200 13.57 14.83 -24.99
C PRO E 200 13.10 13.81 -23.96
N ALA E 201 12.85 14.23 -22.71
CA ALA E 201 12.32 13.29 -21.72
C ALA E 201 10.89 12.85 -22.05
N TYR E 202 10.07 13.71 -22.64
CA TYR E 202 8.77 13.25 -23.12
C TYR E 202 8.96 12.18 -24.21
N ALA E 203 9.89 12.43 -25.13
CA ALA E 203 10.13 11.47 -26.20
C ALA E 203 10.59 10.13 -25.65
N PHE E 204 11.58 10.14 -24.75
CA PHE E 204 12.06 8.89 -24.18
C PHE E 204 10.94 8.11 -23.52
N THR E 205 10.10 8.80 -22.73
CA THR E 205 8.95 8.16 -22.10
C THR E 205 8.03 7.57 -23.17
N ALA E 206 7.74 8.35 -24.21
CA ALA E 206 6.90 7.87 -25.29
C ALA E 206 7.51 6.65 -25.96
N LEU E 207 8.82 6.67 -26.20
CA LEU E 207 9.49 5.54 -26.86
C LEU E 207 9.46 4.30 -25.99
N ASP E 208 9.63 4.46 -24.68
CA ASP E 208 9.57 3.30 -23.78
C ASP E 208 8.18 2.68 -23.80
N ALA E 209 7.16 3.52 -23.84
CA ALA E 209 5.77 3.04 -23.83
C ALA E 209 5.40 2.45 -25.18
N LEU E 210 5.78 3.12 -26.28
CA LEU E 210 5.61 2.55 -27.60
C LEU E 210 6.27 1.17 -27.71
N ALA E 211 7.44 1.01 -27.08
CA ALA E 211 8.10 -0.29 -27.11
C ALA E 211 7.31 -1.32 -26.29
N ASP E 212 6.74 -0.89 -25.16
CA ASP E 212 5.89 -1.79 -24.39
C ASP E 212 4.69 -2.24 -25.22
N GLY E 213 4.13 -1.33 -26.02
CA GLY E 213 3.02 -1.70 -26.91
C GLY E 213 3.43 -2.73 -27.94
N GLY E 214 4.58 -2.53 -28.59
CA GLY E 214 5.05 -3.52 -29.54
C GLY E 214 5.32 -4.86 -28.89
N VAL E 215 5.92 -4.86 -27.69
CA VAL E 215 6.17 -6.12 -27.00
C VAL E 215 4.85 -6.81 -26.68
N LYS E 216 3.88 -6.07 -26.14
CA LYS E 216 2.57 -6.66 -25.88
C LYS E 216 2.01 -7.36 -27.12
N MET E 217 2.16 -6.76 -28.31
CA MET E 217 1.63 -7.31 -29.56
C MET E 217 2.56 -8.33 -30.20
N GLY E 218 3.66 -8.68 -29.55
CA GLY E 218 4.45 -9.85 -29.94
C GLY E 218 5.82 -9.57 -30.53
N LEU E 219 6.31 -8.28 -30.54
CA LEU E 219 7.62 -7.99 -31.07
C LEU E 219 8.70 -8.16 -30.01
N PRO E 220 9.88 -8.61 -30.41
CA PRO E 220 11.03 -8.55 -29.49
C PRO E 220 11.31 -7.11 -29.06
N ARG E 221 11.74 -6.96 -27.80
CA ARG E 221 11.92 -5.64 -27.21
C ARG E 221 12.88 -4.79 -28.03
N ARG E 222 13.99 -5.38 -28.45
CA ARG E 222 15.02 -4.63 -29.16
C ARG E 222 14.50 -4.08 -30.49
N LEU E 223 13.81 -4.93 -31.27
CA LEU E 223 13.21 -4.47 -32.51
C LEU E 223 12.13 -3.42 -32.25
N ALA E 224 11.38 -3.58 -31.16
CA ALA E 224 10.31 -2.63 -30.87
C ALA E 224 10.87 -1.26 -30.52
N VAL E 225 11.97 -1.20 -29.77
CA VAL E 225 12.58 0.09 -29.46
C VAL E 225 13.10 0.75 -30.73
N ARG E 226 13.79 -0.02 -31.58
CA ARG E 226 14.34 0.50 -32.82
C ARG E 226 13.25 1.09 -33.72
N LEU E 227 12.16 0.32 -33.94
CA LEU E 227 11.12 0.80 -34.86
C LEU E 227 10.38 2.01 -34.30
N GLY E 228 10.08 2.01 -33.01
CA GLY E 228 9.41 3.16 -32.44
C GLY E 228 10.24 4.43 -32.55
N ALA E 229 11.55 4.31 -32.32
CA ALA E 229 12.44 5.47 -32.43
C ALA E 229 12.60 5.91 -33.87
N GLN E 230 12.84 4.96 -34.77
CA GLN E 230 12.92 5.30 -36.19
C GLN E 230 11.64 6.00 -36.66
N ALA E 231 10.48 5.54 -36.17
CA ALA E 231 9.21 6.14 -36.55
C ALA E 231 9.11 7.59 -36.08
N LEU E 232 9.45 7.86 -34.82
CA LEU E 232 9.52 9.24 -34.34
C LEU E 232 10.49 10.08 -35.15
N LEU E 233 11.71 9.56 -35.36
CA LEU E 233 12.72 10.34 -36.06
C LEU E 233 12.22 10.73 -37.44
N GLY E 234 11.79 9.73 -38.22
CA GLY E 234 11.30 9.99 -39.56
C GLY E 234 10.11 10.93 -39.59
N ALA E 235 9.17 10.76 -38.66
CA ALA E 235 8.01 11.64 -38.63
C ALA E 235 8.43 13.09 -38.35
N ALA E 236 9.27 13.30 -37.34
CA ALA E 236 9.75 14.65 -37.03
C ALA E 236 10.50 15.25 -38.21
N LYS E 237 11.29 14.43 -38.91
CA LYS E 237 12.01 14.95 -40.07
C LYS E 237 11.03 15.34 -41.18
N MET E 238 10.02 14.52 -41.44
CA MET E 238 9.01 14.86 -42.44
C MET E 238 8.40 16.22 -42.16
N LEU E 239 8.02 16.46 -40.90
CA LEU E 239 7.41 17.74 -40.53
C LEU E 239 8.40 18.88 -40.69
N LEU E 240 9.67 18.65 -40.34
CA LEU E 240 10.69 19.68 -40.47
C LEU E 240 10.97 20.06 -41.91
N HIS E 241 10.71 19.18 -42.88
CA HIS E 241 11.06 19.46 -44.26
C HIS E 241 9.87 19.85 -45.14
N SER E 242 8.64 19.80 -44.63
CA SER E 242 7.47 20.18 -45.40
C SER E 242 6.87 21.48 -44.89
N GLU E 243 6.18 22.19 -45.79
CA GLU E 243 5.42 23.37 -45.38
C GLU E 243 4.12 23.00 -44.68
N GLN E 244 3.91 21.70 -44.45
CA GLN E 244 2.62 21.13 -44.14
C GLN E 244 2.30 21.16 -42.65
N HIS E 245 1.05 21.45 -42.34
CA HIS E 245 0.59 21.40 -40.96
C HIS E 245 0.63 19.97 -40.45
N PRO E 246 1.04 19.76 -39.19
CA PRO E 246 1.05 18.40 -38.62
C PRO E 246 -0.28 17.67 -38.73
N GLY E 247 -1.40 18.38 -38.64
CA GLY E 247 -2.69 17.73 -38.86
C GLY E 247 -2.85 17.24 -40.28
N GLN E 248 -2.30 17.99 -41.26
CA GLN E 248 -2.36 17.52 -42.64
C GLN E 248 -1.54 16.26 -42.83
N LEU E 249 -0.36 16.20 -42.24
CA LEU E 249 0.45 14.98 -42.35
C LEU E 249 -0.23 13.80 -41.65
N LYS E 250 -0.83 14.04 -40.46
CA LYS E 250 -1.64 13.02 -39.83
C LYS E 250 -2.76 12.55 -40.76
N ASP E 251 -3.44 13.50 -41.42
CA ASP E 251 -4.48 13.13 -42.36
C ASP E 251 -3.95 12.23 -43.48
N ASN E 252 -2.79 12.58 -44.05
CA ASN E 252 -2.22 11.77 -45.12
C ASN E 252 -1.89 10.35 -44.66
N VAL E 253 -1.57 10.16 -43.38
CA VAL E 253 -1.20 8.83 -42.90
C VAL E 253 -2.41 7.91 -42.75
N SER E 254 -3.60 8.45 -42.51
CA SER E 254 -4.74 7.64 -42.06
C SER E 254 -5.69 7.31 -43.21
N SER E 255 -5.65 6.06 -43.65
CA SER E 255 -6.62 5.60 -44.64
C SER E 255 -8.00 5.39 -44.00
N PRO E 256 -9.06 5.60 -44.78
CA PRO E 256 -10.41 5.42 -44.22
C PRO E 256 -10.61 4.00 -43.66
N GLY E 257 -11.21 3.95 -42.47
CA GLY E 257 -11.44 2.70 -41.77
C GLY E 257 -10.21 1.99 -41.27
N GLY E 258 -9.03 2.57 -41.45
CA GLY E 258 -7.80 1.83 -41.27
C GLY E 258 -7.33 1.65 -39.83
N ALA E 259 -6.17 1.02 -39.73
CA ALA E 259 -5.54 0.75 -38.44
C ALA E 259 -5.14 2.05 -37.73
N THR E 260 -4.54 2.99 -38.44
CA THR E 260 -4.04 4.22 -37.81
C THR E 260 -5.17 5.06 -37.21
N ILE E 261 -6.26 5.27 -37.94
CA ILE E 261 -7.37 6.07 -37.41
C ILE E 261 -8.03 5.37 -36.23
N HIS E 262 -8.05 4.04 -36.23
CA HIS E 262 -8.47 3.34 -35.02
C HIS E 262 -7.53 3.63 -33.85
N ALA E 263 -6.25 3.81 -34.12
CA ALA E 263 -5.33 4.04 -33.02
C ALA E 263 -5.40 5.49 -32.55
N LEU E 264 -5.52 6.42 -33.50
CA LEU E 264 -5.68 7.82 -33.13
C LEU E 264 -6.88 8.00 -32.22
N HIS E 265 -7.98 7.32 -32.51
CA HIS E 265 -9.17 7.43 -31.68
C HIS E 265 -8.88 7.08 -30.21
N VAL E 266 -8.15 5.99 -29.97
CA VAL E 266 -7.89 5.65 -28.55
C VAL E 266 -6.94 6.66 -27.93
N LEU E 267 -6.04 7.27 -28.70
CA LEU E 267 -5.26 8.39 -28.17
C LEU E 267 -6.19 9.52 -27.73
N GLU E 268 -7.15 9.87 -28.59
CA GLU E 268 -8.05 10.97 -28.28
C GLU E 268 -8.91 10.66 -27.07
N SER E 269 -9.35 9.40 -26.92
CA SER E 269 -10.22 9.05 -25.80
C SER E 269 -9.49 9.18 -24.47
N GLY E 270 -8.17 9.00 -24.47
CA GLY E 270 -7.42 9.27 -23.27
C GLY E 270 -6.94 10.71 -23.13
N GLY E 271 -7.30 11.60 -24.05
CA GLY E 271 -6.87 12.98 -23.94
C GLY E 271 -5.39 13.17 -24.17
N PHE E 272 -4.79 12.31 -24.98
CA PHE E 272 -3.37 12.36 -25.34
C PHE E 272 -2.85 13.79 -25.53
N ARG E 273 -3.52 14.57 -26.39
CA ARG E 273 -3.06 15.94 -26.68
C ARG E 273 -2.91 16.77 -25.41
N SER E 274 -3.91 16.71 -24.52
CA SER E 274 -3.91 17.61 -23.38
C SER E 274 -2.81 17.26 -22.39
N LEU E 275 -2.42 15.98 -22.34
CA LEU E 275 -1.30 15.55 -21.50
C LEU E 275 -0.01 16.27 -21.91
N LEU E 276 0.26 16.33 -23.21
CA LEU E 276 1.45 17.03 -23.71
C LEU E 276 1.36 18.53 -23.46
N ILE E 277 0.17 19.12 -23.57
CA ILE E 277 0.01 20.51 -23.20
C ILE E 277 0.32 20.69 -21.72
N ASN E 278 -0.25 19.82 -20.89
CA ASN E 278 0.02 19.84 -19.45
C ASN E 278 1.51 19.78 -19.17
N ALA E 279 2.24 18.94 -19.91
CA ALA E 279 3.67 18.78 -19.65
C ALA E 279 4.44 20.06 -19.92
N VAL E 280 4.29 20.63 -21.12
CA VAL E 280 4.93 21.91 -21.46
C VAL E 280 4.59 22.96 -20.41
N GLU E 281 3.31 23.05 -20.05
CA GLU E 281 2.88 24.05 -19.08
C GLU E 281 3.55 23.82 -17.73
N ALA E 282 3.58 22.56 -17.27
CA ALA E 282 4.14 22.27 -15.94
C ALA E 282 5.63 22.53 -15.91
N SER E 283 6.33 22.23 -17.00
CA SER E 283 7.76 22.51 -17.08
C SER E 283 8.04 24.01 -17.10
N CYS E 284 7.30 24.75 -17.92
CA CYS E 284 7.47 26.20 -17.97
C CYS E 284 7.18 26.84 -16.62
N ILE E 285 6.06 26.47 -15.99
CA ILE E 285 5.70 27.04 -14.67
C ILE E 285 6.78 26.72 -13.64
N ARG E 286 7.27 25.47 -13.60
CA ARG E 286 8.30 25.12 -12.63
C ARG E 286 9.59 25.89 -12.90
N THR E 287 9.92 26.12 -14.18
CA THR E 287 11.06 26.97 -14.52
C THR E 287 10.87 28.37 -13.94
N ARG E 288 9.67 28.94 -14.11
CA ARG E 288 9.41 30.27 -13.59
C ARG E 288 9.54 30.32 -12.08
N GLU E 289 9.04 29.31 -11.39
CA GLU E 289 9.06 29.39 -9.93
C GLU E 289 10.44 29.11 -9.35
N LEU E 290 11.26 28.31 -10.05
CA LEU E 290 12.64 28.14 -9.61
C LEU E 290 13.43 29.44 -9.73
N GLN E 291 13.01 30.33 -10.62
CA GLN E 291 13.71 31.61 -10.71
C GLN E 291 13.28 32.56 -9.59
N SER E 292 11.99 32.62 -9.29
CA SER E 292 11.54 33.45 -8.18
C SER E 292 12.13 32.98 -6.86
N MET E 293 12.29 31.66 -6.70
CA MET E 293 12.95 31.13 -5.51
C MET E 293 14.40 31.58 -5.46
N ALA E 294 15.02 31.80 -6.61
CA ALA E 294 16.38 32.33 -6.65
C ALA E 294 16.40 33.84 -6.42
N ASP E 295 15.42 34.56 -6.97
CA ASP E 295 15.37 36.00 -6.76
C ASP E 295 15.11 36.33 -5.28
N GLN E 296 14.12 35.69 -4.69
CA GLN E 296 13.81 35.82 -3.28
C GLN E 296 14.91 35.17 -2.42
N PRS F . -17.87 -15.91 1.68
CD PRS F . -19.25 -15.77 1.25
CA PRS F . -17.27 -17.13 1.11
CB PRS F . -18.32 -18.24 1.00
SG PRS F . -19.83 -17.37 0.67
C PRS F . -16.67 -16.90 -0.27
O PRS F . -17.03 -17.90 -1.13
OXT PRS F . -15.96 -16.01 -0.71
S SO4 G . -23.35 16.27 13.37
O1 SO4 G . -24.81 16.27 13.32
O2 SO4 G . -22.92 17.19 14.43
O3 SO4 G . -22.84 16.75 12.09
O4 SO4 G . -22.88 14.91 13.67
S SO4 H . 6.55 -13.97 -18.72
O1 SO4 H . 6.16 -15.34 -19.06
O2 SO4 H . 6.46 -13.89 -17.25
O3 SO4 H . 5.68 -13.00 -19.40
O4 SO4 H . 7.90 -13.72 -19.19
S SO4 I . 5.74 8.40 9.76
O1 SO4 I . 4.63 9.08 9.12
O2 SO4 I . 5.19 7.45 10.72
O3 SO4 I . 6.62 7.74 8.79
O4 SO4 I . 6.59 9.37 10.46
N PRS J . -1.12 3.39 -41.53
CD PRS J . -0.43 2.14 -41.23
CA PRS J . -2.04 3.23 -42.63
CB PRS J . -1.59 2.09 -43.54
SG PRS J . -0.95 0.86 -42.42
C PRS J . -3.42 2.93 -42.11
O PRS J . -4.16 3.51 -41.34
OXT PRS J . -3.90 1.76 -42.59
#